data_4QAB
#
_entry.id   4QAB
#
_cell.length_a   122.639
_cell.length_b   134.015
_cell.length_c   147.020
_cell.angle_alpha   90.00
_cell.angle_beta   90.00
_cell.angle_gamma   90.00
#
_symmetry.space_group_name_H-M   'P 21 21 21'
#
loop_
_entity.id
_entity.type
_entity.pdbx_description
1 polymer 'Acetylcholine-binding protein'
2 non-polymer 4-(morpholin-4-yl)-6-[4-(trifluoromethyl)phenyl]pyrimidin-2-amine
3 non-polymer 2-acetamido-2-deoxy-beta-D-glucopyranose
4 non-polymer 'PHOSPHATE ION'
5 water water
#
_entity_poly.entity_id   1
_entity_poly.type   'polypeptide(L)'
_entity_poly.pdbx_seq_one_letter_code
;DYKDDDDKLDRADILYNIRQTSRPDVIPTQRDRPVAVSVSLKFINILEVNEITNEVDVVFWQQTTWSDRTLAWNSSHSPD
QVSVPISSLWVPDLAAYNAISKPEVLTPQLARVVSDGEVLYMPSIRQRFSCDVSGVDTESGATCRIKIGSWTHHSREISV
DPTTENSDDSEYFSQYSRFEILDVTQKKNSVTYSCCPEAYEDVEVSLNFRKKGRSEI
;
_entity_poly.pdbx_strand_id   A,B,C,D,E,F,G,H,I,J
#
loop_
_chem_comp.id
_chem_comp.type
_chem_comp.name
_chem_comp.formula
KK2 non-polymer 4-(morpholin-4-yl)-6-[4-(trifluoromethyl)phenyl]pyrimidin-2-amine 'C15 H15 F3 N4 O'
NAG D-saccharide, beta linking 2-acetamido-2-deoxy-beta-D-glucopyranose 'C8 H15 N O6'
PO4 non-polymer 'PHOSPHATE ION' 'O4 P -3'
#
# COMPACT_ATOMS: atom_id res chain seq x y z
N ASP A 1 36.00 -3.23 -8.91
CA ASP A 1 37.05 -2.98 -9.89
C ASP A 1 36.61 -1.93 -10.92
N TYR A 2 37.60 -1.28 -11.55
CA TYR A 2 37.36 -0.20 -12.50
C TYR A 2 36.61 -0.64 -13.77
N LYS A 3 36.82 -1.89 -14.18
CA LYS A 3 36.16 -2.46 -15.34
C LYS A 3 34.64 -2.58 -15.22
N ASP A 4 34.18 -2.98 -14.04
CA ASP A 4 32.77 -3.30 -13.83
C ASP A 4 31.84 -2.11 -14.02
N ASP A 5 32.25 -0.95 -13.54
CA ASP A 5 31.55 0.24 -13.06
C ASP A 5 30.28 0.53 -13.88
N ASP A 6 30.41 0.37 -15.19
CA ASP A 6 29.32 0.52 -16.15
C ASP A 6 28.54 -0.78 -16.41
N ASP A 7 27.77 -1.20 -15.42
CA ASP A 7 26.79 -2.26 -15.59
C ASP A 7 25.49 -1.73 -14.96
N LYS A 8 24.56 -1.27 -15.78
CA LYS A 8 23.30 -0.72 -15.27
C LYS A 8 22.55 -1.66 -14.29
N LEU A 9 22.58 -2.98 -14.53
CA LEU A 9 21.94 -3.91 -13.60
C LEU A 9 22.69 -4.07 -12.27
N ASP A 10 24.02 -4.20 -12.34
CA ASP A 10 24.87 -4.28 -11.14
C ASP A 10 24.63 -3.10 -10.19
N ARG A 11 24.63 -1.87 -10.74
CA ARG A 11 24.34 -0.67 -9.95
C ARG A 11 22.95 -0.72 -9.30
N ALA A 12 21.95 -1.07 -10.09
CA ALA A 12 20.59 -1.24 -9.62
C ALA A 12 20.52 -2.18 -8.40
N ASP A 13 21.26 -3.28 -8.45
CA ASP A 13 21.28 -4.23 -7.35
C ASP A 13 21.98 -3.68 -6.10
N ILE A 14 23.06 -2.95 -6.30
CA ILE A 14 23.72 -2.25 -5.21
C ILE A 14 22.78 -1.24 -4.56
N LEU A 15 22.17 -0.40 -5.39
CA LEU A 15 21.23 0.58 -4.90
C LEU A 15 20.02 -0.06 -4.18
N TYR A 16 19.57 -1.21 -4.67
CA TYR A 16 18.51 -1.99 -3.99
C TYR A 16 18.97 -2.42 -2.61
N ASN A 17 20.13 -3.06 -2.54
CA ASN A 17 20.72 -3.52 -1.27
C ASN A 17 20.93 -2.44 -0.22
N ILE A 18 21.27 -1.21 -0.65
CA ILE A 18 21.49 -0.07 0.24
C ILE A 18 20.19 0.44 0.87
N ARG A 19 19.16 0.63 0.04
CA ARG A 19 17.83 0.97 0.53
C ARG A 19 17.22 -0.01 1.54
N GLN A 20 17.73 -1.24 1.55
CA GLN A 20 17.21 -2.25 2.47
C GLN A 20 17.98 -2.27 3.78
N THR A 21 19.29 -2.17 3.68
CA THR A 21 20.15 -2.20 4.86
C THR A 21 20.19 -0.82 5.52
N SER A 22 19.85 0.21 4.77
CA SER A 22 19.97 1.56 5.30
C SER A 22 18.70 1.96 6.03
N ARG A 23 18.91 2.49 7.24
CA ARG A 23 17.85 3.07 8.04
C ARG A 23 18.25 4.51 8.19
N PRO A 24 17.49 5.42 7.55
CA PRO A 24 17.81 6.85 7.48
C PRO A 24 17.77 7.59 8.80
N ASP A 25 17.08 7.09 9.82
CA ASP A 25 16.90 7.85 11.05
C ASP A 25 17.74 7.36 12.23
N VAL A 26 18.59 6.36 11.99
CA VAL A 26 19.40 5.78 13.05
C VAL A 26 20.89 6.02 12.78
N ILE A 27 21.58 6.56 13.78
CA ILE A 27 23.02 6.76 13.67
C ILE A 27 23.77 5.44 13.46
N PRO A 28 24.65 5.41 12.46
CA PRO A 28 25.39 4.20 12.09
C PRO A 28 26.56 3.94 13.04
N THR A 29 26.25 3.71 14.31
CA THR A 29 27.28 3.52 15.33
C THR A 29 27.73 2.07 15.42
N GLN A 30 29.05 1.86 15.46
CA GLN A 30 29.61 0.51 15.53
C GLN A 30 30.65 0.34 16.63
N ARG A 31 30.55 -0.75 17.39
CA ARG A 31 31.56 -1.11 18.37
C ARG A 31 31.46 -0.31 19.68
N ASP A 32 30.37 0.43 19.83
CA ASP A 32 30.19 1.27 21.02
C ASP A 32 31.08 2.50 20.90
N ARG A 33 31.54 2.78 19.69
CA ARG A 33 32.40 3.93 19.43
C ARG A 33 31.62 5.00 18.66
N PRO A 34 31.73 6.25 19.09
CA PRO A 34 30.93 7.30 18.46
C PRO A 34 31.27 7.42 16.98
N VAL A 35 30.25 7.55 16.14
CA VAL A 35 30.43 7.73 14.71
C VAL A 35 31.37 8.90 14.46
N ALA A 36 32.47 8.68 13.74
CA ALA A 36 33.34 9.79 13.39
C ALA A 36 32.98 10.40 12.03
N VAL A 37 32.61 11.68 12.05
CA VAL A 37 32.27 12.39 10.84
C VAL A 37 33.37 13.38 10.55
N SER A 38 33.99 13.27 9.38
CA SER A 38 35.02 14.23 8.99
C SER A 38 34.37 15.35 8.21
N VAL A 39 34.55 16.57 8.69
CA VAL A 39 34.04 17.76 8.02
C VAL A 39 35.18 18.63 7.50
N SER A 40 34.90 19.43 6.47
CA SER A 40 35.91 20.29 5.88
C SER A 40 35.29 21.40 5.03
N LEU A 41 35.55 22.66 5.38
CA LEU A 41 35.06 23.79 4.57
C LEU A 41 36.08 24.37 3.59
N LYS A 42 35.74 24.38 2.31
CA LYS A 42 36.56 25.06 1.34
C LYS A 42 35.76 26.24 0.85
N PHE A 43 36.33 27.43 0.90
CA PHE A 43 35.59 28.63 0.49
C PHE A 43 35.49 28.81 -1.02
N ILE A 44 34.40 29.39 -1.47
CA ILE A 44 34.20 29.61 -2.86
C ILE A 44 33.99 31.08 -3.19
N ASN A 45 33.29 31.81 -2.36
CA ASN A 45 33.05 33.21 -2.59
C ASN A 45 32.71 33.89 -1.32
N ILE A 46 32.82 35.19 -1.30
CA ILE A 46 32.38 35.99 -0.21
C ILE A 46 31.66 37.08 -0.90
N LEU A 47 30.36 37.22 -0.62
CA LEU A 47 29.51 38.00 -1.52
C LEU A 47 28.91 39.26 -0.92
N GLU A 48 28.23 39.10 0.20
CA GLU A 48 27.64 40.24 0.87
C GLU A 48 28.38 40.47 2.17
N VAL A 49 28.98 41.65 2.30
CA VAL A 49 29.68 42.00 3.51
C VAL A 49 29.10 43.28 4.06
N ASN A 50 28.71 43.25 5.33
CA ASN A 50 28.29 44.47 6.01
C ASN A 50 29.15 44.73 7.26
N GLU A 51 29.92 45.81 7.23
CA GLU A 51 30.82 46.09 8.34
C GLU A 51 30.10 46.70 9.54
N ILE A 52 28.97 47.36 9.27
CA ILE A 52 28.18 48.02 10.31
C ILE A 52 27.33 47.04 11.11
N THR A 53 26.79 46.02 10.44
CA THR A 53 25.91 45.04 11.08
C THR A 53 26.56 43.71 11.46
N ASN A 54 27.82 43.51 11.06
CA ASN A 54 28.54 42.27 11.34
C ASN A 54 27.90 41.02 10.72
N GLU A 55 27.49 41.14 9.46
CA GLU A 55 26.98 40.03 8.68
C GLU A 55 27.85 39.77 7.45
N VAL A 56 27.94 38.53 7.03
CA VAL A 56 28.70 38.16 5.86
C VAL A 56 27.94 37.09 5.09
N ASP A 57 28.05 37.11 3.76
CA ASP A 57 27.42 36.12 2.91
C ASP A 57 28.48 35.22 2.27
N VAL A 58 28.43 33.92 2.51
CA VAL A 58 29.45 33.06 1.92
C VAL A 58 28.92 31.88 1.13
N VAL A 59 29.61 31.58 0.04
CA VAL A 59 29.41 30.32 -0.67
C VAL A 59 30.59 29.41 -0.40
N PHE A 60 30.34 28.29 0.26
CA PHE A 60 31.42 27.39 0.64
C PHE A 60 31.03 25.99 0.24
N TRP A 61 32.02 25.16 -0.06
CA TRP A 61 31.81 23.76 -0.40
C TRP A 61 32.04 22.97 0.87
N GLN A 62 30.99 22.35 1.39
CA GLN A 62 31.10 21.58 2.62
C GLN A 62 31.44 20.15 2.29
N GLN A 63 32.51 19.62 2.87
CA GLN A 63 32.87 18.25 2.56
C GLN A 63 32.73 17.39 3.78
N THR A 64 31.86 16.40 3.67
CA THR A 64 31.47 15.57 4.81
C THR A 64 31.63 14.12 4.41
N THR A 65 32.38 13.37 5.21
CA THR A 65 32.45 11.93 5.00
C THR A 65 32.33 11.19 6.32
N TRP A 66 31.75 9.99 6.26
CA TRP A 66 31.68 9.11 7.42
C TRP A 66 31.61 7.65 6.96
N SER A 67 31.68 6.72 7.91
CA SER A 67 31.74 5.29 7.58
C SER A 67 30.62 4.43 8.16
N ASP A 68 30.01 3.60 7.31
CA ASP A 68 28.94 2.69 7.72
C ASP A 68 29.14 1.25 7.21
N ARG A 69 29.99 0.48 7.89
CA ARG A 69 30.32 -0.87 7.44
C ARG A 69 29.11 -1.74 7.00
N THR A 70 27.91 -1.52 7.56
CA THR A 70 26.74 -2.33 7.17
C THR A 70 26.32 -2.10 5.73
N LEU A 71 26.64 -0.94 5.17
CA LEU A 71 26.34 -0.66 3.76
C LEU A 71 27.33 -1.31 2.79
N ALA A 72 28.40 -1.89 3.30
CA ALA A 72 29.51 -2.35 2.44
C ALA A 72 29.18 -3.58 1.58
N TRP A 73 29.87 -3.72 0.44
CA TRP A 73 29.69 -4.90 -0.39
C TRP A 73 31.00 -5.34 -1.03
N ASN A 74 31.07 -6.60 -1.45
CA ASN A 74 32.23 -7.17 -2.13
C ASN A 74 32.30 -6.63 -3.55
N SER A 75 33.29 -5.79 -3.85
CA SER A 75 33.32 -5.14 -5.17
C SER A 75 34.31 -5.79 -6.13
N SER A 76 34.76 -7.00 -5.81
CA SER A 76 35.62 -7.76 -6.72
C SER A 76 35.15 -7.80 -8.17
N HIS A 77 33.84 -7.87 -8.40
CA HIS A 77 33.34 -7.89 -9.77
C HIS A 77 32.09 -7.05 -10.01
N SER A 78 31.92 -6.02 -9.18
CA SER A 78 30.79 -5.12 -9.29
C SER A 78 31.36 -3.71 -9.14
N PRO A 79 30.53 -2.66 -9.36
CA PRO A 79 30.93 -1.25 -9.17
C PRO A 79 31.47 -0.93 -7.76
N ASP A 80 32.46 -0.05 -7.69
CA ASP A 80 33.12 0.27 -6.43
C ASP A 80 32.35 1.35 -5.67
N GLN A 81 31.61 2.16 -6.41
CA GLN A 81 30.82 3.23 -5.81
C GLN A 81 29.62 3.62 -6.65
N VAL A 82 28.61 4.18 -6.01
CA VAL A 82 27.42 4.62 -6.70
C VAL A 82 26.88 5.88 -6.05
N SER A 83 26.13 6.65 -6.81
CA SER A 83 25.41 7.81 -6.28
C SER A 83 24.05 7.39 -5.74
N VAL A 84 23.62 8.03 -4.65
CA VAL A 84 22.40 7.70 -3.93
C VAL A 84 21.73 8.98 -3.47
N PRO A 85 20.39 9.07 -3.54
CA PRO A 85 19.73 10.26 -3.00
C PRO A 85 19.78 10.25 -1.48
N ILE A 86 20.01 11.40 -0.85
CA ILE A 86 20.24 11.41 0.59
C ILE A 86 18.97 11.11 1.40
N SER A 87 17.81 11.13 0.74
CA SER A 87 16.59 10.66 1.38
C SER A 87 16.64 9.16 1.71
N SER A 88 17.58 8.43 1.10
CA SER A 88 17.70 6.98 1.33
C SER A 88 18.74 6.62 2.41
N LEU A 89 19.37 7.63 2.98
CA LEU A 89 20.57 7.43 3.79
C LEU A 89 20.56 8.26 5.04
N TRP A 90 21.15 7.72 6.10
CA TRP A 90 21.42 8.56 7.24
C TRP A 90 22.49 9.59 6.88
N VAL A 91 22.23 10.85 7.24
CA VAL A 91 23.14 11.96 7.00
C VAL A 91 23.24 12.69 8.33
N PRO A 92 24.44 13.17 8.71
CA PRO A 92 24.54 13.81 10.02
C PRO A 92 23.87 15.19 10.07
N ASP A 93 23.23 15.50 11.20
CA ASP A 93 22.47 16.74 11.38
C ASP A 93 23.38 17.90 11.80
N LEU A 94 24.18 18.40 10.86
CA LEU A 94 25.08 19.50 11.18
C LEU A 94 24.35 20.84 11.09
N ALA A 95 24.89 21.84 11.78
CA ALA A 95 24.22 23.10 11.88
C ALA A 95 25.26 24.14 12.24
N ALA A 96 25.17 25.30 11.61
CA ALA A 96 26.07 26.39 11.94
C ALA A 96 25.47 27.18 13.09
N TYR A 97 26.19 27.36 14.18
CA TYR A 97 25.64 28.06 15.34
C TYR A 97 25.44 29.58 15.13
N ASN A 98 26.23 30.17 14.23
CA ASN A 98 26.14 31.62 14.00
C ASN A 98 25.51 32.00 12.67
N ALA A 99 24.89 31.03 12.00
CA ALA A 99 24.20 31.31 10.76
C ALA A 99 22.90 31.98 11.08
N ILE A 100 22.51 32.97 10.29
CA ILE A 100 21.31 33.73 10.57
C ILE A 100 20.29 33.62 9.44
N SER A 101 20.52 32.66 8.55
CA SER A 101 19.59 32.35 7.47
C SER A 101 19.52 30.84 7.35
N LYS A 102 18.54 30.34 6.58
CA LYS A 102 18.49 28.92 6.25
C LYS A 102 19.54 28.62 5.18
N PRO A 103 20.25 27.49 5.31
CA PRO A 103 21.21 27.13 4.26
C PRO A 103 20.49 26.89 2.93
N GLU A 104 21.08 27.40 1.85
CA GLU A 104 20.58 27.29 0.49
C GLU A 104 21.51 26.28 -0.18
N VAL A 105 20.98 25.15 -0.62
CA VAL A 105 21.82 24.10 -1.16
C VAL A 105 21.88 24.21 -2.68
N LEU A 106 23.05 24.60 -3.18
CA LEU A 106 23.23 24.98 -4.58
C LEU A 106 23.39 23.80 -5.54
N THR A 107 23.68 22.63 -4.99
CA THR A 107 23.98 21.45 -5.81
C THR A 107 22.93 20.30 -5.72
N PRO A 108 22.96 19.38 -6.70
CA PRO A 108 22.19 18.15 -6.59
C PRO A 108 22.46 17.42 -5.28
N GLN A 109 21.39 16.94 -4.64
CA GLN A 109 21.53 16.28 -3.35
C GLN A 109 21.71 14.76 -3.39
N LEU A 110 22.89 14.38 -3.89
CA LEU A 110 23.29 13.00 -3.92
C LEU A 110 24.51 12.82 -3.03
N ALA A 111 24.64 11.62 -2.48
CA ALA A 111 25.84 11.22 -1.78
C ALA A 111 26.49 10.11 -2.59
N ARG A 112 27.75 9.80 -2.31
CA ARG A 112 28.39 8.62 -2.89
C ARG A 112 28.53 7.58 -1.80
N VAL A 113 28.33 6.32 -2.16
CA VAL A 113 28.62 5.25 -1.23
C VAL A 113 29.77 4.44 -1.85
N VAL A 114 30.84 4.25 -1.09
CA VAL A 114 31.96 3.43 -1.55
C VAL A 114 31.77 2.02 -1.01
N SER A 115 32.25 1.01 -1.72
CA SER A 115 31.95 -0.37 -1.35
C SER A 115 32.59 -0.80 -0.02
N ASP A 116 33.54 -0.03 0.50
CA ASP A 116 34.07 -0.31 1.84
C ASP A 116 33.29 0.39 2.98
N GLY A 117 32.19 1.02 2.64
CA GLY A 117 31.31 1.59 3.63
C GLY A 117 31.45 3.08 3.84
N GLU A 118 32.32 3.75 3.08
CA GLU A 118 32.41 5.19 3.25
C GLU A 118 31.25 5.87 2.53
N VAL A 119 30.67 6.86 3.17
CA VAL A 119 29.67 7.71 2.53
C VAL A 119 30.25 9.11 2.41
N LEU A 120 30.13 9.71 1.23
CA LEU A 120 30.63 11.04 0.96
C LEU A 120 29.49 11.95 0.55
N TYR A 121 29.21 12.98 1.35
CA TYR A 121 28.20 13.98 1.00
C TYR A 121 28.88 15.36 0.94
N MET A 122 28.91 15.96 -0.24
CA MET A 122 29.66 17.19 -0.43
C MET A 122 28.91 18.31 -1.14
N PRO A 123 27.91 18.89 -0.47
CA PRO A 123 27.11 19.95 -1.08
C PRO A 123 27.74 21.32 -1.01
N SER A 124 27.40 22.14 -2.01
CA SER A 124 27.82 23.53 -2.08
C SER A 124 26.73 24.46 -1.53
N ILE A 125 27.08 25.21 -0.49
CA ILE A 125 26.09 25.96 0.26
C ILE A 125 26.31 27.49 0.24
N ARG A 126 25.22 28.26 0.14
CA ARG A 126 25.24 29.70 0.34
C ARG A 126 24.49 30.00 1.65
N GLN A 127 25.02 30.90 2.48
CA GLN A 127 24.49 31.14 3.82
C GLN A 127 25.07 32.40 4.49
N ARG A 128 24.20 33.16 5.18
CA ARG A 128 24.60 34.41 5.84
C ARG A 128 24.92 34.15 7.31
N PHE A 129 26.06 34.68 7.77
CA PHE A 129 26.53 34.44 9.13
C PHE A 129 26.74 35.73 9.92
N SER A 130 26.52 35.66 11.22
CA SER A 130 26.84 36.76 12.11
C SER A 130 28.22 36.59 12.72
N CYS A 131 29.18 37.57 12.40
CA CYS A 131 30.60 37.47 12.78
C CYS A 131 31.36 38.80 12.81
N ASP A 132 32.47 38.72 13.46
CA ASP A 132 33.36 39.86 13.54
C ASP A 132 33.91 40.30 12.17
N VAL A 133 33.40 41.42 11.63
CA VAL A 133 33.75 41.90 10.29
C VAL A 133 34.68 43.11 10.32
N SER A 134 34.70 43.82 11.44
CA SER A 134 35.60 44.96 11.60
C SER A 134 37.05 44.60 11.27
N GLY A 135 37.72 45.52 10.58
CA GLY A 135 39.10 45.31 10.14
C GLY A 135 39.22 44.75 8.74
N VAL A 136 38.12 44.81 7.98
CA VAL A 136 38.10 44.12 6.69
C VAL A 136 38.72 44.99 5.59
N ASP A 137 38.62 46.32 5.75
CA ASP A 137 39.14 47.23 4.74
C ASP A 137 40.59 47.64 5.03
N THR A 138 41.31 46.72 5.68
CA THR A 138 42.68 46.90 6.18
C THR A 138 43.54 45.64 5.97
N GLU A 139 44.86 45.81 6.01
CA GLU A 139 45.82 44.77 5.61
C GLU A 139 45.89 43.41 6.37
N SER A 140 45.86 43.42 7.70
CA SER A 140 45.81 42.16 8.44
C SER A 140 44.44 41.54 8.30
N GLY A 141 43.51 42.32 7.74
CA GLY A 141 42.18 41.85 7.42
C GLY A 141 41.30 41.53 8.60
N ALA A 142 40.08 41.09 8.32
CA ALA A 142 39.12 40.68 9.34
C ALA A 142 39.36 39.21 9.72
N THR A 143 38.71 38.74 10.78
CA THR A 143 38.72 37.32 11.14
C THR A 143 37.35 36.84 11.61
N CYS A 144 36.62 36.20 10.71
CA CYS A 144 35.33 35.55 11.01
C CYS A 144 35.51 34.18 11.66
N ARG A 145 34.49 33.69 12.36
CA ARG A 145 34.56 32.36 12.96
C ARG A 145 33.25 31.58 12.95
N ILE A 146 32.97 30.92 11.83
CA ILE A 146 31.86 29.97 11.73
C ILE A 146 32.08 28.74 12.63
N LYS A 147 31.05 28.30 13.34
CA LYS A 147 31.13 27.04 14.09
C LYS A 147 30.09 26.03 13.61
N ILE A 148 30.53 24.81 13.29
CA ILE A 148 29.66 23.79 12.73
C ILE A 148 29.58 22.61 13.66
N GLY A 149 28.40 22.34 14.21
CA GLY A 149 28.29 21.27 15.19
C GLY A 149 27.20 20.25 14.91
N SER A 150 27.22 19.16 15.67
CA SER A 150 26.10 18.23 15.64
C SER A 150 25.00 18.79 16.52
N TRP A 151 23.81 18.96 15.93
CA TRP A 151 22.73 19.60 16.65
C TRP A 151 22.22 18.73 17.80
N THR A 152 21.64 17.58 17.49
CA THR A 152 20.98 16.79 18.52
C THR A 152 21.81 15.65 19.08
N HIS A 153 22.91 15.31 18.43
CA HIS A 153 23.75 14.24 18.97
C HIS A 153 24.99 14.77 19.66
N HIS A 154 25.24 14.27 20.86
CA HIS A 154 26.37 14.73 21.64
C HIS A 154 27.58 13.80 21.47
N SER A 155 28.66 14.12 22.18
CA SER A 155 29.99 13.55 21.89
C SER A 155 30.07 12.03 21.94
N ARG A 156 29.22 11.38 22.74
CA ARG A 156 29.23 9.91 22.83
C ARG A 156 28.56 9.19 21.64
N GLU A 157 27.86 9.93 20.78
CA GLU A 157 27.20 9.34 19.62
C GLU A 157 27.82 9.83 18.30
N ILE A 158 27.95 11.14 18.14
CA ILE A 158 28.63 11.72 16.96
C ILE A 158 29.85 12.50 17.41
N SER A 159 30.97 12.34 16.71
CA SER A 159 32.15 13.15 16.97
C SER A 159 32.73 13.72 15.69
N VAL A 160 32.78 15.06 15.60
CA VAL A 160 33.33 15.70 14.41
C VAL A 160 34.82 15.85 14.52
N ASP A 161 35.50 15.68 13.40
CA ASP A 161 36.94 15.77 13.36
C ASP A 161 37.31 16.54 12.13
N PRO A 162 38.08 17.61 12.32
CA PRO A 162 38.40 18.56 11.25
C PRO A 162 39.25 17.95 10.12
N THR A 163 39.12 18.54 8.93
CA THR A 163 39.71 18.07 7.65
C THR A 163 39.53 16.58 7.33
N ASP A 169 44.01 28.20 1.46
CA ASP A 169 42.89 27.46 0.90
C ASP A 169 42.17 28.25 -0.22
N SER A 170 42.93 28.88 -1.09
CA SER A 170 42.33 29.63 -2.19
C SER A 170 42.12 28.76 -3.45
N GLU A 171 42.24 27.44 -3.32
CA GLU A 171 42.14 26.55 -4.47
C GLU A 171 40.80 26.64 -5.22
N TYR A 172 39.72 26.73 -4.46
CA TYR A 172 38.41 26.80 -5.08
C TYR A 172 37.79 28.19 -4.95
N PHE A 173 38.56 29.16 -4.46
CA PHE A 173 38.04 30.50 -4.26
C PHE A 173 38.02 31.28 -5.57
N SER A 174 37.09 32.21 -5.67
CA SER A 174 36.89 32.96 -6.91
C SER A 174 37.85 34.14 -7.03
N GLN A 175 38.44 34.30 -8.19
CA GLN A 175 39.33 35.42 -8.44
C GLN A 175 38.55 36.65 -8.82
N TYR A 176 37.23 36.52 -8.89
CA TYR A 176 36.37 37.63 -9.26
C TYR A 176 35.62 38.10 -8.03
N SER A 177 36.01 37.58 -6.89
CA SER A 177 35.47 38.06 -5.63
C SER A 177 36.05 39.45 -5.36
N ARG A 178 35.30 40.31 -4.67
CA ARG A 178 35.86 41.57 -4.21
C ARG A 178 36.84 41.31 -3.09
N PHE A 179 36.76 40.12 -2.48
CA PHE A 179 37.56 39.80 -1.30
C PHE A 179 38.62 38.72 -1.56
N GLU A 180 39.64 38.68 -0.70
CA GLU A 180 40.72 37.70 -0.84
C GLU A 180 41.15 37.13 0.51
N ILE A 181 41.66 35.89 0.49
CA ILE A 181 41.83 35.11 1.72
C ILE A 181 43.28 34.95 2.18
N LEU A 182 43.57 35.39 3.39
CA LEU A 182 44.93 35.36 3.91
C LEU A 182 45.26 34.04 4.58
N ASP A 183 44.32 33.53 5.38
CA ASP A 183 44.52 32.28 6.09
C ASP A 183 43.17 31.63 6.45
N VAL A 184 43.16 30.30 6.55
CA VAL A 184 42.02 29.54 7.10
C VAL A 184 42.52 28.42 8.02
N THR A 185 41.96 28.34 9.22
CA THR A 185 42.29 27.26 10.15
C THR A 185 41.03 26.54 10.63
N GLN A 186 41.17 25.33 11.16
CA GLN A 186 40.02 24.52 11.56
C GLN A 186 40.32 23.75 12.81
N LYS A 187 39.73 24.17 13.93
CA LYS A 187 39.93 23.47 15.19
C LYS A 187 38.71 22.67 15.70
N LYS A 188 38.97 21.53 16.32
CA LYS A 188 37.94 20.75 17.00
C LYS A 188 37.63 21.37 18.37
N ASN A 189 36.38 21.32 18.77
CA ASN A 189 35.91 22.07 19.94
C ASN A 189 34.82 21.25 20.63
N SER A 190 35.01 20.85 21.88
CA SER A 190 33.88 20.25 22.60
C SER A 190 33.37 21.18 23.72
N VAL A 191 32.08 21.48 23.70
CA VAL A 191 31.54 22.45 24.65
C VAL A 191 30.22 21.98 25.32
N THR A 192 30.09 22.25 26.61
CA THR A 192 28.89 21.85 27.35
C THR A 192 28.05 23.05 27.70
N TYR A 193 26.80 23.03 27.25
CA TYR A 193 25.85 24.08 27.58
C TYR A 193 25.09 23.68 28.84
N SER A 194 24.69 24.67 29.64
CA SER A 194 24.05 24.41 30.92
C SER A 194 22.73 23.63 30.83
N CYS A 195 22.13 23.55 29.64
CA CYS A 195 20.92 22.76 29.46
C CYS A 195 21.17 21.25 29.68
N CYS A 196 22.05 20.66 28.89
CA CYS A 196 22.27 19.21 28.86
C CYS A 196 23.62 18.84 29.47
N PRO A 197 23.63 17.82 30.33
CA PRO A 197 24.84 17.38 31.05
C PRO A 197 26.00 17.04 30.12
N GLU A 198 25.70 16.55 28.93
CA GLU A 198 26.71 16.05 28.00
C GLU A 198 27.29 17.13 27.07
N ALA A 199 28.41 16.82 26.45
CA ALA A 199 29.15 17.77 25.61
C ALA A 199 28.86 17.60 24.12
N TYR A 200 28.83 18.71 23.40
CA TYR A 200 28.65 18.68 21.95
C TYR A 200 29.91 19.04 21.15
N GLU A 201 30.30 18.17 20.23
CA GLU A 201 31.47 18.45 19.38
C GLU A 201 31.11 19.41 18.26
N ASP A 202 32.11 20.19 17.86
CA ASP A 202 31.94 21.16 16.79
CA ASP A 202 31.93 21.23 16.86
C ASP A 202 33.28 21.61 16.26
N VAL A 203 33.24 22.30 15.12
CA VAL A 203 34.46 22.73 14.44
C VAL A 203 34.42 24.22 14.23
N GLU A 204 35.35 24.93 14.87
CA GLU A 204 35.44 26.36 14.65
C GLU A 204 36.33 26.56 13.44
N VAL A 205 35.79 27.18 12.41
CA VAL A 205 36.55 27.47 11.23
C VAL A 205 36.87 28.93 11.21
N SER A 206 38.14 29.29 11.36
CA SER A 206 38.55 30.70 11.37
C SER A 206 38.93 31.13 9.98
N LEU A 207 38.31 32.21 9.53
CA LEU A 207 38.58 32.69 8.20
C LEU A 207 39.14 34.10 8.28
N ASN A 208 40.28 34.28 7.62
CA ASN A 208 40.98 35.56 7.66
C ASN A 208 41.04 36.12 6.24
N PHE A 209 40.44 37.29 6.04
CA PHE A 209 40.31 37.82 4.70
C PHE A 209 40.21 39.36 4.68
N ARG A 210 40.45 39.95 3.50
CA ARG A 210 40.40 41.41 3.36
C ARG A 210 39.87 41.84 1.99
N LYS A 211 39.37 43.07 1.91
CA LYS A 211 38.98 43.65 0.62
C LYS A 211 40.24 43.90 -0.20
N LYS A 212 40.07 44.12 -1.51
CA LYS A 212 41.24 44.30 -2.35
C LYS A 212 41.58 45.78 -2.60
N GLY A 213 42.83 46.15 -2.29
CA GLY A 213 43.30 47.52 -2.45
C GLY A 213 42.92 48.44 -1.31
N ASP B 5 24.11 2.51 25.13
CA ASP B 5 23.75 3.75 24.45
C ASP B 5 24.19 3.66 22.98
N ASP B 6 25.02 2.66 22.68
CA ASP B 6 25.69 2.61 21.39
C ASP B 6 25.61 1.28 20.64
N ASP B 7 24.40 0.77 20.45
CA ASP B 7 24.21 -0.34 19.50
C ASP B 7 23.15 0.07 18.46
N LYS B 8 23.51 -0.02 17.18
CA LYS B 8 22.64 0.49 16.12
C LYS B 8 21.30 -0.20 16.12
N LEU B 9 21.30 -1.51 16.34
CA LEU B 9 20.07 -2.27 16.33
C LEU B 9 19.18 -1.99 17.55
N ASP B 10 19.78 -1.79 18.72
CA ASP B 10 19.02 -1.33 19.88
C ASP B 10 18.34 0.03 19.62
N ARG B 11 19.05 0.91 18.92
CA ARG B 11 18.50 2.21 18.57
C ARG B 11 17.36 2.05 17.57
N ALA B 12 17.58 1.22 16.54
CA ALA B 12 16.56 0.96 15.53
C ALA B 12 15.32 0.37 16.14
N ASP B 13 15.48 -0.42 17.20
CA ASP B 13 14.36 -1.01 17.94
C ASP B 13 13.57 0.04 18.71
N ILE B 14 14.26 0.81 19.54
CA ILE B 14 13.65 1.94 20.24
C ILE B 14 12.89 2.85 19.29
N LEU B 15 13.54 3.30 18.23
CA LEU B 15 12.86 4.05 17.21
C LEU B 15 11.56 3.39 16.70
N TYR B 16 11.64 2.09 16.38
CA TYR B 16 10.46 1.33 15.93
C TYR B 16 9.32 1.38 16.94
N ASN B 17 9.64 1.16 18.21
CA ASN B 17 8.66 1.24 19.29
C ASN B 17 7.99 2.61 19.38
N ILE B 18 8.77 3.69 19.28
CA ILE B 18 8.23 5.03 19.30
C ILE B 18 7.27 5.24 18.14
N ARG B 19 7.61 4.71 16.98
CA ARG B 19 6.72 4.83 15.83
C ARG B 19 5.36 4.10 15.94
N GLN B 20 5.28 3.05 16.74
CA GLN B 20 3.99 2.41 17.00
C GLN B 20 3.18 3.20 18.01
N THR B 21 3.68 3.25 19.24
CA THR B 21 2.99 3.93 20.33
C THR B 21 2.51 5.33 20.00
N SER B 22 3.32 6.09 19.26
CA SER B 22 3.10 7.52 19.14
C SER B 22 2.08 7.87 18.06
N ARG B 23 1.06 8.61 18.47
CA ARG B 23 0.05 9.12 17.56
C ARG B 23 0.27 10.61 17.45
N PRO B 24 0.67 11.08 16.25
CA PRO B 24 1.18 12.43 16.08
C PRO B 24 0.12 13.57 16.10
N ASP B 25 -1.14 13.23 15.86
CA ASP B 25 -2.18 14.26 15.80
C ASP B 25 -2.99 14.33 17.10
N VAL B 26 -2.74 13.40 18.01
CA VAL B 26 -3.45 13.38 19.28
C VAL B 26 -2.60 13.88 20.45
N ILE B 27 -3.12 14.85 21.22
CA ILE B 27 -2.41 15.35 22.39
C ILE B 27 -2.20 14.26 23.45
N PRO B 28 -1.01 14.21 24.06
CA PRO B 28 -0.66 13.08 24.92
C PRO B 28 -1.04 13.25 26.40
N THR B 29 -2.33 13.23 26.69
CA THR B 29 -2.81 13.42 28.06
C THR B 29 -2.70 12.19 28.93
N GLN B 30 -2.35 12.40 30.20
CA GLN B 30 -2.41 11.35 31.21
C GLN B 30 -3.36 11.72 32.35
N ARG B 31 -4.30 10.82 32.65
CA ARG B 31 -5.17 10.93 33.82
C ARG B 31 -6.05 12.19 33.93
N ASP B 32 -6.57 12.67 32.82
CA ASP B 32 -7.54 13.78 32.82
C ASP B 32 -6.89 15.13 33.20
N ARG B 33 -5.57 15.16 33.11
CA ARG B 33 -4.76 16.32 33.45
C ARG B 33 -4.28 16.91 32.14
N PRO B 34 -4.14 18.24 32.08
CA PRO B 34 -3.59 18.86 30.88
C PRO B 34 -2.13 18.45 30.63
N VAL B 35 -1.72 18.34 29.37
CA VAL B 35 -0.32 18.11 29.04
C VAL B 35 0.45 19.32 29.49
N ALA B 36 1.48 19.11 30.28
CA ALA B 36 2.28 20.23 30.80
C ALA B 36 3.50 20.46 29.91
N VAL B 37 3.41 21.47 29.06
CA VAL B 37 4.53 21.85 28.19
C VAL B 37 5.35 22.97 28.83
N SER B 38 6.66 22.82 28.87
CA SER B 38 7.49 23.88 29.42
C SER B 38 8.31 24.61 28.35
N VAL B 39 8.01 25.88 28.12
CA VAL B 39 8.74 26.68 27.15
C VAL B 39 9.78 27.57 27.83
N SER B 40 10.92 27.75 27.17
CA SER B 40 11.90 28.74 27.61
C SER B 40 12.57 29.38 26.40
N LEU B 41 12.78 30.69 26.42
CA LEU B 41 13.51 31.35 25.34
C LEU B 41 14.92 31.78 25.75
N LYS B 42 15.90 31.40 24.95
CA LYS B 42 17.23 31.98 25.03
C LYS B 42 17.52 32.74 23.74
N PHE B 43 17.93 34.00 23.87
CA PHE B 43 18.22 34.81 22.71
C PHE B 43 19.65 34.61 22.21
N ILE B 44 19.78 34.57 20.89
CA ILE B 44 21.05 34.28 20.21
C ILE B 44 21.57 35.54 19.52
N ASN B 45 20.67 36.33 18.97
CA ASN B 45 21.03 37.50 18.18
C ASN B 45 19.89 38.51 18.04
N ILE B 46 20.23 39.77 17.83
CA ILE B 46 19.21 40.75 17.46
C ILE B 46 19.75 41.43 16.22
N LEU B 47 19.05 41.26 15.09
CA LEU B 47 19.63 41.62 13.79
C LEU B 47 19.26 42.99 13.25
N GLU B 48 17.98 43.34 13.36
CA GLU B 48 17.48 44.62 12.88
C GLU B 48 16.48 45.16 13.89
N VAL B 49 16.37 46.48 13.97
CA VAL B 49 15.44 47.07 14.93
C VAL B 49 14.99 48.40 14.38
N ASN B 50 13.74 48.48 13.97
CA ASN B 50 13.19 49.72 13.42
C ASN B 50 12.39 50.49 14.48
N GLU B 51 12.82 51.69 14.84
CA GLU B 51 12.01 52.44 15.81
C GLU B 51 10.80 53.14 15.19
N ILE B 52 10.83 53.36 13.89
CA ILE B 52 9.69 54.02 13.25
C ILE B 52 8.48 53.09 13.17
N THR B 53 8.68 51.86 12.68
CA THR B 53 7.56 50.93 12.47
C THR B 53 7.35 49.94 13.59
N ASN B 54 8.19 50.01 14.62
CA ASN B 54 8.06 49.14 15.80
C ASN B 54 8.20 47.64 15.50
N GLU B 55 9.31 47.24 14.88
CA GLU B 55 9.59 45.84 14.59
C GLU B 55 11.00 45.47 15.03
N VAL B 56 11.19 44.22 15.41
CA VAL B 56 12.55 43.69 15.54
C VAL B 56 12.65 42.37 14.80
N ASP B 57 13.86 42.02 14.40
CA ASP B 57 14.14 40.68 13.87
CA ASP B 57 14.15 40.69 13.85
C ASP B 57 15.11 39.95 14.79
N VAL B 58 14.69 38.81 15.34
CA VAL B 58 15.54 38.09 16.27
C VAL B 58 15.78 36.64 15.89
N VAL B 59 16.89 36.12 16.41
CA VAL B 59 17.14 34.69 16.45
C VAL B 59 17.06 34.24 17.91
N PHE B 60 16.21 33.28 18.21
CA PHE B 60 16.18 32.74 19.57
C PHE B 60 16.27 31.21 19.57
N TRP B 61 16.79 30.68 20.67
CA TRP B 61 16.81 29.25 20.88
C TRP B 61 15.62 28.86 21.74
N GLN B 62 14.67 28.16 21.12
CA GLN B 62 13.39 27.82 21.75
C GLN B 62 13.34 26.42 22.35
N GLN B 63 13.53 26.32 23.66
CA GLN B 63 13.55 25.04 24.36
C GLN B 63 12.17 24.63 24.89
N THR B 64 11.59 23.63 24.26
CA THR B 64 10.29 23.14 24.69
C THR B 64 10.43 21.72 25.18
N THR B 65 9.74 21.39 26.26
CA THR B 65 9.70 20.03 26.74
C THR B 65 8.28 19.64 27.16
N TRP B 66 7.97 18.36 27.05
CA TRP B 66 6.75 17.85 27.64
C TRP B 66 6.99 16.39 27.91
N SER B 67 6.02 15.77 28.57
CA SER B 67 6.14 14.37 28.91
C SER B 67 5.04 13.54 28.27
N ASP B 68 5.44 12.68 27.33
CA ASP B 68 4.59 11.62 26.82
C ASP B 68 5.06 10.29 27.43
N ARG B 69 4.50 9.93 28.59
CA ARG B 69 4.94 8.77 29.35
C ARG B 69 4.68 7.40 28.70
N THR B 70 3.76 7.32 27.75
CA THR B 70 3.54 6.07 27.01
C THR B 70 4.70 5.69 26.07
N LEU B 71 5.63 6.62 25.83
CA LEU B 71 6.78 6.34 24.97
C LEU B 71 7.93 5.75 25.76
N ALA B 72 7.84 5.80 27.07
CA ALA B 72 8.90 5.36 27.96
C ALA B 72 9.34 3.89 27.75
N TRP B 73 10.60 3.60 28.10
CA TRP B 73 11.10 2.22 28.10
C TRP B 73 12.10 2.00 29.22
N ASN B 74 12.46 0.73 29.45
CA ASN B 74 13.46 0.38 30.45
C ASN B 74 14.79 0.61 29.81
N SER B 75 15.68 1.34 30.46
CA SER B 75 16.96 1.63 29.80
C SER B 75 18.20 1.05 30.49
N SER B 76 18.03 0.11 31.42
CA SER B 76 19.14 -0.45 32.20
C SER B 76 20.25 -1.04 31.34
N HIS B 77 19.90 -1.52 30.15
CA HIS B 77 20.90 -2.10 29.25
C HIS B 77 20.69 -1.68 27.81
N SER B 78 19.92 -0.60 27.63
CA SER B 78 19.71 -0.03 26.31
C SER B 78 19.98 1.49 26.35
N PRO B 79 19.88 2.18 25.19
CA PRO B 79 20.17 3.62 25.24
C PRO B 79 19.12 4.46 25.98
N ASP B 80 19.58 5.53 26.62
CA ASP B 80 18.71 6.39 27.41
C ASP B 80 18.00 7.50 26.62
N GLN B 81 18.58 7.90 25.49
CA GLN B 81 17.97 8.90 24.62
C GLN B 81 18.19 8.50 23.20
N VAL B 82 17.27 8.90 22.33
CA VAL B 82 17.45 8.78 20.90
C VAL B 82 16.85 10.01 20.20
N SER B 83 17.22 10.23 18.94
CA SER B 83 16.63 11.30 18.15
C SER B 83 15.55 10.78 17.20
N VAL B 84 14.42 11.46 17.18
CA VAL B 84 13.32 11.10 16.29
C VAL B 84 12.99 12.30 15.41
N PRO B 85 12.73 12.08 14.10
CA PRO B 85 12.15 13.14 13.25
C PRO B 85 10.80 13.58 13.83
N ILE B 86 10.51 14.88 13.84
CA ILE B 86 9.31 15.37 14.54
C ILE B 86 7.99 15.10 13.82
N SER B 87 8.07 14.67 12.57
CA SER B 87 6.90 14.16 11.84
C SER B 87 6.32 12.86 12.44
N SER B 88 7.12 12.16 13.24
CA SER B 88 6.67 10.96 13.90
C SER B 88 6.16 11.25 15.31
N LEU B 89 6.26 12.51 15.72
CA LEU B 89 5.82 12.89 17.06
C LEU B 89 4.77 14.00 17.06
N TRP B 90 3.87 13.93 18.04
CA TRP B 90 3.03 15.07 18.33
C TRP B 90 3.96 16.10 18.93
N VAL B 91 3.91 17.30 18.38
CA VAL B 91 4.56 18.45 18.97
C VAL B 91 3.43 19.43 19.23
N PRO B 92 3.58 20.32 20.23
CA PRO B 92 2.51 21.27 20.55
C PRO B 92 2.41 22.36 19.49
N ASP B 93 1.21 22.93 19.35
CA ASP B 93 0.94 23.90 18.30
C ASP B 93 1.15 25.32 18.80
N LEU B 94 2.38 25.63 19.21
CA LEU B 94 2.73 26.94 19.72
C LEU B 94 2.77 27.98 18.62
N ALA B 95 2.32 29.20 18.95
CA ALA B 95 2.34 30.31 18.02
C ALA B 95 2.76 31.52 18.81
N ALA B 96 3.45 32.45 18.16
CA ALA B 96 3.84 33.69 18.81
C ALA B 96 2.86 34.78 18.41
N TYR B 97 2.08 35.30 19.35
CA TYR B 97 0.95 36.17 19.02
C TYR B 97 1.33 37.45 18.27
N ASN B 98 2.51 37.98 18.51
CA ASN B 98 2.83 39.25 17.90
C ASN B 98 3.89 39.12 16.83
N ALA B 99 3.95 37.93 16.25
CA ALA B 99 4.81 37.73 15.09
C ALA B 99 4.14 38.37 13.89
N ILE B 100 4.96 38.77 12.93
CA ILE B 100 4.46 39.36 11.70
C ILE B 100 5.04 38.67 10.46
N SER B 101 5.95 37.73 10.66
CA SER B 101 6.44 36.86 9.59
C SER B 101 6.34 35.39 10.02
N LYS B 102 6.45 34.48 9.04
CA LYS B 102 6.46 33.02 9.29
C LYS B 102 7.73 32.65 10.06
N PRO B 103 7.63 31.67 11.00
CA PRO B 103 8.86 31.32 11.73
C PRO B 103 9.81 30.54 10.83
N GLU B 104 11.08 30.92 10.84
CA GLU B 104 12.10 30.31 9.99
CA GLU B 104 12.07 30.28 9.98
C GLU B 104 13.02 29.41 10.82
N VAL B 105 12.87 28.10 10.68
CA VAL B 105 13.73 27.20 11.43
C VAL B 105 15.13 27.04 10.81
N LEU B 106 16.16 27.21 11.64
CA LEU B 106 17.53 27.24 11.18
C LEU B 106 18.28 25.97 11.56
N THR B 107 17.59 25.02 12.19
CA THR B 107 18.22 23.79 12.67
C THR B 107 17.47 22.54 12.19
N PRO B 108 18.16 21.39 12.13
CA PRO B 108 17.54 20.14 11.71
C PRO B 108 16.32 19.84 12.57
N GLN B 109 15.25 19.35 11.97
CA GLN B 109 14.00 19.21 12.71
C GLN B 109 13.83 17.87 13.46
N LEU B 110 14.63 17.72 14.52
CA LEU B 110 14.67 16.50 15.32
C LEU B 110 14.43 16.76 16.80
N ALA B 111 13.80 15.81 17.47
CA ALA B 111 13.60 15.88 18.90
C ALA B 111 14.40 14.78 19.58
N ARG B 112 14.65 14.94 20.88
CA ARG B 112 15.19 13.84 21.67
C ARG B 112 14.05 13.19 22.42
N VAL B 113 14.08 11.87 22.49
CA VAL B 113 13.18 11.18 23.39
C VAL B 113 14.03 10.55 24.48
N VAL B 114 13.59 10.69 25.72
CA VAL B 114 14.35 10.24 26.87
C VAL B 114 13.56 9.09 27.47
N SER B 115 14.24 8.08 28.01
CA SER B 115 13.59 6.80 28.34
C SER B 115 12.56 6.90 29.46
N ASP B 116 12.50 8.03 30.15
CA ASP B 116 11.45 8.25 31.16
C ASP B 116 10.18 8.84 30.54
N GLY B 117 10.15 8.94 29.22
CA GLY B 117 9.01 9.47 28.51
C GLY B 117 9.03 10.97 28.26
N GLU B 118 10.18 11.60 28.48
CA GLU B 118 10.27 13.03 28.26
C GLU B 118 10.64 13.31 26.81
N VAL B 119 10.09 14.37 26.24
CA VAL B 119 10.42 14.75 24.88
C VAL B 119 10.98 16.15 24.86
N LEU B 120 12.14 16.34 24.23
CA LEU B 120 12.73 17.66 24.13
C LEU B 120 12.78 18.05 22.67
N TYR B 121 12.27 19.24 22.36
CA TYR B 121 12.38 19.79 21.03
C TYR B 121 12.88 21.21 21.15
N MET B 122 14.13 21.43 20.76
CA MET B 122 14.80 22.70 20.98
C MET B 122 15.40 23.29 19.69
N PRO B 123 14.53 23.77 18.77
CA PRO B 123 15.01 24.36 17.52
C PRO B 123 15.44 25.81 17.71
N SER B 124 16.28 26.29 16.81
CA SER B 124 16.70 27.67 16.78
C SER B 124 15.96 28.37 15.65
N ILE B 125 15.36 29.53 15.95
CA ILE B 125 14.40 30.19 15.04
C ILE B 125 14.73 31.67 14.74
N ARG B 126 14.49 32.12 13.50
CA ARG B 126 14.48 33.55 13.16
C ARG B 126 13.08 34.05 12.82
N GLN B 127 12.67 35.19 13.37
CA GLN B 127 11.29 35.67 13.20
C GLN B 127 11.21 37.17 13.49
N ARG B 128 10.37 37.89 12.75
CA ARG B 128 10.14 39.31 13.05
C ARG B 128 8.89 39.44 13.88
N PHE B 129 8.97 40.31 14.88
CA PHE B 129 7.88 40.55 15.78
C PHE B 129 7.54 42.02 15.77
N SER B 130 6.30 42.30 16.09
CA SER B 130 5.84 43.66 16.25
C SER B 130 5.81 43.94 17.74
N CYS B 131 6.62 44.93 18.17
CA CYS B 131 6.87 45.23 19.58
C CYS B 131 7.34 46.67 19.85
N ASP B 132 7.30 47.10 21.10
CA ASP B 132 7.68 48.45 21.52
C ASP B 132 9.18 48.63 21.62
N VAL B 133 9.77 49.36 20.68
CA VAL B 133 11.21 49.63 20.74
C VAL B 133 11.54 51.03 21.26
N SER B 134 10.54 51.74 21.79
CA SER B 134 10.79 53.02 22.43
C SER B 134 11.83 52.87 23.53
N GLY B 135 12.91 53.63 23.46
CA GLY B 135 13.90 53.68 24.52
C GLY B 135 15.15 52.86 24.24
N VAL B 136 15.27 52.36 23.02
CA VAL B 136 16.36 51.45 22.68
C VAL B 136 17.74 52.11 22.78
N ASP B 137 17.81 53.43 22.58
CA ASP B 137 19.10 54.13 22.69
C ASP B 137 19.41 54.61 24.09
N THR B 138 18.38 54.84 24.90
CA THR B 138 18.59 55.30 26.26
C THR B 138 19.32 54.24 27.12
N GLU B 139 19.65 54.59 28.35
CA GLU B 139 20.46 53.74 29.18
C GLU B 139 19.64 52.61 29.79
N SER B 140 18.37 52.88 30.07
CA SER B 140 17.47 51.89 30.63
C SER B 140 16.85 51.01 29.54
N GLY B 141 17.00 51.43 28.28
CA GLY B 141 16.72 50.57 27.14
C GLY B 141 15.26 50.30 26.82
N ALA B 142 15.05 49.57 25.73
CA ALA B 142 13.71 49.18 25.30
C ALA B 142 13.23 47.91 26.01
N THR B 143 11.91 47.73 26.06
CA THR B 143 11.33 46.47 26.54
C THR B 143 10.33 45.92 25.54
N CYS B 144 10.71 44.84 24.91
CA CYS B 144 9.81 44.18 23.96
C CYS B 144 9.29 42.90 24.58
N ARG B 145 7.97 42.81 24.65
CA ARG B 145 7.29 41.62 25.15
C ARG B 145 6.88 40.69 23.99
N ILE B 146 7.15 39.40 24.12
CA ILE B 146 6.77 38.37 23.15
C ILE B 146 5.76 37.38 23.77
N LYS B 147 4.61 37.15 23.15
CA LYS B 147 3.66 36.22 23.73
C LYS B 147 3.58 34.93 22.92
N ILE B 148 3.68 33.79 23.62
CA ILE B 148 3.73 32.46 22.97
C ILE B 148 2.83 31.45 23.67
N GLY B 149 1.77 31.03 22.98
CA GLY B 149 0.86 30.06 23.53
C GLY B 149 0.38 29.00 22.57
N SER B 150 -0.46 28.10 23.08
CA SER B 150 -1.04 27.03 22.30
C SER B 150 -2.12 27.61 21.40
N TRP B 151 -2.02 27.40 20.10
CA TRP B 151 -2.98 28.04 19.21
C TRP B 151 -4.39 27.47 19.32
N THR B 152 -4.54 26.15 19.25
CA THR B 152 -5.88 25.55 19.20
C THR B 152 -6.30 24.77 20.42
N HIS B 153 -5.45 24.68 21.43
CA HIS B 153 -5.82 23.99 22.67
C HIS B 153 -5.94 24.89 23.88
N HIS B 154 -7.08 24.80 24.55
CA HIS B 154 -7.30 25.61 25.72
C HIS B 154 -6.65 25.02 26.96
N SER B 155 -6.71 25.75 28.08
CA SER B 155 -5.92 25.45 29.28
C SER B 155 -6.27 24.15 29.99
N ARG B 156 -7.35 23.52 29.56
CA ARG B 156 -7.71 22.24 30.13
C ARG B 156 -7.16 21.06 29.30
N GLU B 157 -6.51 21.38 28.18
CA GLU B 157 -5.84 20.35 27.37
C GLU B 157 -4.32 20.54 27.34
N ILE B 158 -3.85 21.77 27.15
CA ILE B 158 -2.42 22.07 27.17
C ILE B 158 -2.11 23.19 28.16
N SER B 159 -1.19 22.92 29.08
CA SER B 159 -0.75 23.90 30.06
C SER B 159 0.71 24.33 29.81
N VAL B 160 0.89 25.55 29.30
CA VAL B 160 2.23 26.10 29.03
C VAL B 160 2.87 26.57 30.33
N ASP B 161 4.20 26.71 30.36
CA ASP B 161 4.91 27.13 31.60
C ASP B 161 6.29 27.71 31.30
N PRO B 162 6.90 28.43 32.25
CA PRO B 162 8.26 28.91 31.95
C PRO B 162 9.29 28.16 32.79
N THR B 163 10.36 27.67 32.17
CA THR B 163 11.33 26.83 32.87
C THR B 163 12.16 27.63 33.87
N ASP B 168 23.45 33.88 32.47
CA ASP B 168 22.18 33.25 32.14
C ASP B 168 21.39 34.09 31.13
N ASP B 169 21.34 35.39 31.37
CA ASP B 169 20.62 36.30 30.49
C ASP B 169 21.23 36.31 29.09
N SER B 170 22.56 36.29 29.03
CA SER B 170 23.26 36.29 27.76
C SER B 170 24.36 35.24 27.73
N GLU B 171 23.96 33.97 27.80
CA GLU B 171 24.92 32.87 27.79
C GLU B 171 25.15 32.34 26.36
N TYR B 172 24.19 32.59 25.49
CA TYR B 172 24.25 32.11 24.11
C TYR B 172 24.07 33.27 23.16
N PHE B 173 24.15 34.49 23.70
CA PHE B 173 23.94 35.69 22.91
C PHE B 173 25.24 36.18 22.24
N SER B 174 25.21 36.28 20.91
CA SER B 174 26.39 36.67 20.13
C SER B 174 27.09 37.93 20.63
N GLN B 175 28.43 37.88 20.67
CA GLN B 175 29.19 39.06 21.07
C GLN B 175 29.39 40.10 19.94
N TYR B 176 28.92 39.76 18.75
CA TYR B 176 29.11 40.61 17.58
C TYR B 176 27.82 41.36 17.22
N SER B 177 26.87 41.36 18.14
CA SER B 177 25.61 42.06 17.93
C SER B 177 25.77 43.57 18.19
N ARG B 178 24.95 44.37 17.52
CA ARG B 178 24.85 45.80 17.80
C ARG B 178 24.19 46.08 19.15
N PHE B 179 23.54 45.07 19.72
CA PHE B 179 22.66 45.26 20.87
C PHE B 179 23.15 44.53 22.12
N GLU B 180 22.67 44.92 23.29
CA GLU B 180 23.00 44.18 24.51
C GLU B 180 21.80 43.83 25.37
N ILE B 181 21.87 42.67 26.02
CA ILE B 181 20.78 42.19 26.84
C ILE B 181 20.97 42.55 28.31
N LEU B 182 20.03 43.32 28.84
CA LEU B 182 20.05 43.76 30.24
C LEU B 182 19.38 42.74 31.15
N ASP B 183 18.19 42.29 30.76
CA ASP B 183 17.40 41.33 31.55
C ASP B 183 16.38 40.57 30.70
N VAL B 184 16.12 39.31 31.04
CA VAL B 184 15.10 38.53 30.35
C VAL B 184 14.27 37.78 31.36
N THR B 185 12.96 37.98 31.33
CA THR B 185 12.08 37.32 32.27
C THR B 185 10.96 36.54 31.57
N GLN B 186 10.32 35.63 32.30
CA GLN B 186 9.23 34.82 31.75
C GLN B 186 8.07 34.61 32.73
N LYS B 187 6.86 34.96 32.29
CA LYS B 187 5.68 34.85 33.14
C LYS B 187 4.59 34.00 32.48
N LYS B 188 4.05 33.06 33.24
CA LYS B 188 2.92 32.24 32.79
C LYS B 188 1.66 33.12 32.80
N ASN B 189 0.70 32.82 31.93
CA ASN B 189 -0.47 33.69 31.80
C ASN B 189 -1.67 32.96 31.18
N SER B 190 -2.80 32.95 31.84
CA SER B 190 -3.99 32.29 31.31
C SER B 190 -4.89 33.37 30.77
N VAL B 191 -5.23 33.35 29.48
CA VAL B 191 -6.11 34.42 28.97
C VAL B 191 -7.32 33.98 28.17
N THR B 192 -8.45 34.65 28.43
CA THR B 192 -9.70 34.43 27.69
C THR B 192 -9.90 35.51 26.64
N TYR B 193 -10.55 35.17 25.54
CA TYR B 193 -10.89 36.15 24.54
C TYR B 193 -12.40 36.15 24.34
N SER B 194 -12.94 37.25 23.86
CA SER B 194 -14.39 37.42 23.76
C SER B 194 -15.00 36.48 22.75
N CYS B 195 -14.17 35.81 21.95
CA CYS B 195 -14.64 34.81 21.00
C CYS B 195 -14.97 33.48 21.69
N CYS B 196 -13.97 32.88 22.35
CA CYS B 196 -14.10 31.53 22.89
C CYS B 196 -14.14 31.54 24.41
N PRO B 197 -15.16 30.87 24.99
CA PRO B 197 -15.39 30.73 26.44
C PRO B 197 -14.21 30.13 27.21
N GLU B 198 -13.27 29.50 26.51
CA GLU B 198 -12.15 28.83 27.17
C GLU B 198 -10.90 29.72 27.25
N ALA B 199 -10.03 29.43 28.21
CA ALA B 199 -8.77 30.16 28.36
C ALA B 199 -7.65 29.51 27.59
N TYR B 200 -6.64 30.29 27.22
CA TYR B 200 -5.46 29.76 26.57
C TYR B 200 -4.26 30.19 27.34
N GLU B 201 -3.51 29.24 27.85
CA GLU B 201 -2.29 29.62 28.54
C GLU B 201 -1.22 30.11 27.56
N ASP B 202 -0.45 31.10 27.98
CA ASP B 202 0.73 31.52 27.24
C ASP B 202 1.90 31.84 28.17
N VAL B 203 3.10 31.96 27.60
CA VAL B 203 4.21 32.55 28.32
C VAL B 203 4.51 33.89 27.70
N GLU B 204 4.69 34.91 28.56
CA GLU B 204 5.08 36.23 28.09
C GLU B 204 6.54 36.34 28.42
N VAL B 205 7.35 36.52 27.40
CA VAL B 205 8.78 36.71 27.60
C VAL B 205 9.06 38.18 27.44
N SER B 206 9.65 38.79 28.46
CA SER B 206 9.96 40.21 28.44
C SER B 206 11.46 40.45 28.33
N LEU B 207 11.91 40.85 27.15
CA LEU B 207 13.32 41.08 26.86
C LEU B 207 13.65 42.55 26.98
N ASN B 208 14.63 42.88 27.81
CA ASN B 208 15.05 44.26 27.99
C ASN B 208 16.45 44.48 27.42
N PHE B 209 16.54 45.31 26.37
CA PHE B 209 17.77 45.44 25.60
C PHE B 209 18.02 46.88 25.13
N ARG B 210 19.27 47.16 24.76
CA ARG B 210 19.65 48.48 24.25
C ARG B 210 20.75 48.36 23.21
N LYS B 211 20.93 49.44 22.45
CA LYS B 211 22.00 49.56 21.46
C LYS B 211 23.29 49.74 22.23
N LYS B 212 24.41 49.30 21.66
CA LYS B 212 25.70 49.31 22.37
C LYS B 212 26.39 50.68 22.41
N GLY B 213 26.82 51.08 23.60
CA GLY B 213 27.57 52.31 23.81
C GLY B 213 28.55 52.13 24.97
N TYR C 2 -16.92 17.34 29.01
CA TYR C 2 -16.00 18.39 29.42
C TYR C 2 -15.07 17.90 30.51
N LYS C 3 -15.62 17.15 31.46
CA LYS C 3 -14.81 16.52 32.50
C LYS C 3 -14.00 15.37 31.91
N ASP C 4 -14.45 14.86 30.76
CA ASP C 4 -13.81 13.72 30.12
C ASP C 4 -13.02 14.13 28.88
N ASP C 5 -12.54 15.39 28.89
CA ASP C 5 -11.90 16.02 27.73
C ASP C 5 -10.49 15.53 27.44
N ASP C 6 -9.89 14.80 28.38
CA ASP C 6 -8.51 14.37 28.21
C ASP C 6 -8.32 12.85 28.19
N ASP C 7 -9.31 12.09 27.76
CA ASP C 7 -9.03 10.68 27.53
C ASP C 7 -8.29 10.65 26.19
N LYS C 8 -7.01 10.28 26.21
CA LYS C 8 -6.21 10.25 25.00
C LYS C 8 -6.86 9.27 24.03
N LEU C 9 -7.45 8.20 24.59
CA LEU C 9 -8.08 7.17 23.77
C LEU C 9 -9.40 7.60 23.13
N ASP C 10 -10.29 8.21 23.91
CA ASP C 10 -11.53 8.77 23.35
C ASP C 10 -11.22 9.80 22.24
N ARG C 11 -10.19 10.62 22.47
CA ARG C 11 -9.78 11.60 21.46
C ARG C 11 -9.29 10.94 20.17
N ALA C 12 -8.33 10.03 20.28
CA ALA C 12 -7.88 9.26 19.14
C ALA C 12 -9.04 8.65 18.38
N ASP C 13 -10.05 8.14 19.10
CA ASP C 13 -11.19 7.52 18.43
C ASP C 13 -12.05 8.49 17.62
N ILE C 14 -12.18 9.72 18.10
CA ILE C 14 -12.91 10.78 17.38
C ILE C 14 -12.18 11.22 16.11
N LEU C 15 -10.86 11.34 16.21
CA LEU C 15 -10.03 11.68 15.08
C LEU C 15 -10.15 10.62 13.97
N TYR C 16 -10.09 9.34 14.38
CA TYR C 16 -10.30 8.22 13.47
C TYR C 16 -11.65 8.32 12.79
N ASN C 17 -12.68 8.56 13.58
CA ASN C 17 -14.02 8.68 13.08
C ASN C 17 -14.16 9.79 12.06
N ILE C 18 -13.67 10.96 12.39
CA ILE C 18 -13.68 12.10 11.48
C ILE C 18 -12.96 11.78 10.16
N ARG C 19 -11.79 11.16 10.23
CA ARG C 19 -11.06 10.80 9.01
C ARG C 19 -11.77 9.81 8.07
N GLN C 20 -12.69 9.02 8.60
CA GLN C 20 -13.44 8.09 7.77
C GLN C 20 -14.62 8.76 7.07
N THR C 21 -15.39 9.54 7.80
CA THR C 21 -16.57 10.19 7.24
C THR C 21 -16.19 11.37 6.35
N SER C 22 -15.04 11.95 6.61
CA SER C 22 -14.71 13.23 6.00
C SER C 22 -14.27 13.04 4.58
N ARG C 23 -14.93 13.75 3.67
CA ARG C 23 -14.59 13.73 2.26
C ARG C 23 -13.99 15.07 1.86
N PRO C 24 -12.65 15.19 1.95
CA PRO C 24 -11.97 16.48 1.83
C PRO C 24 -12.21 17.24 0.53
N ASP C 25 -12.59 16.55 -0.54
CA ASP C 25 -12.74 17.24 -1.82
C ASP C 25 -14.20 17.58 -2.19
N VAL C 26 -15.13 17.28 -1.30
CA VAL C 26 -16.54 17.39 -1.63
C VAL C 26 -17.25 18.35 -0.69
N ILE C 27 -17.95 19.34 -1.26
CA ILE C 27 -18.68 20.30 -0.43
C ILE C 27 -19.77 19.60 0.40
N PRO C 28 -19.79 19.88 1.71
CA PRO C 28 -20.67 19.15 2.63
C PRO C 28 -22.06 19.78 2.68
N THR C 29 -22.78 19.67 1.58
CA THR C 29 -24.16 20.10 1.50
C THR C 29 -25.02 19.19 2.39
N GLN C 30 -26.10 19.76 2.89
CA GLN C 30 -27.13 19.01 3.60
C GLN C 30 -28.51 19.40 3.08
N ARG C 31 -29.33 18.42 2.74
CA ARG C 31 -30.72 18.66 2.35
C ARG C 31 -30.87 19.64 1.19
N ASP C 32 -29.97 19.55 0.21
CA ASP C 32 -30.06 20.38 -0.99
C ASP C 32 -30.08 21.88 -0.69
N ARG C 33 -29.28 22.29 0.29
CA ARG C 33 -29.16 23.70 0.66
C ARG C 33 -27.72 24.05 0.41
N PRO C 34 -27.42 25.32 0.13
CA PRO C 34 -26.01 25.66 -0.05
C PRO C 34 -25.30 25.55 1.29
N VAL C 35 -24.00 25.38 1.28
CA VAL C 35 -23.28 25.39 2.53
C VAL C 35 -23.22 26.84 2.99
N ALA C 36 -23.65 27.10 4.21
CA ALA C 36 -23.51 28.43 4.76
C ALA C 36 -22.17 28.48 5.47
N VAL C 37 -21.35 29.47 5.12
CA VAL C 37 -20.02 29.61 5.72
C VAL C 37 -19.97 30.99 6.31
N SER C 38 -19.57 31.09 7.57
CA SER C 38 -19.44 32.38 8.20
C SER C 38 -18.04 32.90 8.07
N VAL C 39 -17.89 34.11 7.54
CA VAL C 39 -16.57 34.70 7.33
C VAL C 39 -16.46 36.08 7.96
N SER C 40 -15.40 36.28 8.75
CA SER C 40 -15.13 37.58 9.33
C SER C 40 -13.63 37.82 9.46
N LEU C 41 -13.23 39.09 9.45
CA LEU C 41 -11.85 39.45 9.75
C LEU C 41 -11.82 40.13 11.09
N LYS C 42 -10.67 40.04 11.75
CA LYS C 42 -10.34 40.91 12.87
C LYS C 42 -8.89 41.35 12.67
N PHE C 43 -8.68 42.66 12.58
CA PHE C 43 -7.36 43.15 12.23
C PHE C 43 -6.36 43.07 13.37
N ILE C 44 -5.12 42.68 13.06
CA ILE C 44 -4.12 42.57 14.12
C ILE C 44 -3.05 43.64 13.97
N ASN C 45 -2.67 43.95 12.73
CA ASN C 45 -1.67 44.95 12.49
C ASN C 45 -1.81 45.56 11.12
N ILE C 46 -1.12 46.68 10.94
CA ILE C 46 -0.79 47.23 9.62
C ILE C 46 0.73 47.43 9.57
N LEU C 47 1.37 46.87 8.55
CA LEU C 47 2.83 46.89 8.44
C LEU C 47 3.36 47.90 7.42
N GLU C 48 2.75 47.92 6.23
CA GLU C 48 3.18 48.82 5.17
C GLU C 48 2.02 49.58 4.54
N VAL C 49 2.16 50.89 4.42
CA VAL C 49 1.21 51.71 3.68
C VAL C 49 1.95 52.50 2.61
N ASN C 50 1.45 52.45 1.38
CA ASN C 50 2.08 53.21 0.32
C ASN C 50 1.02 54.05 -0.35
N GLU C 51 1.09 55.36 -0.17
CA GLU C 51 0.05 56.22 -0.72
C GLU C 51 0.16 56.38 -2.24
N ILE C 52 1.39 56.31 -2.74
CA ILE C 52 1.63 56.38 -4.17
C ILE C 52 0.93 55.25 -4.90
N THR C 53 1.37 54.03 -4.65
CA THR C 53 0.92 52.85 -5.39
C THR C 53 -0.43 52.28 -4.93
N ASN C 54 -0.91 52.78 -3.79
CA ASN C 54 -2.18 52.34 -3.20
C ASN C 54 -2.19 50.90 -2.65
N GLU C 55 -1.19 50.57 -1.82
CA GLU C 55 -1.15 49.24 -1.26
C GLU C 55 -0.97 49.22 0.25
N VAL C 56 -1.37 48.10 0.87
CA VAL C 56 -1.29 47.92 2.32
C VAL C 56 -0.97 46.50 2.73
N ASP C 57 0.01 46.36 3.61
CA ASP C 57 0.32 45.08 4.23
C ASP C 57 -0.46 44.97 5.54
N VAL C 58 -1.23 43.89 5.68
CA VAL C 58 -1.96 43.68 6.91
C VAL C 58 -1.80 42.25 7.41
N VAL C 59 -1.79 42.13 8.73
CA VAL C 59 -1.95 40.87 9.43
C VAL C 59 -3.37 40.88 10.01
N PHE C 60 -4.22 40.02 9.48
CA PHE C 60 -5.59 39.95 9.98
C PHE C 60 -5.89 38.54 10.46
N TRP C 61 -6.84 38.43 11.38
CA TRP C 61 -7.25 37.13 11.92
C TRP C 61 -8.53 36.67 11.24
N GLN C 62 -8.44 35.63 10.43
CA GLN C 62 -9.55 35.22 9.58
C GLN C 62 -10.45 34.17 10.23
N GLN C 63 -11.63 34.58 10.65
CA GLN C 63 -12.58 33.68 11.30
C GLN C 63 -13.48 33.03 10.29
N THR C 64 -13.39 31.72 10.19
CA THR C 64 -14.21 31.02 9.21
C THR C 64 -14.82 29.82 9.92
N THR C 65 -16.13 29.64 9.79
CA THR C 65 -16.80 28.48 10.38
C THR C 65 -17.89 28.00 9.45
N TRP C 66 -18.21 26.72 9.52
CA TRP C 66 -19.34 26.15 8.80
C TRP C 66 -19.74 24.87 9.49
N SER C 67 -20.75 24.19 8.96
CA SER C 67 -21.13 22.92 9.56
C SER C 67 -21.21 21.73 8.58
N ASP C 68 -20.94 20.54 9.11
CA ASP C 68 -21.04 19.29 8.37
C ASP C 68 -21.56 18.25 9.35
N ARG C 69 -22.88 18.12 9.46
CA ARG C 69 -23.49 17.25 10.46
C ARG C 69 -23.11 15.78 10.34
N THR C 70 -22.56 15.39 9.19
CA THR C 70 -22.04 14.02 9.03
C THR C 70 -20.82 13.74 9.93
N LEU C 71 -20.28 14.78 10.58
CA LEU C 71 -19.14 14.60 11.46
C LEU C 71 -19.54 14.57 12.92
N ALA C 72 -20.82 14.86 13.20
CA ALA C 72 -21.31 14.99 14.58
C ALA C 72 -21.08 13.73 15.40
N TRP C 73 -21.03 13.85 16.71
CA TRP C 73 -20.98 12.67 17.58
C TRP C 73 -21.57 12.95 18.96
N ASN C 74 -21.88 11.89 19.70
CA ASN C 74 -22.44 12.05 21.05
C ASN C 74 -21.34 12.32 22.09
N SER C 75 -21.32 13.54 22.62
CA SER C 75 -20.22 13.97 23.49
C SER C 75 -20.61 13.99 24.96
N SER C 76 -21.57 13.16 25.32
CA SER C 76 -22.05 13.11 26.69
C SER C 76 -20.96 12.62 27.64
N HIS C 77 -20.13 11.70 27.17
CA HIS C 77 -19.10 11.12 28.02
C HIS C 77 -17.76 11.02 27.32
N SER C 78 -17.52 11.95 26.39
CA SER C 78 -16.31 11.98 25.59
C SER C 78 -16.04 13.44 25.25
N PRO C 79 -14.86 13.74 24.66
CA PRO C 79 -14.51 15.15 24.40
C PRO C 79 -15.49 15.94 23.54
N ASP C 80 -15.63 17.22 23.85
CA ASP C 80 -16.56 18.09 23.13
CA ASP C 80 -16.56 18.12 23.15
C ASP C 80 -15.98 18.64 21.83
N GLN C 81 -14.65 18.82 21.81
CA GLN C 81 -13.93 19.30 20.62
C GLN C 81 -12.61 18.58 20.47
N VAL C 82 -12.10 18.54 19.25
CA VAL C 82 -10.77 18.05 18.97
C VAL C 82 -10.10 18.92 17.92
N SER C 83 -8.77 18.93 17.91
CA SER C 83 -8.05 19.58 16.82
C SER C 83 -7.84 18.58 15.71
N VAL C 84 -7.82 19.07 14.48
CA VAL C 84 -7.71 18.22 13.31
C VAL C 84 -6.86 18.93 12.27
N PRO C 85 -5.92 18.21 11.65
CA PRO C 85 -5.14 18.79 10.54
C PRO C 85 -6.08 19.07 9.38
N ILE C 86 -5.99 20.25 8.77
CA ILE C 86 -7.00 20.64 7.78
C ILE C 86 -6.94 19.92 6.45
N SER C 87 -5.96 19.04 6.30
CA SER C 87 -5.88 18.20 5.12
C SER C 87 -6.92 17.07 5.20
N SER C 88 -7.45 16.84 6.40
CA SER C 88 -8.41 15.78 6.63
C SER C 88 -9.86 16.21 6.43
N LEU C 89 -10.10 17.52 6.35
CA LEU C 89 -11.45 18.03 6.14
C LEU C 89 -11.60 18.81 4.86
N TRP C 90 -12.83 18.95 4.40
CA TRP C 90 -13.11 19.97 3.42
C TRP C 90 -12.91 21.35 4.06
N VAL C 91 -12.31 22.26 3.31
CA VAL C 91 -12.10 23.65 3.72
C VAL C 91 -12.68 24.51 2.60
N PRO C 92 -13.21 25.70 2.91
CA PRO C 92 -13.71 26.45 1.75
C PRO C 92 -12.63 27.22 1.00
N ASP C 93 -12.74 27.19 -0.34
CA ASP C 93 -11.85 27.91 -1.27
C ASP C 93 -12.13 29.40 -1.29
N LEU C 94 -11.68 30.10 -0.25
CA LEU C 94 -11.88 31.54 -0.19
C LEU C 94 -10.74 32.22 -0.93
N ALA C 95 -10.99 33.43 -1.40
CA ALA C 95 -9.99 34.16 -2.12
C ALA C 95 -10.31 35.62 -1.93
N ALA C 96 -9.28 36.44 -1.74
CA ALA C 96 -9.50 37.88 -1.67
C ALA C 96 -9.25 38.46 -3.07
N TYR C 97 -10.24 39.16 -3.60
CA TYR C 97 -10.20 39.65 -4.97
C TYR C 97 -9.10 40.69 -5.21
N ASN C 98 -8.90 41.59 -4.24
CA ASN C 98 -7.93 42.69 -4.38
C ASN C 98 -6.58 42.40 -3.75
N ALA C 99 -6.25 41.12 -3.60
CA ALA C 99 -4.98 40.70 -3.04
C ALA C 99 -3.94 40.59 -4.14
N ILE C 100 -2.69 40.95 -3.83
CA ILE C 100 -1.61 40.97 -4.81
C ILE C 100 -0.39 40.12 -4.42
N SER C 101 -0.50 39.34 -3.36
CA SER C 101 0.57 38.44 -2.98
C SER C 101 -0.07 37.17 -2.44
N LYS C 102 0.64 36.05 -2.51
CA LYS C 102 0.17 34.82 -1.88
C LYS C 102 -0.11 35.13 -0.41
N PRO C 103 -1.22 34.63 0.12
CA PRO C 103 -1.41 34.80 1.56
C PRO C 103 -0.37 33.97 2.33
N GLU C 104 0.11 34.50 3.44
CA GLU C 104 1.14 33.86 4.24
C GLU C 104 0.53 33.49 5.60
N VAL C 105 0.38 32.18 5.86
CA VAL C 105 -0.26 31.73 7.09
C VAL C 105 0.71 31.66 8.28
N LEU C 106 0.37 32.38 9.33
CA LEU C 106 1.26 32.62 10.46
C LEU C 106 1.06 31.65 11.60
N THR C 107 0.01 30.84 11.52
CA THR C 107 -0.31 29.95 12.63
C THR C 107 -0.38 28.51 12.16
N PRO C 108 -0.36 27.54 13.09
CA PRO C 108 -0.47 26.14 12.67
C PRO C 108 -1.78 25.91 11.92
N GLN C 109 -1.74 25.04 10.92
CA GLN C 109 -2.93 24.82 10.11
C GLN C 109 -3.85 23.73 10.64
N LEU C 110 -4.47 24.01 11.79
CA LEU C 110 -5.40 23.11 12.46
C LEU C 110 -6.80 23.70 12.52
N ALA C 111 -7.80 22.84 12.38
CA ALA C 111 -9.16 23.26 12.63
C ALA C 111 -9.68 22.60 13.92
N ARG C 112 -10.67 23.22 14.57
CA ARG C 112 -11.40 22.56 15.65
C ARG C 112 -12.69 21.98 15.09
N VAL C 113 -13.04 20.77 15.51
CA VAL C 113 -14.33 20.21 15.18
C VAL C 113 -15.15 20.09 16.48
N VAL C 114 -16.39 20.57 16.46
CA VAL C 114 -17.26 20.47 17.62
C VAL C 114 -18.25 19.29 17.47
N SER C 115 -18.54 18.62 18.58
CA SER C 115 -19.46 17.50 18.62
C SER C 115 -20.77 17.67 17.85
N ASP C 116 -21.27 18.91 17.75
CA ASP C 116 -22.55 19.16 17.06
C ASP C 116 -22.47 19.28 15.55
N GLY C 117 -21.26 19.19 15.01
CA GLY C 117 -21.05 19.15 13.57
C GLY C 117 -20.54 20.47 13.02
N GLU C 118 -20.03 21.33 13.89
CA GLU C 118 -19.49 22.60 13.47
C GLU C 118 -17.97 22.48 13.28
N VAL C 119 -17.45 23.23 12.33
CA VAL C 119 -16.02 23.24 12.07
C VAL C 119 -15.50 24.69 12.15
N LEU C 120 -14.43 24.89 12.89
CA LEU C 120 -13.83 26.22 12.98
C LEU C 120 -12.41 26.19 12.44
N TYR C 121 -12.14 26.99 11.41
CA TYR C 121 -10.79 27.24 10.95
C TYR C 121 -10.48 28.73 11.08
N MET C 122 -9.56 29.08 11.98
CA MET C 122 -9.28 30.48 12.24
C MET C 122 -7.78 30.82 12.15
N PRO C 123 -7.24 30.83 10.93
CA PRO C 123 -5.82 31.16 10.71
C PRO C 123 -5.50 32.66 10.85
N SER C 124 -4.25 32.93 11.22
CA SER C 124 -3.73 34.29 11.21
C SER C 124 -2.92 34.52 9.93
N ILE C 125 -3.22 35.59 9.22
CA ILE C 125 -2.71 35.79 7.86
C ILE C 125 -2.05 37.18 7.60
N ARG C 126 -0.84 37.16 7.05
CA ARG C 126 -0.25 38.40 6.54
C ARG C 126 -0.42 38.40 5.05
N GLN C 127 -1.05 39.44 4.49
CA GLN C 127 -1.27 39.54 3.05
C GLN C 127 -1.27 40.98 2.54
N ARG C 128 -1.10 41.16 1.23
CA ARG C 128 -0.91 42.46 0.63
C ARG C 128 -2.04 42.81 -0.36
N PHE C 129 -2.72 43.93 -0.14
CA PHE C 129 -3.87 44.28 -0.96
C PHE C 129 -3.69 45.59 -1.71
N SER C 130 -4.38 45.72 -2.84
CA SER C 130 -4.44 46.99 -3.58
C SER C 130 -5.79 47.65 -3.35
N CYS C 131 -5.75 48.85 -2.79
CA CYS C 131 -6.95 49.56 -2.30
C CYS C 131 -6.73 51.06 -2.16
N ASP C 132 -7.82 51.81 -2.00
CA ASP C 132 -7.73 53.27 -1.84
C ASP C 132 -7.17 53.69 -0.48
N VAL C 133 -5.94 54.20 -0.48
CA VAL C 133 -5.29 54.64 0.75
C VAL C 133 -5.13 56.14 0.79
N SER C 134 -6.12 56.87 0.29
CA SER C 134 -6.04 58.33 0.30
C SER C 134 -6.88 58.87 1.47
N GLY C 135 -6.30 59.79 2.22
CA GLY C 135 -6.96 60.35 3.38
C GLY C 135 -6.31 59.86 4.66
N VAL C 136 -5.21 59.14 4.51
CA VAL C 136 -4.64 58.42 5.62
C VAL C 136 -3.92 59.33 6.60
N ASP C 137 -3.61 60.55 6.16
CA ASP C 137 -2.97 61.54 7.02
C ASP C 137 -3.92 62.63 7.50
N THR C 138 -5.21 62.30 7.43
CA THR C 138 -6.34 63.18 7.70
C THR C 138 -7.30 62.54 8.72
N GLU C 139 -8.13 63.37 9.33
CA GLU C 139 -8.87 63.08 10.55
C GLU C 139 -9.95 62.03 10.30
N SER C 140 -10.59 62.12 9.13
CA SER C 140 -11.61 61.16 8.71
C SER C 140 -10.99 59.82 8.35
N GLY C 141 -9.75 59.85 7.87
CA GLY C 141 -9.02 58.64 7.54
C GLY C 141 -9.17 58.17 6.11
N ALA C 142 -8.54 57.02 5.80
CA ALA C 142 -8.69 56.37 4.50
C ALA C 142 -9.61 55.16 4.65
N THR C 143 -10.46 54.94 3.66
CA THR C 143 -11.32 53.76 3.70
C THR C 143 -10.89 52.78 2.63
N CYS C 144 -10.54 51.58 3.08
CA CYS C 144 -10.03 50.52 2.20
C CYS C 144 -10.88 49.26 2.34
N ARG C 145 -11.22 48.65 1.21
CA ARG C 145 -12.10 47.49 1.20
C ARG C 145 -11.36 46.21 0.83
N ILE C 146 -11.80 45.10 1.41
CA ILE C 146 -11.28 43.79 1.05
C ILE C 146 -12.46 42.94 0.66
N LYS C 147 -12.42 42.37 -0.54
CA LYS C 147 -13.51 41.52 -1.05
C LYS C 147 -13.15 40.03 -1.04
N ILE C 148 -13.79 39.26 -0.19
CA ILE C 148 -13.46 37.84 -0.01
C ILE C 148 -14.63 36.94 -0.36
N GLY C 149 -14.52 36.16 -1.43
CA GLY C 149 -15.59 35.27 -1.83
C GLY C 149 -15.09 33.89 -2.17
N SER C 150 -16.01 32.96 -2.39
CA SER C 150 -15.63 31.62 -2.84
C SER C 150 -15.24 31.67 -4.31
N TRP C 151 -14.16 30.97 -4.65
CA TRP C 151 -13.61 31.08 -5.98
C TRP C 151 -14.34 30.20 -7.02
N THR C 152 -14.49 28.91 -6.73
CA THR C 152 -15.07 28.01 -7.74
C THR C 152 -16.55 27.69 -7.58
N HIS C 153 -17.07 27.89 -6.38
CA HIS C 153 -18.43 27.53 -6.07
C HIS C 153 -19.37 28.73 -6.06
N HIS C 154 -20.35 28.76 -6.96
CA HIS C 154 -21.34 29.82 -6.98
C HIS C 154 -22.33 29.74 -5.81
N SER C 155 -23.20 30.73 -5.72
CA SER C 155 -24.11 30.90 -4.59
C SER C 155 -25.09 29.74 -4.40
N ARG C 156 -25.33 29.01 -5.47
CA ARG C 156 -26.19 27.84 -5.44
C ARG C 156 -25.58 26.72 -4.55
N GLU C 157 -24.26 26.75 -4.35
CA GLU C 157 -23.58 25.71 -3.60
C GLU C 157 -22.91 26.22 -2.31
N ILE C 158 -22.31 27.39 -2.40
CA ILE C 158 -21.68 27.99 -1.24
C ILE C 158 -22.12 29.43 -1.10
N SER C 159 -22.60 29.76 0.10
CA SER C 159 -22.92 31.14 0.47
C SER C 159 -22.02 31.56 1.61
N VAL C 160 -21.48 32.76 1.56
CA VAL C 160 -20.64 33.28 2.64
C VAL C 160 -21.31 34.44 3.35
N ASP C 161 -21.45 34.34 4.67
CA ASP C 161 -22.11 35.36 5.47
C ASP C 161 -21.27 35.90 6.63
N PRO C 162 -21.25 37.22 6.79
CA PRO C 162 -20.59 37.87 7.92
C PRO C 162 -21.37 37.72 9.22
N THR C 163 -20.68 37.36 10.30
CA THR C 163 -21.32 37.06 11.57
C THR C 163 -21.81 38.34 12.27
N ASP C 169 -13.80 48.67 15.46
CA ASP C 169 -13.52 47.87 16.65
C ASP C 169 -12.38 46.89 16.42
N SER C 170 -11.25 47.15 17.06
CA SER C 170 -10.07 46.30 16.92
C SER C 170 -9.50 45.93 18.28
N GLU C 171 -10.19 45.04 18.99
CA GLU C 171 -9.75 44.60 20.31
C GLU C 171 -8.40 43.88 20.23
N TYR C 172 -8.24 43.06 19.20
CA TYR C 172 -7.00 42.31 19.01
C TYR C 172 -6.02 43.08 18.14
N PHE C 173 -6.23 44.39 18.02
CA PHE C 173 -5.36 45.25 17.22
C PHE C 173 -4.19 45.78 18.05
N SER C 174 -2.98 45.62 17.51
CA SER C 174 -1.72 45.97 18.17
C SER C 174 -1.66 47.42 18.62
N GLN C 175 -1.16 47.64 19.84
CA GLN C 175 -0.98 48.98 20.35
C GLN C 175 0.19 49.69 19.67
N TYR C 176 1.14 48.91 19.18
CA TYR C 176 2.41 49.43 18.67
C TYR C 176 2.39 49.77 17.18
N SER C 177 1.24 49.58 16.54
CA SER C 177 1.08 49.96 15.13
C SER C 177 1.08 51.48 14.92
N ARG C 178 1.61 51.93 13.76
CA ARG C 178 1.65 53.36 13.46
C ARG C 178 0.27 53.91 13.16
N PHE C 179 -0.71 53.02 12.97
CA PHE C 179 -2.06 53.40 12.54
C PHE C 179 -3.11 53.07 13.58
N GLU C 180 -4.31 53.61 13.40
CA GLU C 180 -5.39 53.38 14.35
C GLU C 180 -6.66 53.07 13.59
N ILE C 181 -7.46 52.16 14.13
CA ILE C 181 -8.71 51.83 13.47
C ILE C 181 -9.83 52.73 13.98
N LEU C 182 -10.71 53.16 13.07
CA LEU C 182 -11.81 54.02 13.43
C LEU C 182 -13.12 53.26 13.34
N ASP C 183 -13.31 52.52 12.24
CA ASP C 183 -14.52 51.72 12.05
C ASP C 183 -14.23 50.46 11.22
N VAL C 184 -14.92 49.35 11.51
CA VAL C 184 -14.84 48.18 10.63
C VAL C 184 -16.23 47.66 10.35
N THR C 185 -16.67 47.76 9.10
CA THR C 185 -17.97 47.23 8.71
C THR C 185 -17.83 46.00 7.78
N GLN C 186 -18.86 45.16 7.70
CA GLN C 186 -18.86 43.95 6.85
C GLN C 186 -20.17 43.75 6.04
N LYS C 187 -20.10 43.84 4.72
CA LYS C 187 -21.27 43.68 3.84
C LYS C 187 -21.22 42.43 2.97
N LYS C 188 -22.40 41.93 2.60
CA LYS C 188 -22.56 40.80 1.69
C LYS C 188 -22.93 41.23 0.27
N ASN C 189 -22.11 40.87 -0.71
CA ASN C 189 -22.41 41.12 -2.12
C ASN C 189 -22.71 39.84 -2.90
N SER C 190 -23.35 39.98 -4.04
CA SER C 190 -23.67 38.83 -4.90
C SER C 190 -23.59 39.22 -6.38
N VAL C 191 -22.41 39.04 -6.97
CA VAL C 191 -22.09 39.56 -8.28
C VAL C 191 -22.16 38.50 -9.38
N THR C 192 -22.70 38.86 -10.53
CA THR C 192 -22.63 37.99 -11.71
C THR C 192 -21.62 38.54 -12.70
N TYR C 193 -20.57 37.77 -12.99
CA TYR C 193 -19.53 38.23 -13.89
C TYR C 193 -19.93 37.90 -15.31
N SER C 194 -19.47 38.71 -16.27
CA SER C 194 -19.85 38.53 -17.67
C SER C 194 -19.36 37.19 -18.23
N CYS C 195 -18.46 36.53 -17.50
CA CYS C 195 -17.92 35.24 -17.91
C CYS C 195 -18.91 34.07 -17.71
N CYS C 196 -19.49 34.01 -16.51
CA CYS C 196 -20.31 32.89 -16.08
C CYS C 196 -21.76 33.32 -15.83
N PRO C 197 -22.74 32.44 -16.09
CA PRO C 197 -24.13 32.88 -15.94
C PRO C 197 -24.57 32.91 -14.48
N GLU C 198 -23.76 32.36 -13.58
CA GLU C 198 -24.15 32.23 -12.18
C GLU C 198 -23.55 33.31 -11.28
N ALA C 199 -24.09 33.40 -10.07
CA ALA C 199 -23.65 34.42 -9.11
C ALA C 199 -22.69 33.88 -8.04
N TYR C 200 -21.58 34.58 -7.85
CA TYR C 200 -20.63 34.26 -6.80
C TYR C 200 -20.87 35.22 -5.61
N GLU C 201 -20.96 34.69 -4.40
CA GLU C 201 -21.16 35.56 -3.26
C GLU C 201 -19.84 35.90 -2.58
N ASP C 202 -19.85 36.98 -1.82
CA ASP C 202 -18.66 37.47 -1.14
C ASP C 202 -18.96 38.43 -0.01
N VAL C 203 -18.05 38.49 0.95
CA VAL C 203 -18.10 39.49 2.00
C VAL C 203 -17.20 40.67 1.66
N GLU C 204 -17.73 41.88 1.73
CA GLU C 204 -16.88 43.06 1.63
C GLU C 204 -16.51 43.53 3.02
N VAL C 205 -15.24 43.79 3.27
CA VAL C 205 -14.83 44.35 4.54
C VAL C 205 -14.24 45.72 4.33
N SER C 206 -15.02 46.75 4.67
CA SER C 206 -14.55 48.13 4.62
C SER C 206 -13.88 48.48 5.95
N LEU C 207 -12.74 49.12 5.84
CA LEU C 207 -11.94 49.47 7.00
C LEU C 207 -11.52 50.93 6.93
N ASN C 208 -12.00 51.73 7.88
CA ASN C 208 -11.52 53.10 8.03
C ASN C 208 -10.37 53.19 9.03
N PHE C 209 -9.22 53.68 8.57
CA PHE C 209 -8.03 53.77 9.43
C PHE C 209 -7.19 55.01 9.11
N ARG C 210 -6.35 55.43 10.06
CA ARG C 210 -5.51 56.62 9.85
C ARG C 210 -4.27 56.59 10.72
N LYS C 211 -3.29 57.42 10.37
CA LYS C 211 -2.02 57.51 11.09
C LYS C 211 -2.25 58.12 12.48
N LYS C 212 -1.38 57.82 13.44
CA LYS C 212 -1.45 58.48 14.74
C LYS C 212 -0.52 59.70 14.83
N GLY C 213 -0.67 60.47 15.90
CA GLY C 213 0.21 61.60 16.16
C GLY C 213 -0.35 62.56 17.19
N ASP D 1 -29.30 18.57 -14.05
CA ASP D 1 -30.07 19.80 -13.91
C ASP D 1 -29.66 20.59 -12.66
N TYR D 2 -29.90 21.91 -12.69
CA TYR D 2 -29.52 22.80 -11.59
C TYR D 2 -30.22 22.44 -10.27
N LYS D 3 -31.32 21.71 -10.36
CA LYS D 3 -32.13 21.38 -9.20
C LYS D 3 -31.45 20.32 -8.32
N ASP D 4 -30.65 19.45 -8.93
CA ASP D 4 -29.92 18.41 -8.21
C ASP D 4 -28.47 18.80 -7.88
N ASP D 5 -28.07 20.05 -8.03
CA ASP D 5 -26.66 20.28 -7.93
C ASP D 5 -26.01 19.84 -6.63
N ASP D 6 -26.66 20.02 -5.51
CA ASP D 6 -26.00 19.81 -4.21
C ASP D 6 -25.96 18.42 -3.51
N ASP D 7 -26.53 17.36 -4.10
CA ASP D 7 -26.68 16.11 -3.32
C ASP D 7 -25.30 15.55 -3.00
N LYS D 8 -24.92 15.60 -1.73
CA LYS D 8 -23.55 15.27 -1.37
C LYS D 8 -23.07 13.90 -1.89
N LEU D 9 -23.91 12.87 -1.81
CA LEU D 9 -23.53 11.54 -2.28
C LEU D 9 -23.34 11.48 -3.79
N ASP D 10 -24.17 12.20 -4.55
CA ASP D 10 -24.04 12.23 -6.00
C ASP D 10 -22.75 12.89 -6.43
N ARG D 11 -22.41 14.01 -5.81
CA ARG D 11 -21.17 14.72 -6.11
C ARG D 11 -19.95 13.84 -5.88
N ALA D 12 -19.93 13.14 -4.76
CA ALA D 12 -18.82 12.25 -4.44
C ALA D 12 -18.62 11.18 -5.50
N ASP D 13 -19.70 10.63 -6.02
CA ASP D 13 -19.60 9.60 -7.05
C ASP D 13 -19.03 10.18 -8.34
N ILE D 14 -19.48 11.39 -8.71
CA ILE D 14 -18.92 12.07 -9.87
C ILE D 14 -17.42 12.29 -9.69
N LEU D 15 -17.01 12.77 -8.52
CA LEU D 15 -15.59 12.91 -8.22
C LEU D 15 -14.81 11.57 -8.32
N TYR D 16 -15.46 10.47 -7.94
CA TYR D 16 -14.86 9.15 -7.98
C TYR D 16 -14.68 8.64 -9.42
N ASN D 17 -15.75 8.79 -10.21
CA ASN D 17 -15.69 8.43 -11.62
C ASN D 17 -14.59 9.22 -12.34
N ILE D 18 -14.52 10.52 -12.07
CA ILE D 18 -13.50 11.38 -12.67
C ILE D 18 -12.09 10.88 -12.39
N ARG D 19 -11.78 10.53 -11.14
CA ARG D 19 -10.47 9.96 -10.86
C ARG D 19 -10.20 8.60 -11.50
N GLN D 20 -11.20 7.70 -11.59
CA GLN D 20 -11.02 6.40 -12.24
C GLN D 20 -10.72 6.48 -13.75
N THR D 21 -11.06 7.61 -14.35
CA THR D 21 -11.01 7.75 -15.80
C THR D 21 -9.90 8.69 -16.25
N SER D 22 -9.67 9.73 -15.44
CA SER D 22 -8.71 10.75 -15.74
C SER D 22 -7.32 10.14 -15.69
N ARG D 23 -6.50 10.45 -16.68
CA ARG D 23 -5.09 10.12 -16.66
C ARG D 23 -4.35 11.44 -16.69
N PRO D 24 -3.75 11.81 -15.55
CA PRO D 24 -3.19 13.15 -15.39
C PRO D 24 -2.01 13.48 -16.30
N ASP D 25 -1.30 12.48 -16.78
CA ASP D 25 -0.06 12.71 -17.52
C ASP D 25 -0.20 12.53 -19.03
N VAL D 26 -1.42 12.35 -19.51
CA VAL D 26 -1.65 12.03 -20.91
C VAL D 26 -2.55 13.08 -21.56
N ILE D 27 -2.19 13.55 -22.75
CA ILE D 27 -3.03 14.50 -23.44
C ILE D 27 -4.34 13.84 -23.87
N PRO D 28 -5.47 14.48 -23.56
CA PRO D 28 -6.80 13.97 -23.90
C PRO D 28 -7.17 14.23 -25.36
N THR D 29 -6.43 13.58 -26.27
CA THR D 29 -6.66 13.68 -27.71
C THR D 29 -7.92 12.93 -28.14
N GLN D 30 -8.69 13.54 -29.05
CA GLN D 30 -9.82 12.86 -29.65
C GLN D 30 -9.74 12.75 -31.19
N ARG D 31 -9.92 11.53 -31.69
CA ARG D 31 -10.09 11.28 -33.12
C ARG D 31 -9.00 11.76 -34.08
N ASP D 32 -7.74 11.59 -33.71
CA ASP D 32 -6.63 11.90 -34.62
C ASP D 32 -6.49 13.40 -34.81
N ARG D 33 -7.18 14.14 -33.95
CA ARG D 33 -7.19 15.60 -33.93
C ARG D 33 -6.49 16.13 -32.69
N PRO D 34 -5.87 17.31 -32.80
CA PRO D 34 -5.18 17.90 -31.66
C PRO D 34 -6.14 18.49 -30.64
N VAL D 35 -5.75 18.43 -29.38
CA VAL D 35 -6.48 19.02 -28.27
C VAL D 35 -6.53 20.54 -28.39
N ALA D 36 -7.73 21.10 -28.53
CA ALA D 36 -7.90 22.55 -28.62
C ALA D 36 -8.09 23.15 -27.24
N VAL D 37 -7.25 24.13 -26.92
CA VAL D 37 -7.25 24.81 -25.64
C VAL D 37 -7.57 26.29 -25.87
N SER D 38 -8.61 26.80 -25.22
CA SER D 38 -9.00 28.19 -25.37
C SER D 38 -8.31 29.03 -24.33
N VAL D 39 -7.70 30.14 -24.73
CA VAL D 39 -6.95 30.94 -23.77
C VAL D 39 -7.43 32.36 -23.78
N SER D 40 -7.68 32.89 -22.60
CA SER D 40 -8.11 34.27 -22.48
C SER D 40 -7.43 34.88 -21.28
N LEU D 41 -6.75 36.00 -21.47
CA LEU D 41 -6.28 36.74 -20.31
C LEU D 41 -7.26 37.88 -20.03
N LYS D 42 -7.41 38.23 -18.75
CA LYS D 42 -8.07 39.46 -18.33
C LYS D 42 -7.12 40.05 -17.31
N PHE D 43 -6.71 41.31 -17.48
CA PHE D 43 -5.76 41.89 -16.52
C PHE D 43 -6.42 42.36 -15.25
N ILE D 44 -5.77 42.13 -14.12
CA ILE D 44 -6.30 42.55 -12.83
C ILE D 44 -5.58 43.81 -12.34
N ASN D 45 -4.26 43.75 -12.24
CA ASN D 45 -3.50 44.89 -11.77
C ASN D 45 -2.11 44.93 -12.39
N ILE D 46 -1.60 46.13 -12.63
CA ILE D 46 -0.23 46.27 -13.06
C ILE D 46 0.56 46.87 -11.92
N LEU D 47 1.26 45.99 -11.20
CA LEU D 47 1.87 46.28 -9.90
C LEU D 47 3.06 47.25 -9.86
N GLU D 48 3.98 47.07 -10.80
CA GLU D 48 5.14 47.94 -10.91
C GLU D 48 5.66 47.92 -12.33
N VAL D 49 6.38 48.98 -12.70
CA VAL D 49 7.06 49.03 -13.99
C VAL D 49 8.44 49.64 -13.84
N ASN D 50 9.42 49.11 -14.58
CA ASN D 50 10.74 49.72 -14.63
C ASN D 50 11.18 50.04 -16.05
N GLU D 51 11.19 51.33 -16.38
CA GLU D 51 11.49 51.81 -17.72
C GLU D 51 12.95 51.57 -18.10
N ILE D 52 13.82 51.50 -17.10
CA ILE D 52 15.24 51.33 -17.38
C ILE D 52 15.62 49.87 -17.65
N THR D 53 15.14 48.93 -16.84
CA THR D 53 15.36 47.50 -17.10
C THR D 53 14.39 46.85 -18.10
N ASN D 54 13.27 47.53 -18.38
CA ASN D 54 12.21 46.99 -19.24
C ASN D 54 11.52 45.76 -18.67
N GLU D 55 11.11 45.84 -17.41
CA GLU D 55 10.36 44.77 -16.76
C GLU D 55 8.99 45.28 -16.29
N VAL D 56 8.00 44.38 -16.26
CA VAL D 56 6.72 44.70 -15.62
C VAL D 56 6.33 43.62 -14.64
N ASP D 57 5.42 43.96 -13.75
CA ASP D 57 4.89 43.02 -12.79
C ASP D 57 3.37 43.07 -12.87
N VAL D 58 2.75 42.00 -13.35
CA VAL D 58 1.31 42.01 -13.53
C VAL D 58 0.53 40.95 -12.74
N VAL D 59 -0.69 41.30 -12.39
CA VAL D 59 -1.64 40.31 -11.93
C VAL D 59 -2.70 40.14 -12.99
N PHE D 60 -2.83 38.92 -13.50
CA PHE D 60 -3.86 38.66 -14.48
C PHE D 60 -4.71 37.44 -14.15
N TRP D 61 -5.92 37.44 -14.68
CA TRP D 61 -6.81 36.30 -14.58
C TRP D 61 -6.64 35.46 -15.84
N GLN D 62 -6.13 34.24 -15.70
CA GLN D 62 -5.83 33.43 -16.87
C GLN D 62 -6.87 32.34 -17.07
N GLN D 63 -7.87 32.65 -17.89
CA GLN D 63 -8.93 31.70 -18.22
C GLN D 63 -8.46 30.67 -19.25
N THR D 64 -8.55 29.40 -18.89
CA THR D 64 -8.16 28.30 -19.78
C THR D 64 -9.26 27.27 -19.79
N THR D 65 -9.59 26.76 -20.96
CA THR D 65 -10.63 25.74 -21.07
C THR D 65 -10.23 24.76 -22.16
N TRP D 66 -10.77 23.54 -22.08
CA TRP D 66 -10.52 22.53 -23.11
C TRP D 66 -11.54 21.41 -22.91
N SER D 67 -11.55 20.45 -23.82
CA SER D 67 -12.50 19.36 -23.70
C SER D 67 -11.82 18.01 -23.54
N ASP D 68 -12.34 17.23 -22.59
CA ASP D 68 -12.07 15.80 -22.53
C ASP D 68 -13.40 15.07 -22.37
N ARG D 69 -13.93 14.52 -23.45
CA ARG D 69 -15.26 13.94 -23.41
C ARG D 69 -15.31 12.59 -22.70
N THR D 70 -14.14 12.03 -22.41
CA THR D 70 -14.12 10.80 -21.62
C THR D 70 -14.46 11.08 -20.16
N LEU D 71 -14.70 12.35 -19.81
CA LEU D 71 -15.06 12.72 -18.45
C LEU D 71 -16.57 12.99 -18.32
N ALA D 72 -17.25 13.03 -19.46
CA ALA D 72 -18.68 13.38 -19.51
C ALA D 72 -19.58 12.42 -18.73
N TRP D 73 -20.75 12.90 -18.33
CA TRP D 73 -21.75 12.06 -17.65
C TRP D 73 -23.20 12.60 -17.86
N ASN D 74 -24.18 11.80 -17.46
CA ASN D 74 -25.59 12.14 -17.67
C ASN D 74 -26.07 13.09 -16.58
N SER D 75 -26.34 14.33 -16.89
CA SER D 75 -26.72 15.29 -15.87
C SER D 75 -28.19 15.50 -15.73
N SER D 76 -28.97 14.56 -16.21
CA SER D 76 -30.40 14.60 -16.13
C SER D 76 -30.94 14.61 -14.75
N HIS D 77 -30.31 13.90 -13.85
CA HIS D 77 -30.72 13.87 -12.50
C HIS D 77 -29.60 14.05 -11.57
N SER D 78 -28.61 14.77 -12.02
CA SER D 78 -27.34 14.88 -11.33
C SER D 78 -26.80 16.29 -11.37
N PRO D 79 -25.80 16.58 -10.55
CA PRO D 79 -25.05 17.85 -10.62
C PRO D 79 -24.54 18.13 -12.03
N ASP D 80 -24.69 19.36 -12.53
CA ASP D 80 -24.18 19.71 -13.86
C ASP D 80 -22.67 19.93 -13.87
N GLN D 81 -22.11 20.36 -12.74
CA GLN D 81 -20.67 20.55 -12.62
C GLN D 81 -20.18 20.38 -11.19
N VAL D 82 -18.87 20.13 -11.05
CA VAL D 82 -18.24 19.94 -9.75
C VAL D 82 -16.83 20.50 -9.82
N SER D 83 -16.24 20.77 -8.67
CA SER D 83 -14.86 21.23 -8.63
C SER D 83 -13.91 20.07 -8.41
N VAL D 84 -12.75 20.12 -9.04
CA VAL D 84 -11.74 19.05 -8.93
C VAL D 84 -10.33 19.61 -8.70
N PRO D 85 -9.57 19.00 -7.75
CA PRO D 85 -8.15 19.36 -7.59
C PRO D 85 -7.38 19.10 -8.87
N ILE D 86 -6.54 20.03 -9.33
CA ILE D 86 -5.89 19.83 -10.62
C ILE D 86 -4.88 18.68 -10.65
N SER D 87 -4.49 18.18 -9.48
CA SER D 87 -3.62 17.00 -9.39
C SER D 87 -4.28 15.75 -9.94
N SER D 88 -5.59 15.81 -10.14
CA SER D 88 -6.39 14.69 -10.64
C SER D 88 -6.66 14.79 -12.14
N LEU D 89 -6.22 15.87 -12.76
CA LEU D 89 -6.56 16.12 -14.13
C LEU D 89 -5.33 16.46 -14.94
N TRP D 90 -5.38 16.14 -16.22
CA TRP D 90 -4.39 16.66 -17.14
C TRP D 90 -4.65 18.15 -17.26
N VAL D 91 -3.57 18.91 -17.23
CA VAL D 91 -3.63 20.35 -17.38
C VAL D 91 -2.61 20.71 -18.47
N PRO D 92 -2.94 21.68 -19.33
CA PRO D 92 -1.99 22.07 -20.37
C PRO D 92 -0.71 22.65 -19.75
N ASP D 93 0.43 22.37 -20.39
CA ASP D 93 1.75 22.82 -19.92
CA ASP D 93 1.69 22.86 -19.84
C ASP D 93 2.17 24.15 -20.54
N LEU D 94 1.39 25.20 -20.31
CA LEU D 94 1.67 26.47 -20.94
C LEU D 94 2.85 27.13 -20.26
N ALA D 95 3.61 27.88 -21.05
CA ALA D 95 4.74 28.63 -20.56
C ALA D 95 4.69 30.05 -21.12
N ALA D 96 5.28 30.99 -20.38
CA ALA D 96 5.42 32.36 -20.84
C ALA D 96 6.85 32.58 -21.35
N TYR D 97 7.02 32.70 -22.66
CA TYR D 97 8.36 32.79 -23.27
C TYR D 97 9.21 33.92 -22.71
N ASN D 98 8.57 34.99 -22.27
CA ASN D 98 9.30 36.15 -21.78
C ASN D 98 9.03 36.42 -20.31
N ALA D 99 8.66 35.37 -19.58
CA ALA D 99 8.59 35.47 -18.14
C ALA D 99 10.00 35.54 -17.58
N ILE D 100 10.21 36.34 -16.54
CA ILE D 100 11.51 36.35 -15.89
C ILE D 100 11.42 35.97 -14.42
N SER D 101 10.27 35.45 -14.02
CA SER D 101 10.06 34.91 -12.67
C SER D 101 9.17 33.69 -12.76
N LYS D 102 9.16 32.90 -11.70
CA LYS D 102 8.22 31.79 -11.60
C LYS D 102 6.84 32.38 -11.38
N PRO D 103 5.80 31.80 -12.00
CA PRO D 103 4.42 32.22 -11.72
C PRO D 103 4.02 31.95 -10.25
N GLU D 104 3.26 32.85 -9.64
CA GLU D 104 2.79 32.67 -8.26
C GLU D 104 1.30 32.59 -8.33
N VAL D 105 0.73 31.44 -8.01
CA VAL D 105 -0.71 31.33 -8.16
C VAL D 105 -1.38 31.90 -6.94
N LEU D 106 -2.27 32.85 -7.14
CA LEU D 106 -2.91 33.55 -6.05
C LEU D 106 -4.11 32.80 -5.50
N THR D 107 -4.79 32.08 -6.37
CA THR D 107 -6.09 31.49 -6.04
C THR D 107 -6.01 29.97 -5.84
N PRO D 108 -7.05 29.38 -5.18
CA PRO D 108 -7.14 27.92 -4.98
C PRO D 108 -6.99 27.14 -6.28
N GLN D 109 -6.17 26.08 -6.26
CA GLN D 109 -5.93 25.32 -7.48
C GLN D 109 -7.00 24.25 -7.77
N LEU D 110 -8.20 24.71 -8.15
CA LEU D 110 -9.30 23.81 -8.49
C LEU D 110 -9.87 24.11 -9.88
N ALA D 111 -10.24 23.06 -10.60
CA ALA D 111 -10.90 23.21 -11.90
C ALA D 111 -12.38 22.92 -11.74
N ARG D 112 -13.19 23.40 -12.68
CA ARG D 112 -14.58 22.97 -12.76
C ARG D 112 -14.67 22.03 -13.93
N VAL D 113 -15.26 20.87 -13.70
CA VAL D 113 -15.52 19.95 -14.79
C VAL D 113 -17.02 19.91 -14.99
N VAL D 114 -17.41 20.12 -16.25
CA VAL D 114 -18.80 20.26 -16.65
C VAL D 114 -19.24 18.92 -17.23
N SER D 115 -20.55 18.64 -17.22
CA SER D 115 -21.05 17.30 -17.48
C SER D 115 -20.85 16.79 -18.91
N ASP D 116 -20.49 17.66 -19.83
CA ASP D 116 -20.23 17.28 -21.23
C ASP D 116 -18.76 17.13 -21.61
N GLY D 117 -17.88 17.22 -20.62
CA GLY D 117 -16.47 16.93 -20.81
C GLY D 117 -15.65 18.17 -21.02
N GLU D 118 -16.24 19.31 -20.67
CA GLU D 118 -15.52 20.56 -20.72
C GLU D 118 -14.84 20.79 -19.35
N VAL D 119 -13.58 21.20 -19.38
CA VAL D 119 -12.84 21.49 -18.15
C VAL D 119 -12.40 22.95 -18.17
N LEU D 120 -12.70 23.67 -17.09
CA LEU D 120 -12.28 25.06 -16.94
C LEU D 120 -11.32 25.19 -15.78
N TYR D 121 -10.17 25.81 -16.04
CA TYR D 121 -9.20 26.15 -15.02
C TYR D 121 -8.79 27.60 -15.23
N MET D 122 -9.17 28.47 -14.31
CA MET D 122 -8.90 29.89 -14.44
C MET D 122 -8.30 30.43 -13.17
N PRO D 123 -7.01 30.19 -12.98
CA PRO D 123 -6.34 30.71 -11.78
C PRO D 123 -6.01 32.19 -11.95
N SER D 124 -5.75 32.87 -10.84
CA SER D 124 -5.26 34.23 -10.87
C SER D 124 -3.75 34.24 -10.57
N ILE D 125 -2.98 34.91 -11.40
CA ILE D 125 -1.53 34.74 -11.42
C ILE D 125 -0.77 36.05 -11.38
N ARG D 126 0.25 36.12 -10.53
CA ARG D 126 1.20 37.24 -10.49
C ARG D 126 2.55 36.83 -11.07
N GLN D 127 3.00 37.52 -12.11
CA GLN D 127 4.25 37.15 -12.74
C GLN D 127 4.99 38.38 -13.20
N ARG D 128 6.30 38.25 -13.37
CA ARG D 128 7.15 39.34 -13.84
C ARG D 128 7.63 39.03 -15.28
N PHE D 129 7.54 39.99 -16.19
CA PHE D 129 7.89 39.76 -17.59
C PHE D 129 8.94 40.74 -18.08
N SER D 130 9.47 40.48 -19.26
CA SER D 130 10.40 41.39 -19.91
C SER D 130 9.76 41.89 -21.19
N CYS D 131 9.55 43.20 -21.29
CA CYS D 131 8.82 43.80 -22.41
C CYS D 131 9.14 45.28 -22.64
N ASP D 132 8.77 45.80 -23.81
CA ASP D 132 8.99 47.21 -24.14
C ASP D 132 8.06 48.12 -23.36
N VAL D 133 8.65 48.99 -22.54
CA VAL D 133 7.89 49.82 -21.62
C VAL D 133 7.95 51.30 -22.00
N SER D 134 8.86 51.65 -22.91
CA SER D 134 8.95 53.03 -23.38
C SER D 134 7.61 53.56 -23.94
N GLY D 135 7.25 54.76 -23.54
CA GLY D 135 6.00 55.36 -23.97
C GLY D 135 5.01 55.42 -22.82
N VAL D 136 5.38 54.80 -21.72
CA VAL D 136 4.48 54.60 -20.59
C VAL D 136 4.01 55.93 -20.00
N ASP D 137 4.81 56.98 -20.18
CA ASP D 137 4.46 58.29 -19.65
C ASP D 137 3.64 59.16 -20.61
N THR D 138 3.78 58.91 -21.92
CA THR D 138 3.03 59.67 -22.91
C THR D 138 1.54 59.35 -22.85
N GLU D 139 0.74 60.01 -23.67
CA GLU D 139 -0.71 59.75 -23.68
C GLU D 139 -1.17 58.62 -24.59
N SER D 140 -0.26 58.07 -25.40
CA SER D 140 -0.62 56.93 -26.26
C SER D 140 -0.24 55.61 -25.57
N GLY D 141 0.39 55.73 -24.40
CA GLY D 141 0.75 54.57 -23.61
C GLY D 141 1.96 53.79 -24.09
N ALA D 142 2.24 52.69 -23.41
CA ALA D 142 3.27 51.76 -23.82
C ALA D 142 2.59 50.58 -24.47
N THR D 143 3.37 49.67 -25.03
CA THR D 143 2.82 48.43 -25.57
C THR D 143 3.67 47.21 -25.24
N CYS D 144 3.19 46.39 -24.32
CA CYS D 144 3.94 45.23 -23.86
C CYS D 144 3.31 43.91 -24.30
N ARG D 145 4.13 43.04 -24.88
CA ARG D 145 3.67 41.73 -25.36
C ARG D 145 4.02 40.60 -24.41
N ILE D 146 3.15 39.61 -24.35
CA ILE D 146 3.46 38.38 -23.64
C ILE D 146 3.12 37.20 -24.52
N LYS D 147 4.13 36.42 -24.91
CA LYS D 147 3.90 35.17 -25.61
C LYS D 147 3.67 34.06 -24.59
N ILE D 148 2.64 33.26 -24.83
CA ILE D 148 2.35 32.08 -24.02
C ILE D 148 2.08 30.90 -24.95
N GLY D 149 2.82 29.82 -24.77
CA GLY D 149 2.70 28.70 -25.69
C GLY D 149 2.72 27.37 -24.98
N SER D 150 2.52 26.30 -25.74
CA SER D 150 2.71 24.97 -25.20
C SER D 150 4.20 24.65 -25.18
N TRP D 151 4.71 24.19 -24.05
CA TRP D 151 6.15 23.95 -23.96
C TRP D 151 6.59 22.71 -24.69
N THR D 152 6.04 21.56 -24.33
CA THR D 152 6.57 20.30 -24.85
C THR D 152 5.72 19.67 -25.95
N HIS D 153 4.51 20.17 -26.13
CA HIS D 153 3.63 19.62 -27.15
C HIS D 153 3.59 20.55 -28.33
N HIS D 154 3.59 20.00 -29.54
CA HIS D 154 3.61 20.82 -30.75
C HIS D 154 2.22 20.84 -31.38
N SER D 155 2.08 21.64 -32.45
CA SER D 155 0.77 21.99 -33.02
C SER D 155 -0.16 20.81 -33.33
N ARG D 156 0.41 19.68 -33.74
CA ARG D 156 -0.40 18.52 -34.07
C ARG D 156 -0.90 17.77 -32.83
N GLU D 157 -0.44 18.19 -31.67
CA GLU D 157 -0.88 17.57 -30.41
C GLU D 157 -1.74 18.56 -29.63
N ILE D 158 -1.26 19.77 -29.48
CA ILE D 158 -2.01 20.79 -28.76
C ILE D 158 -2.10 22.00 -29.65
N SER D 159 -3.30 22.51 -29.88
CA SER D 159 -3.42 23.82 -30.51
C SER D 159 -4.07 24.82 -29.55
N VAL D 160 -3.39 25.92 -29.27
CA VAL D 160 -4.01 27.02 -28.52
C VAL D 160 -4.81 27.92 -29.46
N ASP D 161 -6.13 27.92 -29.33
CA ASP D 161 -6.97 28.74 -30.19
C ASP D 161 -7.32 30.06 -29.52
N PRO D 162 -7.09 31.19 -30.17
CA PRO D 162 -7.32 32.47 -29.50
C PRO D 162 -8.78 32.63 -29.10
N THR D 163 -9.00 33.07 -27.87
CA THR D 163 -10.35 33.24 -27.33
C THR D 163 -10.90 34.65 -27.51
N THR D 164 -10.10 35.50 -28.14
CA THR D 164 -10.41 36.93 -28.29
C THR D 164 -11.65 37.13 -29.15
N GLU D 165 -12.31 38.28 -28.99
CA GLU D 165 -11.73 39.45 -28.34
C GLU D 165 -12.72 40.26 -27.50
N ASN D 166 -12.17 41.19 -26.72
CA ASN D 166 -12.95 42.06 -25.86
C ASN D 166 -13.80 42.96 -26.74
N SER D 167 -14.91 43.46 -26.21
CA SER D 167 -15.14 43.65 -24.78
C SER D 167 -15.10 42.38 -23.94
N ASP D 168 -14.55 42.54 -22.73
CA ASP D 168 -14.07 43.86 -22.31
C ASP D 168 -12.81 43.77 -21.44
N ASP D 169 -11.83 44.61 -21.74
CA ASP D 169 -10.51 44.53 -21.10
C ASP D 169 -10.20 45.42 -19.88
N SER D 170 -11.12 46.28 -19.44
CA SER D 170 -10.77 47.17 -18.37
C SER D 170 -11.66 46.86 -17.22
N GLU D 171 -12.26 45.71 -17.21
CA GLU D 171 -13.38 45.46 -16.32
C GLU D 171 -12.96 44.85 -14.98
N TYR D 172 -12.03 43.92 -15.00
CA TYR D 172 -11.55 43.34 -13.75
C TYR D 172 -10.32 44.06 -13.23
N PHE D 173 -10.01 45.19 -13.86
CA PHE D 173 -8.79 45.93 -13.57
C PHE D 173 -9.00 46.88 -12.38
N SER D 174 -8.10 46.81 -11.41
CA SER D 174 -8.12 47.69 -10.25
C SER D 174 -8.24 49.13 -10.71
N GLN D 175 -9.21 49.84 -10.18
CA GLN D 175 -9.32 51.25 -10.49
C GLN D 175 -8.34 52.03 -9.62
N TYR D 176 -7.82 51.38 -8.59
CA TYR D 176 -6.89 52.02 -7.64
C TYR D 176 -5.45 51.77 -8.03
N SER D 177 -5.26 51.33 -9.26
CA SER D 177 -3.93 51.14 -9.81
C SER D 177 -3.35 52.46 -10.35
N ARG D 178 -2.06 52.66 -10.11
CA ARG D 178 -1.30 53.76 -10.67
C ARG D 178 -1.50 53.88 -12.19
N PHE D 179 -1.81 52.77 -12.85
CA PHE D 179 -1.89 52.74 -14.31
C PHE D 179 -3.31 52.51 -14.80
N GLU D 180 -3.54 52.79 -16.08
CA GLU D 180 -4.80 52.46 -16.70
C GLU D 180 -4.58 51.81 -18.07
N ILE D 181 -5.49 50.91 -18.44
CA ILE D 181 -5.40 50.13 -19.66
C ILE D 181 -6.11 50.82 -20.83
N LEU D 182 -5.41 50.98 -21.94
CA LEU D 182 -6.03 51.51 -23.14
C LEU D 182 -6.78 50.40 -23.91
N ASP D 183 -6.04 49.44 -24.45
CA ASP D 183 -6.64 48.32 -25.18
C ASP D 183 -5.88 47.02 -24.91
N VAL D 184 -6.55 45.91 -25.19
CA VAL D 184 -5.96 44.59 -25.09
C VAL D 184 -6.35 43.83 -26.34
N THR D 185 -5.41 43.07 -26.89
CA THR D 185 -5.74 42.28 -28.08
C THR D 185 -5.03 40.94 -27.99
N GLN D 186 -5.39 39.99 -28.85
CA GLN D 186 -4.79 38.66 -28.84
C GLN D 186 -4.52 38.16 -30.25
N LYS D 187 -3.47 37.38 -30.40
CA LYS D 187 -3.10 36.85 -31.71
C LYS D 187 -2.62 35.41 -31.58
N LYS D 188 -3.01 34.58 -32.53
CA LYS D 188 -2.47 33.22 -32.63
C LYS D 188 -1.23 33.18 -33.53
N ASN D 189 -0.09 32.81 -32.95
CA ASN D 189 1.14 32.65 -33.72
C ASN D 189 1.53 31.18 -33.83
N SER D 190 2.30 30.85 -34.87
CA SER D 190 2.78 29.48 -35.03
C SER D 190 4.22 29.43 -35.53
N VAL D 191 5.14 29.12 -34.62
CA VAL D 191 6.57 29.26 -34.86
C VAL D 191 7.32 27.93 -35.04
N THR D 192 8.19 27.86 -36.03
CA THR D 192 9.12 26.74 -36.16
C THR D 192 10.54 27.19 -35.86
N TYR D 193 11.12 26.62 -34.81
CA TYR D 193 12.44 27.00 -34.34
C TYR D 193 13.55 26.18 -34.97
N SER D 194 14.79 26.58 -34.69
CA SER D 194 15.96 25.89 -35.21
C SER D 194 15.98 24.41 -34.81
N CYS D 195 15.66 24.12 -33.56
CA CYS D 195 15.79 22.77 -33.01
C CYS D 195 14.84 21.75 -33.67
N CYS D 196 13.57 22.09 -33.77
CA CYS D 196 12.54 21.11 -34.10
C CYS D 196 11.86 21.41 -35.43
N PRO D 197 11.58 20.36 -36.21
CA PRO D 197 10.82 20.53 -37.46
C PRO D 197 9.36 20.73 -37.13
N GLU D 198 9.01 20.44 -35.88
CA GLU D 198 7.65 20.69 -35.41
C GLU D 198 7.40 22.17 -35.07
N ALA D 199 6.17 22.62 -35.31
CA ALA D 199 5.79 23.99 -34.99
C ALA D 199 5.04 24.08 -33.66
N TYR D 200 5.35 25.10 -32.88
CA TYR D 200 4.65 25.31 -31.63
C TYR D 200 3.69 26.46 -31.78
N GLU D 201 2.51 26.30 -31.20
CA GLU D 201 1.47 27.31 -31.29
C GLU D 201 1.54 28.12 -30.02
N ASP D 202 1.55 29.43 -30.16
CA ASP D 202 1.53 30.33 -29.01
C ASP D 202 0.48 31.41 -29.18
N VAL D 203 0.08 32.02 -28.07
CA VAL D 203 -0.78 33.18 -28.16
C VAL D 203 -0.05 34.40 -27.68
N GLU D 204 0.08 35.39 -28.56
CA GLU D 204 0.66 36.67 -28.21
C GLU D 204 -0.46 37.55 -27.71
N VAL D 205 -0.24 38.20 -26.58
CA VAL D 205 -1.21 39.11 -26.01
C VAL D 205 -0.57 40.48 -25.88
N SER D 206 -1.25 41.50 -26.40
CA SER D 206 -0.74 42.87 -26.35
C SER D 206 -1.51 43.72 -25.35
N LEU D 207 -0.78 44.33 -24.43
CA LEU D 207 -1.40 45.22 -23.46
C LEU D 207 -0.92 46.66 -23.67
N ASN D 208 -1.82 47.54 -24.08
CA ASN D 208 -1.50 48.95 -24.23
C ASN D 208 -1.89 49.67 -22.93
N PHE D 209 -0.93 50.33 -22.27
CA PHE D 209 -1.23 51.02 -21.01
C PHE D 209 -0.40 52.29 -20.77
N ARG D 210 -0.93 53.20 -19.96
CA ARG D 210 -0.18 54.41 -19.59
C ARG D 210 -0.32 54.73 -18.09
N LYS D 211 0.57 55.57 -17.56
CA LYS D 211 0.40 56.08 -16.20
C LYS D 211 -0.67 57.18 -16.19
N LYS D 212 -1.54 57.16 -15.18
CA LYS D 212 -2.68 58.10 -15.08
C LYS D 212 -2.26 59.50 -14.64
N GLY D 213 -3.25 60.40 -14.56
CA GLY D 213 -3.10 61.67 -13.85
C GLY D 213 -2.25 62.71 -14.53
N ASP E 4 -0.93 9.18 -37.02
CA ASP E 4 -1.23 8.23 -35.95
C ASP E 4 -0.58 8.60 -34.60
N ASP E 5 -0.33 9.90 -34.41
CA ASP E 5 0.36 10.42 -33.20
C ASP E 5 -0.60 10.79 -32.05
N ASP E 6 -1.89 10.54 -32.24
CA ASP E 6 -2.88 11.12 -31.34
C ASP E 6 -3.86 10.11 -30.75
N ASP E 7 -3.63 8.82 -30.99
CA ASP E 7 -4.52 7.84 -30.39
C ASP E 7 -4.24 7.78 -28.89
N LYS E 8 -5.20 8.20 -28.08
CA LYS E 8 -4.98 8.45 -26.65
C LYS E 8 -4.58 7.19 -25.90
N LEU E 9 -5.08 6.04 -26.34
CA LEU E 9 -4.73 4.80 -25.66
C LEU E 9 -3.29 4.39 -25.94
N ASP E 10 -2.83 4.59 -27.18
CA ASP E 10 -1.44 4.31 -27.52
C ASP E 10 -0.48 5.13 -26.66
N ARG E 11 -0.82 6.39 -26.43
CA ARG E 11 -0.01 7.23 -25.55
C ARG E 11 0.07 6.67 -24.14
N ALA E 12 -1.07 6.42 -23.50
CA ALA E 12 -1.06 5.95 -22.13
C ALA E 12 -0.29 4.62 -21.97
N ASP E 13 -0.39 3.76 -22.97
CA ASP E 13 0.36 2.51 -22.97
C ASP E 13 1.87 2.75 -23.07
N ILE E 14 2.27 3.65 -23.96
CA ILE E 14 3.68 3.98 -24.05
C ILE E 14 4.16 4.55 -22.72
N LEU E 15 3.37 5.43 -22.13
CA LEU E 15 3.75 6.00 -20.85
C LEU E 15 3.89 4.93 -19.75
N TYR E 16 3.07 3.89 -19.82
CA TYR E 16 3.13 2.77 -18.86
C TYR E 16 4.41 1.92 -19.04
N ASN E 17 4.74 1.59 -20.28
CA ASN E 17 5.96 0.85 -20.58
C ASN E 17 7.17 1.62 -20.10
N ILE E 18 7.14 2.93 -20.26
CA ILE E 18 8.25 3.78 -19.83
C ILE E 18 8.45 3.74 -18.31
N ARG E 19 7.36 3.84 -17.56
CA ARG E 19 7.46 3.73 -16.10
C ARG E 19 7.86 2.35 -15.56
N GLN E 20 7.65 1.27 -16.31
CA GLN E 20 7.97 -0.05 -15.79
C GLN E 20 9.44 -0.37 -15.96
N THR E 21 10.06 0.18 -17.00
CA THR E 21 11.43 -0.21 -17.30
C THR E 21 12.44 0.85 -16.88
N SER E 22 11.92 2.04 -16.56
CA SER E 22 12.78 3.16 -16.21
C SER E 22 13.07 3.20 -14.74
N ARG E 23 14.35 3.22 -14.41
CA ARG E 23 14.85 3.38 -13.05
C ARG E 23 15.48 4.76 -12.94
N PRO E 24 14.79 5.68 -12.28
CA PRO E 24 15.14 7.10 -12.17
C PRO E 24 16.42 7.38 -11.40
N ASP E 25 16.94 6.43 -10.63
CA ASP E 25 18.09 6.74 -9.77
C ASP E 25 19.35 6.08 -10.27
N VAL E 26 19.27 5.45 -11.43
CA VAL E 26 20.37 4.69 -11.95
C VAL E 26 20.78 5.23 -13.31
N ILE E 27 22.07 5.52 -13.48
CA ILE E 27 22.59 5.98 -14.77
C ILE E 27 22.38 4.91 -15.82
N PRO E 28 21.82 5.30 -16.96
CA PRO E 28 21.46 4.43 -18.08
C PRO E 28 22.64 4.09 -19.01
N THR E 29 23.56 3.27 -18.54
CA THR E 29 24.78 2.99 -19.29
C THR E 29 24.59 1.77 -20.18
N GLN E 30 25.30 1.74 -21.32
CA GLN E 30 25.11 0.73 -22.36
C GLN E 30 26.45 0.17 -22.82
N ARG E 31 26.56 -1.14 -22.94
CA ARG E 31 27.77 -1.69 -23.57
C ARG E 31 29.00 -1.15 -22.85
N ASP E 32 28.86 -0.91 -21.55
CA ASP E 32 29.99 -0.54 -20.69
C ASP E 32 30.73 0.75 -21.06
N ARG E 33 30.03 1.65 -21.75
CA ARG E 33 30.54 2.97 -22.07
C ARG E 33 29.88 3.99 -21.15
N PRO E 34 30.49 5.17 -21.00
CA PRO E 34 29.82 6.22 -20.24
C PRO E 34 28.58 6.75 -20.98
N VAL E 35 27.69 7.40 -20.23
CA VAL E 35 26.54 8.07 -20.82
C VAL E 35 26.96 9.37 -21.46
N ALA E 36 26.67 9.51 -22.75
CA ALA E 36 26.96 10.73 -23.46
C ALA E 36 25.78 11.69 -23.34
N VAL E 37 25.91 12.65 -22.43
CA VAL E 37 24.91 13.70 -22.30
C VAL E 37 25.35 14.89 -23.14
N SER E 38 24.48 15.36 -24.02
CA SER E 38 24.78 16.50 -24.88
C SER E 38 24.20 17.77 -24.29
N VAL E 39 24.97 18.86 -24.26
CA VAL E 39 24.53 20.10 -23.62
C VAL E 39 24.79 21.36 -24.45
N SER E 40 23.77 22.19 -24.61
CA SER E 40 23.96 23.51 -25.23
C SER E 40 23.26 24.59 -24.42
N LEU E 41 23.81 25.79 -24.41
CA LEU E 41 23.07 26.94 -23.89
C LEU E 41 22.72 27.93 -24.98
N LYS E 42 21.44 28.26 -25.06
CA LYS E 42 20.98 29.37 -25.86
C LYS E 42 20.55 30.42 -24.86
N PHE E 43 21.01 31.66 -25.00
CA PHE E 43 20.68 32.69 -24.01
C PHE E 43 19.37 33.37 -24.38
N ILE E 44 18.48 33.55 -23.39
CA ILE E 44 17.21 34.23 -23.65
C ILE E 44 17.28 35.70 -23.27
N ASN E 45 17.96 36.01 -22.17
CA ASN E 45 17.96 37.35 -21.60
C ASN E 45 19.14 37.63 -20.65
N ILE E 46 19.42 38.91 -20.43
CA ILE E 46 20.24 39.37 -19.30
C ILE E 46 19.50 40.47 -18.50
N LEU E 47 19.14 40.13 -17.28
CA LEU E 47 18.41 41.01 -16.37
C LEU E 47 19.20 42.18 -15.81
N GLU E 48 20.43 41.88 -15.39
CA GLU E 48 21.24 42.79 -14.61
C GLU E 48 22.72 42.49 -14.72
N VAL E 49 23.54 43.44 -14.30
CA VAL E 49 24.98 43.29 -14.36
C VAL E 49 25.53 44.19 -13.29
N ASN E 50 26.45 43.66 -12.49
CA ASN E 50 27.06 44.49 -11.48
C ASN E 50 28.55 44.56 -11.71
N GLU E 51 29.02 45.76 -12.04
CA GLU E 51 30.41 45.98 -12.35
C GLU E 51 31.27 45.91 -11.09
N ILE E 52 30.76 46.47 -10.00
CA ILE E 52 31.47 46.43 -8.72
C ILE E 52 31.74 45.01 -8.21
N THR E 53 30.69 44.19 -8.17
CA THR E 53 30.76 42.86 -7.57
C THR E 53 31.02 41.67 -8.51
N ASN E 54 30.95 41.89 -9.82
CA ASN E 54 31.06 40.80 -10.78
C ASN E 54 29.92 39.76 -10.72
N GLU E 55 28.68 40.22 -10.55
CA GLU E 55 27.53 39.32 -10.57
C GLU E 55 26.82 39.50 -11.88
N VAL E 56 26.07 38.48 -12.31
CA VAL E 56 25.26 38.56 -13.52
C VAL E 56 23.99 37.70 -13.40
N ASP E 57 22.82 38.30 -13.64
CA ASP E 57 21.56 37.54 -13.65
CA ASP E 57 21.57 37.57 -13.64
C ASP E 57 21.15 37.25 -15.09
N VAL E 58 21.06 35.97 -15.44
CA VAL E 58 20.74 35.58 -16.82
C VAL E 58 19.61 34.55 -16.95
N VAL E 59 18.87 34.67 -18.03
CA VAL E 59 17.85 33.68 -18.37
C VAL E 59 18.36 32.94 -19.58
N PHE E 60 18.57 31.64 -19.43
CA PHE E 60 19.04 30.83 -20.55
C PHE E 60 18.20 29.59 -20.75
N TRP E 61 18.16 29.14 -21.99
CA TRP E 61 17.50 27.91 -22.34
C TRP E 61 18.54 26.78 -22.42
N GLN E 62 18.60 25.96 -21.37
CA GLN E 62 19.49 24.80 -21.32
C GLN E 62 18.96 23.62 -22.12
N GLN E 63 19.80 23.09 -22.98
CA GLN E 63 19.37 22.09 -23.94
C GLN E 63 20.08 20.78 -23.69
N THR E 64 19.48 19.93 -22.88
CA THR E 64 20.09 18.65 -22.50
C THR E 64 19.44 17.51 -23.27
N THR E 65 20.26 16.61 -23.83
CA THR E 65 19.78 15.42 -24.51
C THR E 65 20.71 14.22 -24.30
N TRP E 66 20.15 13.02 -24.14
CA TRP E 66 20.95 11.81 -23.96
C TRP E 66 20.14 10.61 -24.38
N SER E 67 20.75 9.44 -24.40
CA SER E 67 20.08 8.23 -24.84
C SER E 67 19.95 7.15 -23.80
N ASP E 68 18.84 6.44 -23.88
CA ASP E 68 18.58 5.26 -23.07
C ASP E 68 17.82 4.29 -23.96
N ARG E 69 18.54 3.42 -24.68
CA ARG E 69 17.90 2.55 -25.66
C ARG E 69 16.93 1.53 -25.04
N THR E 70 16.95 1.42 -23.71
CA THR E 70 16.00 0.54 -23.03
C THR E 70 14.59 1.12 -22.91
N LEU E 71 14.39 2.34 -23.40
CA LEU E 71 13.07 2.96 -23.42
C LEU E 71 12.46 2.89 -24.80
N ALA E 72 13.18 2.35 -25.76
CA ALA E 72 12.73 2.49 -27.13
C ALA E 72 11.58 1.54 -27.45
N TRP E 73 10.71 1.96 -28.37
CA TRP E 73 9.59 1.14 -28.79
C TRP E 73 9.39 1.20 -30.31
N ASN E 74 8.55 0.33 -30.86
CA ASN E 74 8.33 0.30 -32.31
C ASN E 74 7.26 1.31 -32.69
N SER E 75 7.66 2.40 -33.33
CA SER E 75 6.73 3.51 -33.61
C SER E 75 6.03 3.42 -34.98
N SER E 76 5.94 2.21 -35.52
CA SER E 76 5.32 2.01 -36.82
C SER E 76 3.85 2.42 -36.89
N HIS E 77 3.11 2.22 -35.80
CA HIS E 77 1.70 2.60 -35.79
C HIS E 77 1.29 3.20 -34.47
N SER E 78 2.28 3.46 -33.63
CA SER E 78 2.07 4.19 -32.40
C SER E 78 2.75 5.56 -32.56
N PRO E 79 2.54 6.48 -31.61
CA PRO E 79 3.21 7.79 -31.65
C PRO E 79 4.75 7.75 -31.60
N ASP E 80 5.39 8.76 -32.20
CA ASP E 80 6.83 8.82 -32.33
C ASP E 80 7.50 9.28 -31.04
N GLN E 81 6.77 10.09 -30.27
CA GLN E 81 7.31 10.68 -29.05
C GLN E 81 6.19 11.06 -28.09
N VAL E 82 6.52 11.18 -26.81
CA VAL E 82 5.55 11.51 -25.80
C VAL E 82 6.24 12.35 -24.73
N SER E 83 5.46 13.09 -23.93
CA SER E 83 5.99 13.83 -22.78
C SER E 83 5.84 13.06 -21.47
N VAL E 84 6.87 13.15 -20.63
CA VAL E 84 6.93 12.40 -19.39
C VAL E 84 7.40 13.30 -18.28
N PRO E 85 6.76 13.26 -17.10
CA PRO E 85 7.27 13.94 -15.90
C PRO E 85 8.70 13.47 -15.58
N ILE E 86 9.61 14.37 -15.21
CA ILE E 86 11.00 13.98 -15.01
C ILE E 86 11.21 13.16 -13.76
N SER E 87 10.20 13.13 -12.88
CA SER E 87 10.24 12.29 -11.70
C SER E 87 10.26 10.79 -12.05
N SER E 88 9.77 10.46 -13.25
CA SER E 88 9.71 9.08 -13.70
C SER E 88 10.98 8.62 -14.38
N LEU E 89 11.81 9.58 -14.80
CA LEU E 89 13.01 9.30 -15.58
C LEU E 89 14.27 9.56 -14.80
N TRP E 90 15.35 8.89 -15.18
CA TRP E 90 16.66 9.35 -14.74
C TRP E 90 16.95 10.60 -15.50
N VAL E 91 17.58 11.56 -14.81
CA VAL E 91 17.94 12.84 -15.37
C VAL E 91 19.32 13.14 -14.81
N PRO E 92 20.19 13.76 -15.64
CA PRO E 92 21.59 14.08 -15.27
C PRO E 92 21.69 15.18 -14.20
N ASP E 93 22.61 14.96 -13.24
CA ASP E 93 22.82 15.87 -12.10
C ASP E 93 23.82 17.01 -12.38
N LEU E 94 23.49 17.84 -13.37
CA LEU E 94 24.34 18.95 -13.76
C LEU E 94 24.36 20.08 -12.73
N ALA E 95 25.38 20.94 -12.82
CA ALA E 95 25.58 22.02 -11.85
C ALA E 95 26.51 23.11 -12.40
N ALA E 96 26.23 24.36 -12.09
CA ALA E 96 27.14 25.42 -12.48
C ALA E 96 28.12 25.76 -11.35
N TYR E 97 29.40 25.62 -11.62
CA TYR E 97 30.42 25.75 -10.59
C TYR E 97 30.44 27.17 -10.05
N ASN E 98 30.09 28.14 -10.88
CA ASN E 98 30.15 29.54 -10.47
C ASN E 98 28.77 30.18 -10.30
N ALA E 99 27.77 29.35 -10.06
CA ALA E 99 26.46 29.80 -9.63
C ALA E 99 26.56 30.39 -8.23
N ILE E 100 25.81 31.45 -7.97
CA ILE E 100 25.73 31.98 -6.62
C ILE E 100 24.28 32.07 -6.14
N SER E 101 23.41 31.29 -6.78
CA SER E 101 21.99 31.22 -6.41
C SER E 101 21.38 29.87 -6.80
N LYS E 102 20.31 29.45 -6.12
CA LYS E 102 19.54 28.27 -6.52
C LYS E 102 19.00 28.49 -7.94
N PRO E 103 19.15 27.48 -8.82
CA PRO E 103 18.55 27.66 -10.14
C PRO E 103 17.04 27.75 -10.02
N GLU E 104 16.41 28.57 -10.85
CA GLU E 104 14.96 28.75 -10.84
CA GLU E 104 14.95 28.69 -10.82
C GLU E 104 14.40 28.27 -12.18
N VAL E 105 13.69 27.13 -12.18
CA VAL E 105 13.12 26.62 -13.43
C VAL E 105 11.81 27.33 -13.74
N LEU E 106 11.77 27.94 -14.92
CA LEU E 106 10.67 28.80 -15.33
C LEU E 106 9.62 28.03 -16.15
N THR E 107 9.91 26.79 -16.48
CA THR E 107 9.07 26.04 -17.37
C THR E 107 8.58 24.78 -16.67
N PRO E 108 7.53 24.11 -17.21
CA PRO E 108 7.04 22.88 -16.59
C PRO E 108 8.12 21.84 -16.69
N GLN E 109 8.20 20.94 -15.72
CA GLN E 109 9.28 19.97 -15.74
C GLN E 109 8.94 18.66 -16.47
N LEU E 110 8.81 18.77 -17.79
CA LEU E 110 8.53 17.64 -18.65
C LEU E 110 9.70 17.37 -19.58
N ALA E 111 9.95 16.09 -19.87
CA ALA E 111 10.92 15.69 -20.87
C ALA E 111 10.21 15.05 -22.05
N ARG E 112 10.73 15.22 -23.25
CA ARG E 112 10.30 14.38 -24.37
C ARG E 112 11.06 13.07 -24.39
N VAL E 113 10.34 11.98 -24.64
CA VAL E 113 10.98 10.73 -25.00
C VAL E 113 10.63 10.41 -26.44
N VAL E 114 11.65 10.09 -27.21
CA VAL E 114 11.54 9.80 -28.61
C VAL E 114 11.64 8.27 -28.74
N SER E 115 10.91 7.68 -29.69
CA SER E 115 10.78 6.22 -29.70
C SER E 115 12.05 5.47 -30.02
N ASP E 116 13.06 6.16 -30.55
CA ASP E 116 14.33 5.51 -30.88
C ASP E 116 15.24 5.37 -29.67
N GLY E 117 14.76 5.83 -28.51
CA GLY E 117 15.47 5.71 -27.24
C GLY E 117 15.99 7.02 -26.72
N GLU E 118 15.70 8.10 -27.43
CA GLU E 118 16.31 9.39 -27.11
C GLU E 118 15.50 10.22 -26.11
N VAL E 119 16.17 10.78 -25.13
CA VAL E 119 15.52 11.64 -24.16
C VAL E 119 15.95 13.11 -24.29
N LEU E 120 14.98 14.01 -24.34
CA LEU E 120 15.23 15.45 -24.39
C LEU E 120 14.66 16.15 -23.17
N TYR E 121 15.52 16.81 -22.39
CA TYR E 121 15.06 17.69 -21.31
C TYR E 121 15.55 19.11 -21.60
N MET E 122 14.62 20.04 -21.83
CA MET E 122 15.04 21.38 -22.27
C MET E 122 14.39 22.55 -21.52
N PRO E 123 14.67 22.64 -20.21
CA PRO E 123 14.10 23.68 -19.35
C PRO E 123 14.73 25.04 -19.56
N SER E 124 13.97 26.08 -19.26
CA SER E 124 14.49 27.42 -19.32
C SER E 124 14.73 27.87 -17.88
N ILE E 125 15.88 28.45 -17.62
CA ILE E 125 16.36 28.60 -16.25
C ILE E 125 16.79 30.03 -15.94
N ARG E 126 16.52 30.49 -14.73
CA ARG E 126 17.05 31.77 -14.31
C ARG E 126 18.05 31.62 -13.19
N GLN E 127 19.27 32.12 -13.39
CA GLN E 127 20.31 31.95 -12.37
C GLN E 127 21.29 33.13 -12.24
N ARG E 128 21.81 33.36 -11.04
CA ARG E 128 22.85 34.36 -10.79
C ARG E 128 24.26 33.72 -10.79
N PHE E 129 25.17 34.32 -11.53
CA PHE E 129 26.54 33.81 -11.66
C PHE E 129 27.55 34.87 -11.25
N SER E 130 28.71 34.41 -10.79
CA SER E 130 29.82 35.31 -10.54
C SER E 130 30.89 35.05 -11.59
N CYS E 131 31.28 36.12 -12.30
CA CYS E 131 32.24 36.04 -13.40
C CYS E 131 32.85 37.41 -13.74
N ASP E 132 33.94 37.40 -14.49
CA ASP E 132 34.55 38.63 -15.03
C ASP E 132 33.58 39.44 -15.89
N VAL E 133 33.32 40.67 -15.45
CA VAL E 133 32.27 41.49 -16.03
C VAL E 133 32.84 42.80 -16.55
N SER E 134 34.12 43.08 -16.24
CA SER E 134 34.77 44.32 -16.67
C SER E 134 34.83 44.40 -18.18
N GLY E 135 34.52 45.59 -18.71
CA GLY E 135 34.57 45.83 -20.13
C GLY E 135 33.21 45.82 -20.80
N VAL E 136 32.15 45.75 -20.00
CA VAL E 136 30.80 45.64 -20.55
C VAL E 136 30.38 46.87 -21.37
N ASP E 137 30.85 48.05 -20.97
CA ASP E 137 30.55 49.30 -21.68
C ASP E 137 31.37 49.50 -22.96
N THR E 138 32.58 48.95 -22.97
CA THR E 138 33.51 49.03 -24.11
C THR E 138 33.07 48.19 -25.31
N GLU E 139 33.56 48.56 -26.50
CA GLU E 139 33.04 47.99 -27.74
C GLU E 139 33.58 46.57 -27.93
N SER E 140 34.64 46.26 -27.19
CA SER E 140 35.22 44.94 -27.16
C SER E 140 34.32 43.99 -26.38
N GLY E 141 33.77 44.50 -25.29
CA GLY E 141 32.81 43.75 -24.49
C GLY E 141 33.43 42.92 -23.39
N ALA E 142 32.63 42.57 -22.40
CA ALA E 142 33.08 41.76 -21.28
C ALA E 142 32.89 40.30 -21.63
N THR E 143 33.73 39.44 -21.05
CA THR E 143 33.59 38.01 -21.28
C THR E 143 33.34 37.21 -19.99
N CYS E 144 32.13 36.67 -19.86
CA CYS E 144 31.77 35.89 -18.67
C CYS E 144 31.69 34.38 -18.96
N ARG E 145 32.33 33.58 -18.11
CA ARG E 145 32.41 32.12 -18.31
C ARG E 145 31.57 31.36 -17.29
N ILE E 146 30.68 30.52 -17.79
CA ILE E 146 29.89 29.63 -16.96
C ILE E 146 30.45 28.23 -17.12
N LYS E 147 30.69 27.56 -16.00
CA LYS E 147 31.22 26.20 -16.04
C LYS E 147 30.14 25.21 -15.57
N ILE E 148 29.61 24.41 -16.48
CA ILE E 148 28.59 23.43 -16.12
C ILE E 148 29.16 22.03 -16.19
N GLY E 149 28.92 21.22 -15.16
CA GLY E 149 29.45 19.88 -15.17
C GLY E 149 28.62 18.89 -14.39
N SER E 150 28.96 17.60 -14.51
CA SER E 150 28.30 16.59 -13.69
C SER E 150 28.85 16.61 -12.26
N TRP E 151 27.96 16.77 -11.29
CA TRP E 151 28.38 16.91 -9.91
C TRP E 151 28.90 15.62 -9.23
N THR E 152 28.08 14.58 -9.16
CA THR E 152 28.50 13.37 -8.43
C THR E 152 29.08 12.27 -9.31
N HIS E 153 28.88 12.38 -10.61
CA HIS E 153 29.39 11.33 -11.49
C HIS E 153 30.63 11.76 -12.22
N HIS E 154 31.70 11.00 -12.06
CA HIS E 154 32.93 11.29 -12.77
C HIS E 154 32.91 10.76 -14.22
N SER E 155 33.98 11.01 -14.97
CA SER E 155 33.98 10.87 -16.42
C SER E 155 33.81 9.45 -16.95
N ARG E 156 34.13 8.47 -16.12
CA ARG E 156 33.97 7.07 -16.48
C ARG E 156 32.47 6.68 -16.51
N GLU E 157 31.62 7.55 -15.97
CA GLU E 157 30.18 7.30 -15.83
C GLU E 157 29.33 8.21 -16.72
N ILE E 158 29.59 9.51 -16.63
CA ILE E 158 28.89 10.50 -17.47
C ILE E 158 29.92 11.38 -18.17
N SER E 159 29.71 11.68 -19.45
CA SER E 159 30.57 12.60 -20.17
C SER E 159 29.74 13.68 -20.86
N VAL E 160 30.03 14.94 -20.57
CA VAL E 160 29.29 16.01 -21.22
C VAL E 160 29.96 16.44 -22.52
N ASP E 161 29.18 16.51 -23.60
CA ASP E 161 29.70 16.87 -24.91
C ASP E 161 28.87 18.03 -25.49
N PRO E 162 29.52 19.14 -25.83
CA PRO E 162 28.71 20.25 -26.37
C PRO E 162 28.41 20.09 -27.86
N THR E 163 27.16 20.34 -28.25
CA THR E 163 26.76 20.35 -29.66
C THR E 163 27.03 21.70 -30.30
N SER E 167 22.16 27.73 -34.75
CA SER E 167 23.62 27.59 -34.76
C SER E 167 24.31 28.92 -34.48
N ASP E 168 23.50 29.97 -34.38
CA ASP E 168 23.95 31.30 -33.95
C ASP E 168 23.01 31.70 -32.83
N ASP E 169 23.53 32.59 -31.97
CA ASP E 169 22.83 33.25 -30.89
C ASP E 169 22.21 34.59 -31.31
N SER E 170 21.56 35.26 -30.36
CA SER E 170 20.69 36.39 -30.66
C SER E 170 19.52 35.93 -31.52
N GLU E 171 19.01 34.75 -31.18
CA GLU E 171 18.04 34.01 -31.98
C GLU E 171 16.81 33.65 -31.14
N TYR E 172 17.05 33.35 -29.87
CA TYR E 172 15.98 33.30 -28.90
C TYR E 172 16.28 34.37 -27.87
N PHE E 173 17.13 35.32 -28.25
CA PHE E 173 17.57 36.35 -27.30
C PHE E 173 16.68 37.59 -27.34
N SER E 174 16.01 37.85 -26.23
CA SER E 174 15.08 38.97 -26.11
C SER E 174 15.61 40.27 -26.72
N GLN E 175 14.81 40.88 -27.59
CA GLN E 175 15.18 42.14 -28.23
C GLN E 175 15.07 43.31 -27.29
N TYR E 176 14.46 43.11 -26.14
CA TYR E 176 14.21 44.21 -25.23
C TYR E 176 15.24 44.27 -24.12
N SER E 177 16.37 43.60 -24.33
CA SER E 177 17.41 43.59 -23.31
C SER E 177 18.31 44.81 -23.38
N ARG E 178 18.85 45.23 -22.24
CA ARG E 178 19.80 46.31 -22.26
C ARG E 178 20.96 45.86 -23.13
N PHE E 179 21.22 44.55 -23.14
CA PHE E 179 22.50 44.03 -23.62
C PHE E 179 22.40 43.29 -24.96
N GLU E 180 23.50 43.20 -25.68
CA GLU E 180 23.53 42.44 -26.92
C GLU E 180 24.66 41.43 -26.91
N ILE E 181 24.45 40.29 -27.57
CA ILE E 181 25.46 39.25 -27.53
C ILE E 181 26.41 39.28 -28.72
N LEU E 182 27.69 39.41 -28.42
CA LEU E 182 28.68 39.49 -29.48
C LEU E 182 29.16 38.13 -29.97
N ASP E 183 29.28 37.18 -29.07
CA ASP E 183 29.65 35.80 -29.41
C ASP E 183 29.28 34.80 -28.32
N VAL E 184 29.21 33.52 -28.69
CA VAL E 184 29.13 32.42 -27.72
C VAL E 184 29.93 31.19 -28.17
N THR E 185 30.82 30.69 -27.31
CA THR E 185 31.62 29.51 -27.61
C THR E 185 31.53 28.43 -26.52
N GLN E 186 31.31 27.18 -26.90
CA GLN E 186 31.31 26.05 -25.95
C GLN E 186 32.61 25.24 -26.10
N LYS E 187 33.13 24.76 -24.97
CA LYS E 187 34.41 24.04 -24.91
C LYS E 187 34.27 22.99 -23.80
N LYS E 188 35.15 22.00 -23.79
CA LYS E 188 35.02 20.89 -22.86
C LYS E 188 36.32 20.70 -22.10
N ASN E 189 36.23 20.67 -20.77
CA ASN E 189 37.40 20.49 -19.90
C ASN E 189 37.18 19.29 -19.03
N SER E 190 38.24 18.83 -18.41
CA SER E 190 38.18 17.62 -17.63
C SER E 190 39.17 17.75 -16.48
N VAL E 191 38.65 18.09 -15.31
CA VAL E 191 39.50 18.38 -14.16
C VAL E 191 39.44 17.31 -13.08
N THR E 192 40.57 17.10 -12.41
CA THR E 192 40.66 16.27 -11.21
C THR E 192 40.99 17.17 -10.01
N TYR E 193 40.26 17.02 -8.91
CA TYR E 193 40.46 17.87 -7.74
C TYR E 193 41.15 17.10 -6.62
N SER E 194 41.80 17.81 -5.70
CA SER E 194 42.65 17.15 -4.71
C SER E 194 41.95 16.30 -3.64
N CYS E 195 40.64 16.14 -3.76
CA CYS E 195 39.88 15.38 -2.78
C CYS E 195 39.69 13.94 -3.22
N CYS E 196 39.71 13.74 -4.54
CA CYS E 196 39.21 12.53 -5.17
C CYS E 196 40.00 12.29 -6.46
N PRO E 197 40.46 11.05 -6.68
CA PRO E 197 41.34 10.74 -7.82
C PRO E 197 40.69 10.60 -9.21
N GLU E 198 39.38 10.77 -9.34
CA GLU E 198 38.73 10.65 -10.65
C GLU E 198 38.37 12.00 -11.32
N ALA E 199 38.45 12.04 -12.65
CA ALA E 199 38.20 13.28 -13.36
C ALA E 199 36.70 13.57 -13.51
N TYR E 200 36.36 14.85 -13.48
CA TYR E 200 35.01 15.30 -13.76
C TYR E 200 35.01 16.14 -15.01
N GLU E 201 34.12 15.85 -15.96
CA GLU E 201 34.01 16.65 -17.17
C GLU E 201 33.09 17.85 -16.97
N ASP E 202 33.45 18.96 -17.60
CA ASP E 202 32.56 20.12 -17.65
C ASP E 202 32.57 20.77 -19.02
N VAL E 203 31.63 21.66 -19.22
CA VAL E 203 31.53 22.37 -20.48
C VAL E 203 31.57 23.80 -20.04
N GLU E 204 32.48 24.56 -20.63
CA GLU E 204 32.57 25.99 -20.35
C GLU E 204 31.94 26.76 -21.48
N VAL E 205 30.87 27.47 -21.16
CA VAL E 205 30.22 28.37 -22.11
C VAL E 205 30.78 29.77 -21.91
N SER E 206 31.42 30.30 -22.95
CA SER E 206 31.97 31.65 -22.90
C SER E 206 31.02 32.57 -23.61
N LEU E 207 30.54 33.55 -22.86
CA LEU E 207 29.63 34.54 -23.40
C LEU E 207 30.33 35.89 -23.56
N ASN E 208 30.44 36.35 -24.79
CA ASN E 208 30.95 37.69 -25.03
C ASN E 208 29.80 38.64 -25.38
N PHE E 209 29.59 39.63 -24.51
CA PHE E 209 28.49 40.56 -24.64
C PHE E 209 28.89 41.97 -24.20
N ARG E 210 28.09 42.96 -24.57
CA ARG E 210 28.30 44.34 -24.11
C ARG E 210 26.96 45.07 -24.00
N LYS E 211 26.97 46.26 -23.42
CA LYS E 211 25.77 47.09 -23.33
C LYS E 211 25.47 47.67 -24.71
N LYS E 212 24.25 48.16 -24.92
CA LYS E 212 23.86 48.73 -26.20
C LYS E 212 24.05 50.24 -26.17
N GLY E 213 24.06 50.86 -27.35
CA GLY E 213 24.10 52.31 -27.48
C GLY E 213 22.72 52.95 -27.43
N ASP F 1 -4.57 -8.98 -36.25
CA ASP F 1 -4.45 -10.01 -37.28
C ASP F 1 -3.61 -11.22 -36.82
N TYR F 2 -2.97 -11.91 -37.76
CA TYR F 2 -2.25 -13.14 -37.46
C TYR F 2 -0.74 -12.95 -37.23
N LYS F 3 -0.14 -12.02 -37.96
CA LYS F 3 1.31 -11.85 -37.97
C LYS F 3 1.83 -10.91 -36.88
N ASP F 4 0.96 -10.51 -35.97
CA ASP F 4 1.35 -9.62 -34.87
C ASP F 4 0.94 -10.18 -33.49
N ASP F 5 0.48 -11.43 -33.47
CA ASP F 5 -0.12 -12.06 -32.28
C ASP F 5 0.87 -12.49 -31.18
N ASP F 6 2.17 -12.37 -31.45
CA ASP F 6 3.15 -12.84 -30.47
C ASP F 6 3.99 -11.76 -29.81
N ASP F 7 3.71 -10.50 -30.09
CA ASP F 7 4.50 -9.41 -29.53
C ASP F 7 4.26 -9.31 -28.03
N LYS F 8 5.23 -9.79 -27.25
CA LYS F 8 5.06 -9.92 -25.80
C LYS F 8 4.74 -8.59 -25.17
N LEU F 9 5.33 -7.52 -25.70
CA LEU F 9 5.06 -6.18 -25.18
C LEU F 9 3.63 -5.71 -25.48
N ASP F 10 3.16 -5.95 -26.70
CA ASP F 10 1.77 -5.67 -27.07
C ASP F 10 0.82 -6.46 -26.20
N ARG F 11 1.16 -7.70 -25.90
CA ARG F 11 0.27 -8.51 -25.10
C ARG F 11 0.17 -7.92 -23.70
N ALA F 12 1.31 -7.60 -23.09
CA ALA F 12 1.32 -7.09 -21.72
C ALA F 12 0.53 -5.79 -21.57
N ASP F 13 0.42 -5.02 -22.65
CA ASP F 13 -0.30 -3.76 -22.64
C ASP F 13 -1.81 -3.93 -22.79
N ILE F 14 -2.23 -4.86 -23.63
CA ILE F 14 -3.64 -5.23 -23.73
C ILE F 14 -4.10 -5.72 -22.36
N LEU F 15 -3.25 -6.46 -21.67
CA LEU F 15 -3.61 -6.94 -20.35
C LEU F 15 -3.76 -5.80 -19.35
N TYR F 16 -2.89 -4.79 -19.43
CA TYR F 16 -2.98 -3.61 -18.57
C TYR F 16 -4.26 -2.81 -18.83
N ASN F 17 -4.59 -2.61 -20.10
CA ASN F 17 -5.80 -1.89 -20.48
C ASN F 17 -7.07 -2.58 -19.99
N ILE F 18 -7.09 -3.90 -20.08
CA ILE F 18 -8.17 -4.69 -19.50
C ILE F 18 -8.35 -4.47 -18.00
N ARG F 19 -7.31 -4.74 -17.21
CA ARG F 19 -7.34 -4.47 -15.77
C ARG F 19 -7.70 -3.05 -15.33
N GLN F 20 -7.65 -2.08 -16.24
CA GLN F 20 -8.00 -0.71 -15.89
C GLN F 20 -9.47 -0.44 -16.10
N THR F 21 -10.05 -1.12 -17.09
CA THR F 21 -11.43 -0.91 -17.47
C THR F 21 -12.35 -1.93 -16.79
N SER F 22 -11.79 -3.09 -16.48
CA SER F 22 -12.59 -4.18 -15.98
C SER F 22 -13.03 -3.88 -14.57
N ARG F 23 -14.35 -3.95 -14.35
CA ARG F 23 -14.92 -3.87 -13.02
C ARG F 23 -15.48 -5.28 -12.73
N PRO F 24 -14.74 -6.09 -11.95
CA PRO F 24 -15.01 -7.53 -11.91
C PRO F 24 -16.20 -7.91 -11.06
N ASP F 25 -16.82 -6.91 -10.45
CA ASP F 25 -17.90 -7.21 -9.53
CA ASP F 25 -17.84 -7.07 -9.45
C ASP F 25 -19.19 -6.55 -9.95
N VAL F 26 -19.17 -5.96 -11.13
CA VAL F 26 -20.34 -5.28 -11.69
C VAL F 26 -20.75 -5.95 -13.00
N ILE F 27 -22.03 -6.17 -13.21
CA ILE F 27 -22.50 -6.80 -14.44
C ILE F 27 -22.23 -5.88 -15.62
N PRO F 28 -21.63 -6.42 -16.70
CA PRO F 28 -21.24 -5.64 -17.87
C PRO F 28 -22.42 -5.38 -18.80
N THR F 29 -23.42 -4.71 -18.26
CA THR F 29 -24.66 -4.42 -18.96
C THR F 29 -24.41 -3.26 -19.92
N GLN F 30 -24.95 -3.37 -21.13
CA GLN F 30 -24.75 -2.40 -22.20
C GLN F 30 -26.08 -1.89 -22.71
N ARG F 31 -26.30 -0.58 -22.64
CA ARG F 31 -27.50 0.05 -23.18
C ARG F 31 -28.83 -0.44 -22.58
N ASP F 32 -28.83 -0.70 -21.27
CA ASP F 32 -30.07 -1.01 -20.55
C ASP F 32 -30.74 -2.35 -20.92
N ARG F 33 -30.12 -3.12 -21.80
CA ARG F 33 -30.58 -4.47 -22.08
C ARG F 33 -29.84 -5.38 -21.08
N PRO F 34 -30.36 -6.60 -20.84
CA PRO F 34 -29.69 -7.52 -19.91
C PRO F 34 -28.40 -8.08 -20.49
N VAL F 35 -27.61 -8.79 -19.70
CA VAL F 35 -26.39 -9.38 -20.23
C VAL F 35 -26.67 -10.77 -20.79
N ALA F 36 -26.47 -10.94 -22.09
CA ALA F 36 -26.69 -12.25 -22.71
C ALA F 36 -25.53 -13.20 -22.47
N VAL F 37 -25.76 -14.26 -21.70
CA VAL F 37 -24.75 -15.26 -21.47
C VAL F 37 -25.04 -16.51 -22.29
N SER F 38 -24.07 -16.97 -23.08
CA SER F 38 -24.18 -18.25 -23.77
C SER F 38 -23.70 -19.41 -22.92
N VAL F 39 -24.51 -20.46 -22.83
CA VAL F 39 -24.12 -21.68 -22.12
C VAL F 39 -24.24 -22.85 -23.07
N SER F 40 -23.38 -23.84 -22.90
CA SER F 40 -23.48 -25.08 -23.65
C SER F 40 -22.67 -26.13 -22.94
N LEU F 41 -23.25 -27.30 -22.72
CA LEU F 41 -22.52 -28.41 -22.12
C LEU F 41 -22.10 -29.37 -23.20
N LYS F 42 -20.83 -29.77 -23.19
CA LYS F 42 -20.40 -30.94 -23.93
C LYS F 42 -19.96 -31.92 -22.86
N PHE F 43 -20.48 -33.14 -22.91
CA PHE F 43 -20.07 -34.14 -21.93
C PHE F 43 -18.72 -34.78 -22.28
N ILE F 44 -17.95 -35.09 -21.23
CA ILE F 44 -16.67 -35.73 -21.40
C ILE F 44 -16.74 -37.17 -20.90
N ASN F 45 -17.33 -37.38 -19.74
CA ASN F 45 -17.46 -38.71 -19.19
C ASN F 45 -18.59 -38.82 -18.23
N ILE F 46 -19.06 -40.04 -18.04
CA ILE F 46 -19.92 -40.40 -16.93
C ILE F 46 -19.28 -41.60 -16.24
N LEU F 47 -19.03 -41.51 -14.93
CA LEU F 47 -18.37 -42.62 -14.22
C LEU F 47 -19.22 -43.32 -13.14
N GLU F 48 -19.61 -42.58 -12.10
CA GLU F 48 -20.52 -43.06 -11.09
C GLU F 48 -21.98 -42.91 -11.51
N VAL F 49 -22.80 -43.91 -11.18
CA VAL F 49 -24.21 -43.81 -11.32
C VAL F 49 -24.75 -44.76 -10.35
N ASN F 50 -25.68 -44.34 -9.54
CA ASN F 50 -26.44 -45.24 -8.69
C ASN F 50 -27.94 -45.09 -8.95
N GLU F 51 -28.59 -46.21 -9.24
CA GLU F 51 -30.03 -46.22 -9.48
C GLU F 51 -30.83 -46.25 -8.18
N ILE F 52 -30.18 -46.63 -7.08
CA ILE F 52 -30.83 -46.57 -5.78
C ILE F 52 -31.06 -45.12 -5.35
N THR F 53 -29.97 -44.38 -5.17
CA THR F 53 -30.05 -43.02 -4.63
C THR F 53 -30.39 -41.93 -5.64
N ASN F 54 -30.25 -42.26 -6.92
CA ASN F 54 -30.43 -41.30 -8.02
C ASN F 54 -29.38 -40.19 -8.05
N GLU F 55 -28.13 -40.62 -8.14
CA GLU F 55 -27.00 -39.71 -8.18
C GLU F 55 -26.17 -40.04 -9.40
N VAL F 56 -25.44 -39.07 -9.92
CA VAL F 56 -24.56 -39.31 -11.06
C VAL F 56 -23.35 -38.38 -11.08
N ASP F 57 -22.20 -38.95 -11.36
CA ASP F 57 -20.95 -38.22 -11.49
C ASP F 57 -20.71 -37.87 -12.96
N VAL F 58 -20.62 -36.58 -13.29
CA VAL F 58 -20.31 -36.24 -14.67
C VAL F 58 -19.10 -35.32 -14.78
N VAL F 59 -18.37 -35.48 -15.87
CA VAL F 59 -17.38 -34.52 -16.29
C VAL F 59 -17.91 -33.92 -17.56
N PHE F 60 -18.10 -32.62 -17.54
CA PHE F 60 -18.58 -31.93 -18.72
C PHE F 60 -17.69 -30.73 -18.98
N TRP F 61 -17.70 -30.29 -20.24
CA TRP F 61 -16.99 -29.08 -20.64
C TRP F 61 -18.01 -27.96 -20.75
N GLN F 62 -17.96 -27.00 -19.84
CA GLN F 62 -18.96 -25.93 -19.78
C GLN F 62 -18.52 -24.71 -20.53
N GLN F 63 -19.13 -24.44 -21.67
CA GLN F 63 -18.74 -23.29 -22.47
C GLN F 63 -19.58 -22.09 -22.09
N THR F 64 -18.92 -20.97 -21.82
CA THR F 64 -19.62 -19.79 -21.39
C THR F 64 -19.03 -18.62 -22.16
N THR F 65 -19.91 -17.80 -22.72
CA THR F 65 -19.46 -16.64 -23.46
C THR F 65 -20.43 -15.49 -23.19
N TRP F 66 -19.90 -14.29 -22.99
CA TRP F 66 -20.73 -13.10 -22.93
C TRP F 66 -19.94 -12.02 -23.60
N SER F 67 -20.37 -10.78 -23.45
CA SER F 67 -19.73 -9.71 -24.16
C SER F 67 -19.49 -8.51 -23.26
N ASP F 68 -18.30 -7.92 -23.36
CA ASP F 68 -18.01 -6.67 -22.69
CA ASP F 68 -17.94 -6.70 -22.67
C ASP F 68 -17.37 -5.72 -23.69
N ARG F 69 -18.22 -5.03 -24.45
CA ARG F 69 -17.74 -4.06 -25.43
C ARG F 69 -16.84 -2.95 -24.85
N THR F 70 -16.85 -2.77 -23.52
CA THR F 70 -15.92 -1.82 -22.92
C THR F 70 -14.49 -2.35 -23.03
N LEU F 71 -14.32 -3.68 -22.97
CA LEU F 71 -12.98 -4.28 -23.03
C LEU F 71 -12.32 -4.32 -24.42
N ALA F 72 -13.00 -3.81 -25.45
CA ALA F 72 -12.47 -3.95 -26.82
C ALA F 72 -11.28 -3.04 -27.16
N TRP F 73 -10.60 -3.36 -28.26
CA TRP F 73 -9.41 -2.62 -28.68
C TRP F 73 -9.19 -2.80 -30.18
N ASN F 74 -8.41 -1.91 -30.79
CA ASN F 74 -8.13 -1.94 -32.22
C ASN F 74 -7.03 -2.95 -32.51
N SER F 75 -7.37 -4.09 -33.09
CA SER F 75 -6.42 -5.20 -33.23
C SER F 75 -5.51 -5.18 -34.48
N SER F 76 -5.70 -4.20 -35.34
CA SER F 76 -5.08 -4.17 -36.66
C SER F 76 -3.60 -4.56 -36.61
N HIS F 77 -2.89 -4.05 -35.62
CA HIS F 77 -1.48 -4.36 -35.48
C HIS F 77 -1.21 -4.69 -34.02
N SER F 78 -2.15 -5.43 -33.45
CA SER F 78 -2.07 -5.96 -32.10
C SER F 78 -2.54 -7.41 -32.18
N PRO F 79 -2.38 -8.17 -31.09
CA PRO F 79 -2.95 -9.52 -31.09
C PRO F 79 -4.49 -9.46 -31.08
N ASP F 80 -5.18 -10.50 -31.57
CA ASP F 80 -6.65 -10.53 -31.57
C ASP F 80 -7.22 -11.04 -30.26
N GLN F 81 -6.49 -11.93 -29.60
CA GLN F 81 -6.94 -12.51 -28.35
C GLN F 81 -5.79 -12.65 -27.38
N VAL F 82 -6.12 -12.58 -26.10
CA VAL F 82 -5.17 -12.86 -25.04
C VAL F 82 -5.89 -13.63 -23.92
N SER F 83 -5.11 -14.40 -23.15
CA SER F 83 -5.62 -15.05 -21.95
C SER F 83 -5.56 -14.11 -20.72
N VAL F 84 -6.64 -14.10 -19.92
CA VAL F 84 -6.67 -13.35 -18.68
C VAL F 84 -7.10 -14.28 -17.51
N PRO F 85 -6.49 -14.11 -16.32
CA PRO F 85 -6.93 -14.74 -15.07
C PRO F 85 -8.36 -14.31 -14.70
N ILE F 86 -9.22 -15.24 -14.27
CA ILE F 86 -10.63 -14.87 -14.07
C ILE F 86 -10.88 -13.95 -12.89
N SER F 87 -9.95 -13.87 -11.94
CA SER F 87 -10.10 -12.92 -10.84
C SER F 87 -10.17 -11.46 -11.35
N SER F 88 -9.62 -11.22 -12.54
CA SER F 88 -9.57 -9.89 -13.17
C SER F 88 -10.82 -9.53 -13.98
N LEU F 89 -11.82 -10.39 -13.98
CA LEU F 89 -12.93 -10.16 -14.87
C LEU F 89 -14.22 -10.53 -14.17
N TRP F 90 -15.29 -9.81 -14.49
CA TRP F 90 -16.59 -10.27 -14.07
C TRP F 90 -16.93 -11.59 -14.77
N VAL F 91 -17.41 -12.55 -13.98
CA VAL F 91 -17.79 -13.87 -14.44
C VAL F 91 -19.22 -14.11 -13.97
N PRO F 92 -20.09 -14.64 -14.85
CA PRO F 92 -21.48 -14.83 -14.44
C PRO F 92 -21.62 -15.84 -13.31
N ASP F 93 -22.47 -15.54 -12.32
CA ASP F 93 -22.68 -16.37 -11.13
C ASP F 93 -23.60 -17.60 -11.35
N LEU F 94 -23.17 -18.53 -12.20
CA LEU F 94 -23.98 -19.70 -12.48
C LEU F 94 -23.98 -20.69 -11.33
N ALA F 95 -25.06 -21.45 -11.22
CA ALA F 95 -25.18 -22.46 -10.17
C ALA F 95 -26.12 -23.58 -10.64
N ALA F 96 -25.79 -24.81 -10.30
CA ALA F 96 -26.63 -25.94 -10.70
C ALA F 96 -27.64 -26.29 -9.59
N TYR F 97 -28.92 -26.30 -9.92
CA TYR F 97 -29.98 -26.44 -8.91
C TYR F 97 -30.00 -27.82 -8.24
N ASN F 98 -29.62 -28.84 -8.99
CA ASN F 98 -29.69 -30.21 -8.53
C ASN F 98 -28.31 -30.82 -8.31
N ALA F 99 -27.35 -29.97 -8.00
CA ALA F 99 -26.03 -30.43 -7.64
C ALA F 99 -26.02 -30.77 -6.16
N ILE F 100 -25.27 -31.80 -5.78
CA ILE F 100 -25.24 -32.22 -4.39
C ILE F 100 -23.81 -32.19 -3.88
N SER F 101 -22.88 -31.85 -4.77
CA SER F 101 -21.48 -31.62 -4.41
C SER F 101 -21.01 -30.28 -4.98
N LYS F 102 -19.99 -29.70 -4.34
CA LYS F 102 -19.28 -28.55 -4.90
C LYS F 102 -18.74 -28.93 -6.28
N PRO F 103 -18.66 -27.95 -7.21
CA PRO F 103 -18.00 -28.22 -8.50
C PRO F 103 -16.46 -28.25 -8.40
N GLU F 104 -15.87 -29.34 -8.89
CA GLU F 104 -14.42 -29.50 -8.91
C GLU F 104 -13.92 -29.11 -10.31
N VAL F 105 -13.26 -27.95 -10.40
CA VAL F 105 -12.79 -27.45 -11.68
C VAL F 105 -11.46 -28.11 -11.98
N LEU F 106 -11.34 -28.65 -13.19
CA LEU F 106 -10.23 -29.54 -13.52
C LEU F 106 -9.13 -28.85 -14.24
N THR F 107 -9.48 -27.76 -14.92
CA THR F 107 -8.58 -27.03 -15.82
C THR F 107 -8.12 -25.70 -15.23
N PRO F 108 -7.08 -25.09 -15.84
CA PRO F 108 -6.61 -23.72 -15.53
C PRO F 108 -7.71 -22.67 -15.63
N GLN F 109 -7.70 -21.67 -14.76
CA GLN F 109 -8.81 -20.73 -14.74
C GLN F 109 -8.50 -19.45 -15.50
N LEU F 110 -8.36 -19.61 -16.80
CA LEU F 110 -8.12 -18.50 -17.68
C LEU F 110 -9.30 -18.34 -18.60
N ALA F 111 -9.49 -17.13 -19.09
CA ALA F 111 -10.55 -16.89 -20.03
C ALA F 111 -9.94 -16.17 -21.20
N ARG F 112 -10.44 -16.42 -22.40
CA ARG F 112 -9.97 -15.69 -23.56
C ARG F 112 -10.76 -14.41 -23.62
N VAL F 113 -10.11 -13.34 -24.07
CA VAL F 113 -10.80 -12.11 -24.39
C VAL F 113 -10.42 -11.78 -25.81
N VAL F 114 -11.42 -11.72 -26.67
CA VAL F 114 -11.24 -11.38 -28.08
C VAL F 114 -11.29 -9.88 -28.21
N SER F 115 -10.69 -9.33 -29.26
CA SER F 115 -10.50 -7.89 -29.39
C SER F 115 -11.76 -7.09 -29.65
N ASP F 116 -12.87 -7.77 -29.96
CA ASP F 116 -14.17 -7.10 -30.13
C ASP F 116 -15.01 -7.04 -28.85
N GLY F 117 -14.40 -7.41 -27.73
CA GLY F 117 -15.07 -7.32 -26.45
C GLY F 117 -15.87 -8.55 -26.12
N GLU F 118 -15.37 -9.70 -26.52
CA GLU F 118 -16.07 -10.94 -26.19
C GLU F 118 -15.24 -11.69 -25.16
N VAL F 119 -15.88 -12.17 -24.10
CA VAL F 119 -15.17 -13.01 -23.17
C VAL F 119 -15.65 -14.45 -23.30
N LEU F 120 -14.68 -15.38 -23.31
CA LEU F 120 -14.93 -16.80 -23.32
C LEU F 120 -14.30 -17.41 -22.10
N TYR F 121 -15.11 -18.06 -21.28
CA TYR F 121 -14.60 -18.86 -20.16
C TYR F 121 -15.14 -20.25 -20.36
N MET F 122 -14.26 -21.25 -20.40
CA MET F 122 -14.65 -22.63 -20.71
C MET F 122 -13.93 -23.70 -19.93
N PRO F 123 -14.26 -23.83 -18.63
CA PRO F 123 -13.65 -24.82 -17.76
C PRO F 123 -14.27 -26.19 -17.97
N SER F 124 -13.48 -27.23 -17.70
CA SER F 124 -14.00 -28.58 -17.64
C SER F 124 -14.23 -28.92 -16.16
N ILE F 125 -15.42 -29.39 -15.84
CA ILE F 125 -15.87 -29.55 -14.47
C ILE F 125 -16.29 -30.99 -14.15
N ARG F 126 -15.88 -31.48 -12.98
CA ARG F 126 -16.44 -32.72 -12.44
C ARG F 126 -17.46 -32.38 -11.36
N GLN F 127 -18.64 -33.00 -11.40
CA GLN F 127 -19.68 -32.69 -10.41
C GLN F 127 -20.72 -33.80 -10.23
N ARG F 128 -21.28 -33.90 -9.01
CA ARG F 128 -22.35 -34.87 -8.71
C ARG F 128 -23.76 -34.25 -8.75
N PHE F 129 -24.71 -34.91 -9.41
CA PHE F 129 -26.06 -34.40 -9.48
C PHE F 129 -27.08 -35.39 -8.99
N SER F 130 -28.16 -34.85 -8.42
CA SER F 130 -29.38 -35.60 -8.18
C SER F 130 -30.27 -35.54 -9.41
N CYS F 131 -30.69 -36.71 -9.91
CA CYS F 131 -31.51 -36.82 -11.14
C CYS F 131 -32.20 -38.18 -11.27
N ASP F 132 -33.17 -38.30 -12.17
CA ASP F 132 -33.78 -39.61 -12.46
C ASP F 132 -32.94 -40.46 -13.37
N VAL F 133 -32.39 -41.53 -12.79
CA VAL F 133 -31.50 -42.44 -13.49
C VAL F 133 -32.22 -43.76 -13.82
N SER F 134 -33.51 -43.83 -13.50
CA SER F 134 -34.28 -45.03 -13.80
C SER F 134 -34.36 -45.27 -15.31
N GLY F 135 -33.79 -46.38 -15.77
CA GLY F 135 -33.89 -46.76 -17.16
C GLY F 135 -32.54 -46.93 -17.81
N VAL F 136 -31.50 -46.72 -17.01
CA VAL F 136 -30.14 -46.71 -17.50
C VAL F 136 -29.77 -48.01 -18.24
N ASP F 137 -30.32 -49.14 -17.79
CA ASP F 137 -29.97 -50.44 -18.36
C ASP F 137 -30.75 -50.79 -19.64
N THR F 138 -31.96 -50.24 -19.73
CA THR F 138 -32.90 -50.40 -20.86
C THR F 138 -32.48 -49.61 -22.11
N GLU F 139 -33.03 -49.97 -23.27
CA GLU F 139 -32.49 -49.46 -24.53
C GLU F 139 -32.86 -48.01 -24.80
N SER F 140 -33.95 -47.54 -24.21
CA SER F 140 -34.36 -46.15 -24.35
C SER F 140 -33.55 -45.25 -23.41
N GLY F 141 -33.00 -45.88 -22.37
CA GLY F 141 -32.07 -45.21 -21.48
C GLY F 141 -32.76 -44.39 -20.42
N ALA F 142 -31.96 -43.75 -19.59
CA ALA F 142 -32.47 -42.87 -18.55
C ALA F 142 -32.33 -41.42 -19.04
N THR F 143 -33.18 -40.53 -18.54
CA THR F 143 -33.06 -39.13 -18.92
C THR F 143 -32.85 -38.18 -17.74
N CYS F 144 -31.58 -37.95 -17.40
CA CYS F 144 -31.22 -36.95 -16.40
C CYS F 144 -31.41 -35.54 -16.95
N ARG F 145 -31.89 -34.64 -16.10
CA ARG F 145 -31.96 -33.21 -16.42
C ARG F 145 -31.16 -32.39 -15.42
N ILE F 146 -30.35 -31.46 -15.91
CA ILE F 146 -29.58 -30.60 -15.04
C ILE F 146 -30.01 -29.16 -15.30
N LYS F 147 -30.24 -28.40 -14.23
CA LYS F 147 -30.63 -27.00 -14.38
C LYS F 147 -29.55 -26.07 -13.85
N ILE F 148 -29.11 -25.15 -14.71
CA ILE F 148 -28.07 -24.20 -14.39
C ILE F 148 -28.59 -22.81 -14.65
N GLY F 149 -28.59 -21.97 -13.63
CA GLY F 149 -29.14 -20.63 -13.77
C GLY F 149 -28.26 -19.62 -13.09
N SER F 150 -28.56 -18.34 -13.28
CA SER F 150 -27.84 -17.30 -12.58
C SER F 150 -28.38 -17.25 -11.18
N TRP F 151 -27.51 -17.24 -10.19
CA TRP F 151 -27.97 -17.39 -8.80
C TRP F 151 -28.65 -16.14 -8.21
N THR F 152 -27.96 -15.01 -8.17
CA THR F 152 -28.53 -13.80 -7.58
C THR F 152 -29.06 -12.77 -8.59
N HIS F 153 -28.78 -12.96 -9.86
CA HIS F 153 -29.28 -12.03 -10.86
C HIS F 153 -30.55 -12.49 -11.53
N HIS F 154 -31.59 -11.69 -11.44
CA HIS F 154 -32.85 -12.03 -12.07
C HIS F 154 -32.82 -11.72 -13.56
N SER F 155 -33.90 -12.11 -14.23
CA SER F 155 -33.98 -12.13 -15.69
C SER F 155 -33.75 -10.77 -16.33
N ARG F 156 -34.01 -9.70 -15.59
CA ARG F 156 -33.81 -8.35 -16.11
C ARG F 156 -32.34 -7.92 -16.18
N GLU F 157 -31.48 -8.61 -15.45
CA GLU F 157 -30.05 -8.29 -15.40
C GLU F 157 -29.24 -9.29 -16.25
N ILE F 158 -29.57 -10.56 -16.13
CA ILE F 158 -28.84 -11.61 -16.81
C ILE F 158 -29.82 -12.58 -17.44
N SER F 159 -29.72 -12.73 -18.75
CA SER F 159 -30.44 -13.78 -19.46
C SER F 159 -29.48 -14.85 -19.98
N VAL F 160 -30.00 -16.01 -20.36
CA VAL F 160 -29.16 -17.08 -20.89
C VAL F 160 -29.62 -17.54 -22.27
N ASP F 161 -28.70 -18.12 -23.01
CA ASP F 161 -28.92 -18.43 -24.39
C ASP F 161 -28.19 -19.66 -24.55
N PRO F 162 -28.89 -20.75 -24.86
CA PRO F 162 -28.25 -22.05 -25.05
C PRO F 162 -27.53 -22.15 -26.40
N THR F 163 -26.34 -21.56 -26.48
CA THR F 163 -25.56 -21.58 -27.71
C THR F 163 -26.09 -20.56 -28.71
N ASP F 169 -24.34 -34.26 -28.95
CA ASP F 169 -23.25 -34.82 -29.74
C ASP F 169 -22.29 -35.70 -28.92
N SER F 170 -21.30 -36.24 -29.60
CA SER F 170 -20.44 -37.29 -29.07
C SER F 170 -19.00 -37.00 -29.45
N GLU F 171 -18.69 -35.74 -29.69
CA GLU F 171 -17.41 -35.37 -30.27
C GLU F 171 -16.30 -35.39 -29.23
N TYR F 172 -16.61 -34.99 -28.02
CA TYR F 172 -15.60 -34.92 -26.97
C TYR F 172 -15.80 -35.96 -25.88
N PHE F 173 -16.72 -36.89 -26.09
CA PHE F 173 -17.03 -37.91 -25.08
C PHE F 173 -16.04 -39.06 -25.08
N SER F 174 -15.59 -39.46 -23.89
CA SER F 174 -14.66 -40.58 -23.73
C SER F 174 -15.17 -41.83 -24.42
N GLN F 175 -14.26 -42.53 -25.11
CA GLN F 175 -14.58 -43.80 -25.74
C GLN F 175 -14.54 -44.94 -24.72
N TYR F 176 -14.01 -44.67 -23.54
CA TYR F 176 -13.73 -45.70 -22.55
C TYR F 176 -14.69 -45.72 -21.36
N SER F 177 -15.81 -45.03 -21.52
CA SER F 177 -16.78 -44.94 -20.45
C SER F 177 -17.73 -46.15 -20.52
N ARG F 178 -18.29 -46.55 -19.37
CA ARG F 178 -19.26 -47.63 -19.30
C ARG F 178 -20.61 -47.26 -19.90
N PHE F 179 -20.76 -45.98 -20.22
CA PHE F 179 -22.04 -45.45 -20.66
C PHE F 179 -21.90 -44.83 -22.02
N GLU F 180 -23.03 -44.53 -22.65
CA GLU F 180 -22.99 -43.88 -23.96
C GLU F 180 -24.17 -42.93 -24.16
N ILE F 181 -23.92 -41.85 -24.91
CA ILE F 181 -24.89 -40.79 -25.03
C ILE F 181 -25.77 -40.97 -26.23
N LEU F 182 -27.07 -41.11 -26.00
CA LEU F 182 -28.02 -41.21 -27.10
C LEU F 182 -28.35 -39.84 -27.68
N ASP F 183 -28.62 -38.86 -26.84
CA ASP F 183 -28.87 -37.49 -27.31
C ASP F 183 -28.74 -36.40 -26.25
N VAL F 184 -28.47 -35.16 -26.66
CA VAL F 184 -28.40 -34.02 -25.75
C VAL F 184 -29.13 -32.79 -26.28
N THR F 185 -30.04 -32.26 -25.47
CA THR F 185 -30.86 -31.12 -25.87
C THR F 185 -30.89 -30.02 -24.78
N GLN F 186 -31.08 -28.77 -25.16
CA GLN F 186 -31.04 -27.65 -24.24
C GLN F 186 -32.26 -26.76 -24.38
N LYS F 187 -32.96 -26.52 -23.28
CA LYS F 187 -34.08 -25.57 -23.27
C LYS F 187 -33.73 -24.44 -22.32
N LYS F 188 -34.50 -23.37 -22.44
CA LYS F 188 -34.36 -22.22 -21.57
C LYS F 188 -35.63 -22.16 -20.77
N ASN F 189 -35.52 -21.96 -19.48
CA ASN F 189 -36.71 -21.83 -18.67
C ASN F 189 -36.67 -20.58 -17.83
N SER F 190 -37.83 -19.97 -17.62
CA SER F 190 -37.89 -18.79 -16.80
C SER F 190 -38.93 -18.94 -15.70
N VAL F 191 -38.49 -18.79 -14.46
CA VAL F 191 -39.39 -19.05 -13.35
C VAL F 191 -39.31 -18.02 -12.22
N THR F 192 -40.47 -17.66 -11.69
CA THR F 192 -40.59 -16.87 -10.47
C THR F 192 -40.87 -17.81 -9.29
N TYR F 193 -40.24 -17.57 -8.14
CA TYR F 193 -40.48 -18.40 -6.96
C TYR F 193 -41.27 -17.62 -5.91
N SER F 194 -41.69 -18.27 -4.83
CA SER F 194 -42.55 -17.59 -3.87
C SER F 194 -41.85 -16.37 -3.29
N CYS F 195 -40.52 -16.45 -3.22
CA CYS F 195 -39.69 -15.64 -2.35
C CYS F 195 -39.64 -14.24 -2.93
N CYS F 196 -39.39 -14.15 -4.23
CA CYS F 196 -39.17 -12.88 -4.91
C CYS F 196 -40.09 -12.76 -6.13
N PRO F 197 -40.58 -11.55 -6.40
CA PRO F 197 -41.51 -11.36 -7.52
C PRO F 197 -40.78 -11.52 -8.85
N GLU F 198 -39.45 -11.59 -8.77
CA GLU F 198 -38.59 -11.62 -9.95
C GLU F 198 -38.39 -13.00 -10.59
N ALA F 199 -38.33 -12.99 -11.92
CA ALA F 199 -38.13 -14.20 -12.72
C ALA F 199 -36.65 -14.56 -12.85
N TYR F 200 -36.35 -15.84 -12.63
CA TYR F 200 -34.97 -16.30 -12.76
C TYR F 200 -34.81 -17.26 -13.93
N GLU F 201 -33.88 -16.92 -14.79
CA GLU F 201 -33.61 -17.60 -16.03
CA GLU F 201 -33.66 -17.69 -16.01
C GLU F 201 -32.62 -18.77 -15.83
N ASP F 202 -32.84 -19.89 -16.51
CA ASP F 202 -31.96 -21.05 -16.38
CA ASP F 202 -32.01 -21.07 -16.35
C ASP F 202 -31.96 -21.87 -17.65
N VAL F 203 -30.86 -22.59 -17.88
CA VAL F 203 -30.79 -23.52 -19.01
C VAL F 203 -31.13 -24.90 -18.45
N GLU F 204 -31.94 -25.66 -19.18
CA GLU F 204 -32.19 -27.02 -18.77
C GLU F 204 -31.54 -27.96 -19.78
N VAL F 205 -30.49 -28.67 -19.36
CA VAL F 205 -29.88 -29.68 -20.22
C VAL F 205 -30.46 -31.06 -19.96
N SER F 206 -30.91 -31.73 -21.01
CA SER F 206 -31.42 -33.11 -20.92
C SER F 206 -30.41 -34.08 -21.50
N LEU F 207 -29.84 -34.90 -20.64
CA LEU F 207 -28.93 -35.94 -21.08
C LEU F 207 -29.65 -37.28 -21.14
N ASN F 208 -29.62 -37.89 -22.31
CA ASN F 208 -30.18 -39.22 -22.50
C ASN F 208 -29.08 -40.22 -22.75
N PHE F 209 -28.88 -41.15 -21.82
CA PHE F 209 -27.81 -42.12 -21.91
C PHE F 209 -28.24 -43.52 -21.48
N ARG F 210 -27.40 -44.51 -21.78
CA ARG F 210 -27.60 -45.89 -21.29
C ARG F 210 -26.30 -46.66 -21.20
N LYS F 211 -26.34 -47.83 -20.55
CA LYS F 211 -25.14 -48.67 -20.39
C LYS F 211 -24.82 -49.46 -21.66
N LYS F 212 -23.54 -49.52 -22.03
CA LYS F 212 -23.14 -50.22 -23.26
C LYS F 212 -23.38 -51.72 -23.09
N GLY F 213 -23.58 -52.41 -24.21
CA GLY F 213 -23.83 -53.85 -24.21
C GLY F 213 -22.65 -54.65 -23.69
N ASP G 1 -35.63 2.95 -10.09
CA ASP G 1 -36.89 2.41 -10.57
C ASP G 1 -36.64 1.18 -11.43
N TYR G 2 -37.72 0.57 -11.93
CA TYR G 2 -37.61 -0.65 -12.73
C TYR G 2 -36.76 -0.43 -13.99
N LYS G 3 -36.97 0.69 -14.66
CA LYS G 3 -36.25 0.96 -15.90
C LYS G 3 -34.75 1.13 -15.70
N ASP G 4 -34.37 1.90 -14.68
CA ASP G 4 -32.97 2.11 -14.36
C ASP G 4 -32.40 1.03 -13.44
N ASP G 5 -32.18 -0.17 -13.98
CA ASP G 5 -31.50 -1.22 -13.22
C ASP G 5 -30.21 -1.67 -13.87
N ASP G 6 -30.08 -1.42 -15.16
CA ASP G 6 -28.94 -1.91 -15.93
C ASP G 6 -27.76 -0.95 -16.12
N ASP G 7 -27.81 0.27 -15.56
CA ASP G 7 -26.77 1.26 -15.86
C ASP G 7 -25.46 0.79 -15.24
N LYS G 8 -24.48 0.47 -16.07
CA LYS G 8 -23.23 -0.09 -15.59
C LYS G 8 -22.54 0.93 -14.68
N LEU G 9 -22.66 2.21 -15.02
CA LEU G 9 -22.03 3.24 -14.20
C LEU G 9 -22.77 3.51 -12.88
N ASP G 10 -24.10 3.44 -12.90
CA ASP G 10 -24.90 3.61 -11.67
C ASP G 10 -24.66 2.46 -10.68
N ARG G 11 -24.47 1.27 -11.22
CA ARG G 11 -24.27 0.09 -10.40
C ARG G 11 -22.90 0.10 -9.77
N ALA G 12 -21.89 0.43 -10.57
CA ALA G 12 -20.52 0.49 -10.08
C ALA G 12 -20.40 1.50 -8.96
N ASP G 13 -21.07 2.64 -9.12
CA ASP G 13 -21.17 3.67 -8.09
C ASP G 13 -21.85 3.19 -6.80
N ILE G 14 -23.00 2.53 -6.90
CA ILE G 14 -23.70 2.02 -5.72
C ILE G 14 -22.81 1.02 -4.99
N LEU G 15 -22.10 0.23 -5.76
CA LEU G 15 -21.18 -0.72 -5.17
C LEU G 15 -20.01 -0.04 -4.43
N TYR G 16 -19.56 1.12 -4.93
CA TYR G 16 -18.56 1.96 -4.25
C TYR G 16 -19.05 2.50 -2.88
N ASN G 17 -20.24 3.09 -2.87
CA ASN G 17 -20.81 3.63 -1.65
C ASN G 17 -21.04 2.56 -0.60
N ILE G 18 -21.39 1.35 -1.04
CA ILE G 18 -21.59 0.25 -0.12
C ILE G 18 -20.26 -0.19 0.51
N ARG G 19 -19.20 -0.17 -0.26
CA ARG G 19 -17.89 -0.52 0.28
C ARG G 19 -17.35 0.55 1.24
N GLN G 20 -17.64 1.82 0.98
CA GLN G 20 -17.13 2.89 1.83
C GLN G 20 -17.83 2.96 3.18
N THR G 21 -19.07 2.48 3.26
CA THR G 21 -19.79 2.61 4.51
C THR G 21 -19.92 1.29 5.27
N SER G 22 -19.84 0.17 4.57
CA SER G 22 -19.96 -1.10 5.25
C SER G 22 -18.75 -1.44 6.07
N ARG G 23 -19.00 -1.76 7.33
CA ARG G 23 -17.97 -2.25 8.22
C ARG G 23 -18.26 -3.73 8.43
N PRO G 24 -17.48 -4.61 7.78
CA PRO G 24 -17.72 -6.06 7.72
C PRO G 24 -17.59 -6.84 9.02
N ASP G 25 -16.85 -6.32 10.00
CA ASP G 25 -16.55 -7.05 11.23
C ASP G 25 -17.36 -6.47 12.41
N VAL G 26 -18.40 -5.72 12.11
CA VAL G 26 -19.13 -4.99 13.13
C VAL G 26 -20.65 -5.09 12.92
N ILE G 27 -21.35 -5.60 13.94
CA ILE G 27 -22.79 -5.79 13.83
C ILE G 27 -23.54 -4.49 13.59
N PRO G 28 -24.46 -4.49 12.62
CA PRO G 28 -25.13 -3.29 12.12
C PRO G 28 -26.34 -2.89 12.95
N THR G 29 -26.12 -2.67 14.24
CA THR G 29 -27.18 -2.20 15.12
C THR G 29 -27.61 -0.79 14.74
N GLN G 30 -28.88 -0.49 15.00
CA GLN G 30 -29.42 0.85 14.80
C GLN G 30 -30.53 1.10 15.81
N ARG G 31 -30.67 2.34 16.22
CA ARG G 31 -31.65 2.70 17.25
C ARG G 31 -31.43 1.89 18.52
N ASP G 32 -30.21 1.50 18.82
CA ASP G 32 -29.91 0.84 20.09
C ASP G 32 -30.80 -0.39 20.35
N ARG G 33 -31.06 -1.18 19.31
CA ARG G 33 -31.85 -2.39 19.43
C ARG G 33 -31.05 -3.53 18.77
N PRO G 34 -31.33 -4.78 19.15
CA PRO G 34 -30.54 -5.84 18.53
C PRO G 34 -30.92 -6.05 17.06
N VAL G 35 -29.93 -6.31 16.21
CA VAL G 35 -30.15 -6.75 14.82
C VAL G 35 -31.10 -7.94 14.70
N ALA G 36 -32.29 -7.69 14.17
CA ALA G 36 -33.18 -8.81 13.90
C ALA G 36 -32.78 -9.51 12.61
N VAL G 37 -32.52 -10.81 12.70
CA VAL G 37 -32.18 -11.62 11.55
C VAL G 37 -33.34 -12.58 11.24
N SER G 38 -33.89 -12.51 10.04
CA SER G 38 -34.89 -13.47 9.57
C SER G 38 -34.15 -14.71 9.15
N VAL G 39 -34.68 -15.88 9.54
CA VAL G 39 -34.12 -17.15 9.10
C VAL G 39 -35.21 -18.09 8.62
N SER G 40 -34.94 -18.80 7.54
CA SER G 40 -35.89 -19.75 7.01
C SER G 40 -35.13 -20.86 6.30
N LEU G 41 -35.53 -22.12 6.48
CA LEU G 41 -34.96 -23.21 5.69
C LEU G 41 -36.02 -23.77 4.79
N LYS G 42 -35.68 -23.95 3.52
CA LYS G 42 -36.48 -24.82 2.67
C LYS G 42 -35.59 -26.00 2.35
N PHE G 43 -36.13 -27.21 2.35
CA PHE G 43 -35.27 -28.36 2.03
C PHE G 43 -35.18 -28.63 0.52
N ILE G 44 -34.02 -29.13 0.08
CA ILE G 44 -33.87 -29.44 -1.34
C ILE G 44 -33.71 -30.94 -1.59
N ASN G 45 -33.03 -31.61 -0.67
CA ASN G 45 -32.76 -33.04 -0.77
C ASN G 45 -32.40 -33.67 0.57
N ILE G 46 -32.70 -34.95 0.70
CA ILE G 46 -32.20 -35.77 1.81
C ILE G 46 -31.46 -36.91 1.14
N LEU G 47 -30.23 -37.18 1.58
CA LEU G 47 -29.33 -38.02 0.79
C LEU G 47 -28.93 -39.28 1.51
N GLU G 48 -28.27 -39.09 2.65
CA GLU G 48 -27.86 -40.21 3.46
C GLU G 48 -28.77 -40.20 4.70
N VAL G 49 -29.15 -41.39 5.14
CA VAL G 49 -29.70 -41.57 6.47
C VAL G 49 -29.04 -42.83 7.00
N ASN G 50 -28.62 -42.78 8.26
CA ASN G 50 -28.11 -43.96 8.91
C ASN G 50 -28.85 -44.13 10.22
N GLU G 51 -29.63 -45.20 10.33
CA GLU G 51 -30.50 -45.40 11.48
C GLU G 51 -29.76 -46.00 12.67
N ILE G 52 -28.62 -46.62 12.37
CA ILE G 52 -27.70 -47.09 13.41
C ILE G 52 -27.00 -45.91 14.09
N THR G 53 -26.25 -45.15 13.30
CA THR G 53 -25.45 -44.06 13.85
C THR G 53 -26.21 -42.77 14.14
N ASN G 54 -27.46 -42.70 13.67
CA ASN G 54 -28.30 -41.51 13.80
C ASN G 54 -27.82 -40.22 13.09
N GLU G 55 -27.29 -40.37 11.88
CA GLU G 55 -26.80 -39.25 11.08
C GLU G 55 -27.59 -39.08 9.79
N VAL G 56 -27.96 -37.85 9.47
CA VAL G 56 -28.60 -37.57 8.18
C VAL G 56 -27.77 -36.57 7.40
N ASP G 57 -27.91 -36.59 6.08
CA ASP G 57 -27.13 -35.72 5.22
C ASP G 57 -28.10 -34.92 4.36
N VAL G 58 -28.17 -33.61 4.53
CA VAL G 58 -29.23 -32.85 3.87
C VAL G 58 -28.74 -31.68 3.00
N VAL G 59 -29.50 -31.36 1.95
CA VAL G 59 -29.26 -30.14 1.18
C VAL G 59 -30.41 -29.15 1.39
N PHE G 60 -30.09 -28.00 1.98
CA PHE G 60 -31.15 -27.05 2.30
C PHE G 60 -30.74 -25.66 1.85
N TRP G 61 -31.75 -24.89 1.51
CA TRP G 61 -31.59 -23.51 1.13
C TRP G 61 -31.85 -22.67 2.36
N GLN G 62 -30.80 -22.03 2.87
CA GLN G 62 -30.88 -21.22 4.08
C GLN G 62 -31.18 -19.79 3.71
N GLN G 63 -32.34 -19.30 4.12
CA GLN G 63 -32.75 -17.97 3.72
C GLN G 63 -32.56 -16.98 4.86
N THR G 64 -31.71 -15.98 4.66
CA THR G 64 -31.34 -15.08 5.73
C THR G 64 -31.48 -13.66 5.27
N THR G 65 -32.24 -12.86 6.02
CA THR G 65 -32.31 -11.42 5.77
C THR G 65 -32.16 -10.62 7.06
N TRP G 66 -31.83 -9.33 6.91
CA TRP G 66 -31.67 -8.38 8.00
C TRP G 66 -31.62 -6.98 7.44
N SER G 67 -31.92 -5.99 8.28
CA SER G 67 -32.08 -4.63 7.77
C SER G 67 -30.95 -3.73 8.20
N ASP G 68 -30.27 -3.15 7.22
CA ASP G 68 -29.31 -2.12 7.47
C ASP G 68 -29.77 -0.84 6.80
N ARG G 69 -29.89 0.22 7.56
CA ARG G 69 -30.28 1.53 7.02
C ARG G 69 -29.10 2.37 6.54
N THR G 70 -27.95 2.24 7.18
CA THR G 70 -26.78 3.01 6.77
C THR G 70 -26.35 2.73 5.33
N LEU G 71 -26.75 1.59 4.76
CA LEU G 71 -26.40 1.26 3.37
C LEU G 71 -27.44 1.71 2.35
N ALA G 72 -28.50 2.36 2.81
CA ALA G 72 -29.62 2.72 1.93
C ALA G 72 -29.27 3.83 0.95
N TRP G 73 -30.03 3.91 -0.13
CA TRP G 73 -29.88 5.02 -1.07
C TRP G 73 -31.20 5.38 -1.76
N ASN G 74 -31.18 6.47 -2.52
CA ASN G 74 -32.35 6.96 -3.22
C ASN G 74 -32.40 6.32 -4.59
N SER G 75 -33.32 5.39 -4.79
CA SER G 75 -33.36 4.66 -6.05
C SER G 75 -34.34 5.24 -7.07
N SER G 76 -34.63 6.54 -6.99
CA SER G 76 -35.61 7.17 -7.88
C SER G 76 -35.20 7.07 -9.34
N HIS G 77 -33.91 7.22 -9.60
CA HIS G 77 -33.41 7.15 -10.97
C HIS G 77 -32.11 6.37 -11.05
N SER G 78 -31.89 5.52 -10.06
CA SER G 78 -30.77 4.58 -10.08
C SER G 78 -31.28 3.16 -9.74
N PRO G 79 -30.43 2.12 -9.80
CA PRO G 79 -30.99 0.78 -9.61
C PRO G 79 -31.55 0.46 -8.21
N ASP G 80 -32.53 -0.44 -8.14
CA ASP G 80 -33.21 -0.80 -6.89
C ASP G 80 -32.45 -1.78 -6.02
N GLN G 81 -31.54 -2.53 -6.63
CA GLN G 81 -30.70 -3.46 -5.90
C GLN G 81 -29.43 -3.79 -6.68
N VAL G 82 -28.43 -4.30 -5.96
CA VAL G 82 -27.22 -4.84 -6.59
C VAL G 82 -26.76 -6.05 -5.84
N SER G 83 -25.98 -6.89 -6.51
CA SER G 83 -25.25 -7.97 -5.86
C SER G 83 -23.93 -7.46 -5.32
N VAL G 84 -23.58 -7.90 -4.11
CA VAL G 84 -22.32 -7.55 -3.48
C VAL G 84 -21.66 -8.84 -2.98
N PRO G 85 -20.31 -8.94 -3.09
CA PRO G 85 -19.59 -10.08 -2.49
C PRO G 85 -19.70 -10.02 -0.97
N ILE G 86 -19.97 -11.14 -0.31
CA ILE G 86 -20.17 -11.09 1.13
C ILE G 86 -18.88 -10.82 1.93
N SER G 87 -17.75 -10.77 1.23
CA SER G 87 -16.49 -10.32 1.82
C SER G 87 -16.53 -8.82 2.22
N SER G 88 -17.41 -8.05 1.58
CA SER G 88 -17.49 -6.61 1.79
C SER G 88 -18.66 -6.23 2.69
N LEU G 89 -19.18 -7.20 3.41
CA LEU G 89 -20.43 -7.05 4.14
C LEU G 89 -20.35 -7.77 5.44
N TRP G 90 -21.09 -7.29 6.43
CA TRP G 90 -21.25 -8.05 7.64
C TRP G 90 -22.28 -9.15 7.41
N VAL G 91 -21.95 -10.37 7.81
CA VAL G 91 -22.89 -11.49 7.79
C VAL G 91 -23.07 -12.03 9.20
N PRO G 92 -24.27 -12.55 9.51
CA PRO G 92 -24.42 -13.19 10.82
C PRO G 92 -23.56 -14.44 10.98
N ASP G 93 -22.98 -14.61 12.18
CA ASP G 93 -22.18 -15.79 12.53
C ASP G 93 -23.05 -16.96 13.01
N LEU G 94 -23.98 -17.38 12.14
CA LEU G 94 -24.86 -18.52 12.40
C LEU G 94 -24.10 -19.85 12.40
N ALA G 95 -24.61 -20.81 13.16
CA ALA G 95 -23.96 -22.10 13.34
C ALA G 95 -25.02 -23.14 13.64
N ALA G 96 -24.89 -24.32 13.07
CA ALA G 96 -25.81 -25.41 13.38
C ALA G 96 -25.26 -26.33 14.49
N TYR G 97 -25.94 -26.36 15.64
CA TYR G 97 -25.35 -26.97 16.83
C TYR G 97 -25.11 -28.47 16.72
N ASN G 98 -26.01 -29.18 16.06
CA ASN G 98 -25.90 -30.64 15.97
C ASN G 98 -25.34 -31.07 14.64
N ALA G 99 -24.63 -30.15 14.01
CA ALA G 99 -23.87 -30.44 12.82
C ALA G 99 -22.61 -31.20 13.21
N ILE G 100 -22.20 -32.15 12.38
CA ILE G 100 -20.96 -32.87 12.64
C ILE G 100 -19.99 -32.77 11.46
N SER G 101 -20.29 -31.89 10.50
CA SER G 101 -19.41 -31.64 9.36
C SER G 101 -19.41 -30.15 9.07
N LYS G 102 -18.39 -29.67 8.35
CA LYS G 102 -18.37 -28.28 7.89
C LYS G 102 -19.44 -28.09 6.84
N PRO G 103 -20.09 -26.91 6.87
CA PRO G 103 -21.07 -26.63 5.80
C PRO G 103 -20.37 -26.46 4.45
N GLU G 104 -20.78 -27.25 3.47
CA GLU G 104 -20.23 -27.15 2.12
CA GLU G 104 -20.24 -27.15 2.11
C GLU G 104 -21.19 -26.30 1.28
N VAL G 105 -20.84 -25.04 1.05
CA VAL G 105 -21.69 -24.14 0.28
C VAL G 105 -21.65 -24.46 -1.21
N LEU G 106 -22.80 -24.48 -1.86
CA LEU G 106 -22.90 -24.98 -3.23
C LEU G 106 -23.07 -23.85 -4.22
N THR G 107 -23.45 -22.68 -3.72
CA THR G 107 -23.82 -21.53 -4.55
C THR G 107 -22.77 -20.42 -4.45
N PRO G 108 -22.82 -19.42 -5.35
CA PRO G 108 -21.81 -18.34 -5.27
C PRO G 108 -22.07 -17.45 -4.07
N GLN G 109 -20.99 -16.99 -3.43
CA GLN G 109 -21.11 -16.22 -2.19
C GLN G 109 -21.42 -14.76 -2.45
N LEU G 110 -22.64 -14.49 -2.92
CA LEU G 110 -23.09 -13.15 -3.22
C LEU G 110 -24.39 -12.86 -2.46
N ALA G 111 -24.50 -11.67 -1.88
CA ALA G 111 -25.74 -11.22 -1.26
C ALA G 111 -26.42 -10.11 -2.10
N ARG G 112 -27.74 -9.94 -1.94
CA ARG G 112 -28.44 -8.80 -2.53
C ARG G 112 -28.51 -7.69 -1.50
N VAL G 113 -28.24 -6.46 -1.92
CA VAL G 113 -28.55 -5.31 -1.10
C VAL G 113 -29.64 -4.51 -1.80
N VAL G 114 -30.75 -4.27 -1.10
CA VAL G 114 -31.85 -3.49 -1.65
C VAL G 114 -31.72 -2.03 -1.23
N SER G 115 -32.28 -1.12 -2.03
CA SER G 115 -32.09 0.32 -1.83
C SER G 115 -32.60 0.86 -0.50
N ASP G 116 -33.60 0.20 0.08
CA ASP G 116 -34.13 0.61 1.39
C ASP G 116 -33.34 0.02 2.56
N GLY G 117 -32.22 -0.64 2.26
CA GLY G 117 -31.30 -1.08 3.29
C GLY G 117 -31.45 -2.51 3.76
N GLU G 118 -32.21 -3.31 3.03
CA GLU G 118 -32.31 -4.74 3.35
C GLU G 118 -31.19 -5.51 2.70
N VAL G 119 -30.61 -6.47 3.44
CA VAL G 119 -29.65 -7.41 2.86
C VAL G 119 -30.16 -8.85 2.90
N LEU G 120 -30.12 -9.53 1.76
CA LEU G 120 -30.50 -10.95 1.70
C LEU G 120 -29.31 -11.83 1.32
N TYR G 121 -28.99 -12.77 2.18
CA TYR G 121 -27.97 -13.75 1.85
C TYR G 121 -28.61 -15.13 1.86
N MET G 122 -28.63 -15.81 0.71
CA MET G 122 -29.34 -17.09 0.62
C MET G 122 -28.58 -18.23 -0.05
N PRO G 123 -27.60 -18.80 0.66
CA PRO G 123 -26.86 -19.91 0.09
C PRO G 123 -27.61 -21.23 0.16
N SER G 124 -27.30 -22.09 -0.79
CA SER G 124 -27.67 -23.49 -0.73
C SER G 124 -26.48 -24.20 -0.09
N ILE G 125 -26.75 -25.17 0.78
CA ILE G 125 -25.75 -25.71 1.69
C ILE G 125 -25.96 -27.21 1.88
N ARG G 126 -24.88 -27.99 1.95
CA ARG G 126 -24.97 -29.41 2.26
C ARG G 126 -24.17 -29.72 3.51
N GLN G 127 -24.84 -30.31 4.51
CA GLN G 127 -24.25 -30.48 5.84
C GLN G 127 -24.66 -31.81 6.42
N ARG G 128 -23.87 -32.36 7.34
CA ARG G 128 -24.23 -33.61 8.05
C ARG G 128 -24.63 -33.33 9.51
N PHE G 129 -25.76 -33.91 9.93
CA PHE G 129 -26.32 -33.68 11.26
C PHE G 129 -26.48 -34.95 12.06
N SER G 130 -26.40 -34.81 13.38
CA SER G 130 -26.67 -35.90 14.30
C SER G 130 -28.03 -35.64 14.94
N CYS G 131 -29.00 -36.51 14.66
CA CYS G 131 -30.40 -36.32 15.05
C CYS G 131 -31.25 -37.61 15.10
N ASP G 132 -32.43 -37.54 15.72
CA ASP G 132 -33.34 -38.68 15.83
C ASP G 132 -33.81 -39.23 14.47
N VAL G 133 -33.41 -40.46 14.13
CA VAL G 133 -33.84 -41.04 12.86
C VAL G 133 -34.60 -42.36 13.07
N SER G 134 -35.17 -42.53 14.25
CA SER G 134 -36.00 -43.70 14.52
C SER G 134 -37.34 -43.55 13.84
N GLY G 135 -37.79 -44.63 13.20
CA GLY G 135 -39.09 -44.66 12.56
C GLY G 135 -39.16 -43.88 11.26
N VAL G 136 -38.12 -44.01 10.44
CA VAL G 136 -38.09 -43.36 9.13
C VAL G 136 -38.76 -44.27 8.10
N ASP G 137 -38.89 -45.54 8.46
CA ASP G 137 -39.57 -46.50 7.59
C ASP G 137 -41.04 -46.73 7.97
N THR G 138 -41.45 -46.09 9.07
CA THR G 138 -42.82 -46.05 9.60
C THR G 138 -43.69 -45.01 8.88
N GLU G 139 -45.01 -45.06 9.10
CA GLU G 139 -45.88 -44.17 8.35
C GLU G 139 -46.05 -42.82 9.04
N SER G 140 -45.64 -42.75 10.31
CA SER G 140 -45.62 -41.49 11.04
C SER G 140 -44.37 -40.66 10.70
N GLY G 141 -43.29 -41.36 10.32
CA GLY G 141 -42.04 -40.73 9.98
C GLY G 141 -41.13 -40.43 11.16
N ALA G 142 -39.85 -40.24 10.85
CA ALA G 142 -38.88 -39.82 11.86
C ALA G 142 -39.01 -38.32 12.06
N THR G 143 -38.60 -37.82 13.21
CA THR G 143 -38.58 -36.37 13.42
C THR G 143 -37.20 -35.87 13.81
N CYS G 144 -36.48 -35.32 12.84
CA CYS G 144 -35.12 -34.85 13.10
C CYS G 144 -35.07 -33.33 13.26
N ARG G 145 -34.47 -32.88 14.35
CA ARG G 145 -34.42 -31.43 14.65
C ARG G 145 -33.03 -30.84 14.40
N ILE G 146 -33.02 -29.55 14.05
CA ILE G 146 -31.80 -28.83 13.73
C ILE G 146 -31.87 -27.48 14.40
N LYS G 147 -30.92 -27.21 15.29
CA LYS G 147 -30.81 -25.93 15.95
C LYS G 147 -29.72 -25.03 15.31
N ILE G 148 -30.13 -23.85 14.88
CA ILE G 148 -29.24 -22.87 14.26
C ILE G 148 -29.27 -21.56 15.05
N GLY G 149 -28.14 -21.17 15.62
CA GLY G 149 -28.11 -19.89 16.33
C GLY G 149 -26.86 -19.07 16.09
N SER G 150 -26.86 -17.84 16.60
CA SER G 150 -25.64 -17.04 16.62
C SER G 150 -24.63 -17.68 17.55
N TRP G 151 -23.40 -17.82 17.08
CA TRP G 151 -22.35 -18.39 17.91
C TRP G 151 -21.81 -17.42 18.98
N THR G 152 -21.31 -16.27 18.58
CA THR G 152 -20.62 -15.41 19.52
C THR G 152 -21.51 -14.28 20.05
N HIS G 153 -22.58 -13.98 19.33
CA HIS G 153 -23.45 -12.87 19.69
C HIS G 153 -24.64 -13.29 20.51
N HIS G 154 -24.74 -12.75 21.71
CA HIS G 154 -25.84 -13.09 22.60
C HIS G 154 -27.07 -12.26 22.27
N SER G 155 -28.18 -12.58 22.92
CA SER G 155 -29.50 -12.05 22.53
C SER G 155 -29.67 -10.53 22.56
N ARG G 156 -28.90 -9.82 23.37
CA ARG G 156 -29.00 -8.34 23.38
C ARG G 156 -28.31 -7.72 22.15
N GLU G 157 -27.70 -8.57 21.31
CA GLU G 157 -26.92 -8.10 20.15
C GLU G 157 -27.52 -8.58 18.81
N ILE G 158 -27.77 -9.88 18.72
CA ILE G 158 -28.45 -10.43 17.57
C ILE G 158 -29.63 -11.24 18.04
N SER G 159 -30.82 -10.94 17.54
CA SER G 159 -31.97 -11.80 17.77
C SER G 159 -32.33 -12.51 16.47
N VAL G 160 -32.63 -13.81 16.57
CA VAL G 160 -32.91 -14.61 15.40
C VAL G 160 -34.37 -15.02 15.37
N ASP G 161 -35.06 -14.68 14.28
CA ASP G 161 -36.50 -14.78 14.22
C ASP G 161 -36.97 -15.42 12.89
N PRO G 162 -37.76 -16.51 12.97
CA PRO G 162 -38.19 -17.22 11.77
C PRO G 162 -39.34 -16.57 11.01
N THR G 163 -39.27 -16.62 9.68
CA THR G 163 -40.34 -16.11 8.81
C THR G 163 -41.42 -17.16 8.54
N SER G 167 -44.48 -22.40 3.99
CA SER G 167 -45.43 -21.95 2.98
C SER G 167 -44.74 -21.71 1.63
N ASP G 168 -44.63 -22.76 0.80
CA ASP G 168 -45.13 -24.10 1.13
C ASP G 168 -43.99 -25.11 1.17
N ASP G 169 -43.95 -25.90 2.25
CA ASP G 169 -42.91 -26.90 2.42
C ASP G 169 -43.02 -27.99 1.35
N SER G 170 -41.88 -28.47 0.88
CA SER G 170 -41.83 -29.52 -0.13
C SER G 170 -42.15 -28.96 -1.52
N GLU G 171 -41.66 -27.75 -1.80
CA GLU G 171 -41.87 -27.12 -3.09
C GLU G 171 -40.58 -27.15 -3.89
N TYR G 172 -39.48 -26.90 -3.20
CA TYR G 172 -38.14 -26.90 -3.77
C TYR G 172 -37.51 -28.26 -3.54
N PHE G 173 -38.31 -29.22 -3.08
CA PHE G 173 -37.80 -30.54 -2.70
C PHE G 173 -37.70 -31.46 -3.90
N SER G 174 -36.56 -32.14 -4.02
CA SER G 174 -36.27 -33.00 -5.17
C SER G 174 -37.22 -34.19 -5.24
N GLN G 175 -37.82 -34.39 -6.41
CA GLN G 175 -38.75 -35.50 -6.61
C GLN G 175 -38.03 -36.84 -6.79
N TYR G 176 -36.71 -36.79 -6.96
CA TYR G 176 -35.94 -38.00 -7.20
C TYR G 176 -35.27 -38.45 -5.91
N SER G 177 -35.78 -37.96 -4.79
CA SER G 177 -35.23 -38.32 -3.51
C SER G 177 -35.86 -39.60 -2.99
N ARG G 178 -35.09 -40.41 -2.27
CA ARG G 178 -35.61 -41.62 -1.64
C ARG G 178 -36.54 -41.30 -0.48
N PHE G 179 -36.73 -40.00 -0.20
CA PHE G 179 -37.52 -39.57 0.95
C PHE G 179 -38.62 -38.56 0.60
N GLU G 180 -39.64 -38.49 1.44
CA GLU G 180 -40.64 -37.47 1.26
C GLU G 180 -40.84 -36.72 2.58
N ILE G 181 -41.13 -35.41 2.48
CA ILE G 181 -41.30 -34.58 3.66
C ILE G 181 -42.76 -34.56 4.07
N LEU G 182 -43.03 -34.92 5.31
CA LEU G 182 -44.40 -34.89 5.81
C LEU G 182 -44.75 -33.50 6.35
N ASP G 183 -43.91 -32.95 7.23
CA ASP G 183 -44.18 -31.67 7.90
C ASP G 183 -42.89 -30.90 8.26
N VAL G 184 -42.91 -29.57 8.20
CA VAL G 184 -41.76 -28.77 8.66
C VAL G 184 -42.18 -27.58 9.52
N THR G 185 -41.76 -27.56 10.78
CA THR G 185 -42.09 -26.44 11.67
C THR G 185 -40.86 -25.68 12.15
N GLN G 186 -41.08 -24.51 12.72
CA GLN G 186 -40.00 -23.66 13.24
C GLN G 186 -40.41 -22.97 14.54
N LYS G 187 -39.53 -23.03 15.53
CA LYS G 187 -39.74 -22.33 16.80
C LYS G 187 -38.51 -21.50 17.16
N LYS G 188 -38.74 -20.35 17.79
CA LYS G 188 -37.67 -19.56 18.40
C LYS G 188 -37.36 -20.13 19.78
N ASN G 189 -36.08 -20.14 20.12
CA ASN G 189 -35.63 -20.68 21.38
C ASN G 189 -34.61 -19.67 21.91
N SER G 190 -34.36 -19.67 23.20
CA SER G 190 -33.43 -18.67 23.77
C SER G 190 -32.78 -19.18 25.04
N VAL G 191 -31.53 -19.63 24.96
CA VAL G 191 -30.99 -20.34 26.11
C VAL G 191 -29.69 -19.75 26.67
N THR G 192 -29.53 -19.90 27.98
CA THR G 192 -28.33 -19.51 28.71
C THR G 192 -27.65 -20.79 29.17
N TYR G 193 -26.38 -20.96 28.87
CA TYR G 193 -25.64 -22.16 29.27
C TYR G 193 -24.89 -21.95 30.57
N SER G 194 -24.40 -23.03 31.17
CA SER G 194 -23.78 -22.96 32.48
C SER G 194 -22.47 -22.16 32.53
N CYS G 195 -21.84 -21.97 31.38
CA CYS G 195 -20.61 -21.21 31.36
C CYS G 195 -20.86 -19.71 31.45
N CYS G 196 -21.60 -19.17 30.49
CA CYS G 196 -21.72 -17.73 30.29
C CYS G 196 -23.05 -17.21 30.76
N PRO G 197 -23.05 -16.03 31.42
CA PRO G 197 -24.26 -15.41 31.98
C PRO G 197 -25.33 -15.01 30.96
N GLU G 198 -24.97 -14.83 29.69
CA GLU G 198 -25.90 -14.37 28.65
C GLU G 198 -26.66 -15.45 27.83
N ALA G 199 -27.81 -15.06 27.30
CA ALA G 199 -28.63 -15.93 26.46
C ALA G 199 -28.32 -15.84 24.96
N TYR G 200 -28.40 -16.98 24.27
CA TYR G 200 -28.25 -16.99 22.82
C TYR G 200 -29.55 -17.45 22.18
N GLU G 201 -29.98 -16.75 21.14
CA GLU G 201 -31.21 -17.13 20.45
C GLU G 201 -30.88 -18.09 19.33
N ASP G 202 -31.88 -18.86 18.94
CA ASP G 202 -31.65 -19.97 18.06
CA ASP G 202 -31.64 -19.95 17.99
C ASP G 202 -32.97 -20.40 17.46
N VAL G 203 -33.00 -20.77 16.19
CA VAL G 203 -34.21 -21.29 15.61
C VAL G 203 -34.10 -22.80 15.48
N GLU G 204 -34.90 -23.52 16.27
CA GLU G 204 -35.04 -24.96 16.12
C GLU G 204 -35.93 -25.23 14.92
N VAL G 205 -35.43 -25.99 13.96
CA VAL G 205 -36.24 -26.46 12.85
C VAL G 205 -36.50 -27.95 13.03
N SER G 206 -37.71 -28.38 12.77
CA SER G 206 -38.04 -29.79 12.96
C SER G 206 -38.64 -30.35 11.70
N LEU G 207 -38.00 -31.39 11.20
CA LEU G 207 -38.36 -31.99 9.93
C LEU G 207 -38.98 -33.36 10.18
N ASN G 208 -40.24 -33.51 9.79
CA ASN G 208 -40.89 -34.81 9.81
C ASN G 208 -40.78 -35.44 8.43
N PHE G 209 -40.25 -36.66 8.35
CA PHE G 209 -40.06 -37.29 7.05
C PHE G 209 -39.99 -38.80 7.10
N ARG G 210 -40.43 -39.46 6.03
CA ARG G 210 -40.36 -40.91 5.96
C ARG G 210 -39.75 -41.35 4.63
N LYS G 211 -39.46 -42.64 4.54
CA LYS G 211 -39.01 -43.28 3.31
C LYS G 211 -40.22 -43.47 2.41
N LYS G 212 -40.01 -43.42 1.09
CA LYS G 212 -41.05 -43.79 0.15
C LYS G 212 -41.11 -45.32 0.04
N GLY G 213 -42.31 -45.85 -0.18
CA GLY G 213 -42.47 -47.30 -0.28
C GLY G 213 -43.86 -47.71 -0.68
N TYR H 2 -23.60 -1.48 30.02
CA TYR H 2 -24.64 -2.49 29.79
C TYR H 2 -25.72 -2.01 28.82
N LYS H 3 -26.19 -0.78 28.99
CA LYS H 3 -27.19 -0.21 28.09
C LYS H 3 -26.50 0.41 26.88
N ASP H 4 -25.24 0.06 26.68
CA ASP H 4 -24.41 0.72 25.70
C ASP H 4 -23.88 -0.24 24.64
N ASP H 5 -24.20 -1.54 24.81
CA ASP H 5 -23.72 -2.61 23.94
C ASP H 5 -24.03 -2.42 22.46
N ASP H 6 -25.11 -1.69 22.15
CA ASP H 6 -25.60 -1.63 20.78
C ASP H 6 -25.30 -0.30 20.05
N ASP H 7 -24.23 0.36 20.49
CA ASP H 7 -23.76 1.55 19.80
C ASP H 7 -22.78 1.16 18.70
N LYS H 8 -23.24 1.17 17.44
CA LYS H 8 -22.45 0.67 16.32
C LYS H 8 -21.11 1.38 16.21
N LEU H 9 -21.14 2.70 16.40
CA LEU H 9 -19.93 3.52 16.38
C LEU H 9 -18.97 3.19 17.52
N ASP H 10 -19.48 2.97 18.72
CA ASP H 10 -18.64 2.60 19.84
C ASP H 10 -18.04 1.23 19.61
N ARG H 11 -18.78 0.36 18.95
CA ARG H 11 -18.25 -0.96 18.68
C ARG H 11 -17.09 -0.87 17.71
N ALA H 12 -17.27 -0.13 16.62
CA ALA H 12 -16.25 0.04 15.60
C ALA H 12 -14.94 0.61 16.15
N ASP H 13 -15.03 1.53 17.10
CA ASP H 13 -13.84 2.12 17.73
C ASP H 13 -13.12 1.20 18.70
N ILE H 14 -13.84 0.31 19.37
CA ILE H 14 -13.23 -0.67 20.25
C ILE H 14 -12.45 -1.65 19.40
N LEU H 15 -13.03 -2.00 18.26
CA LEU H 15 -12.39 -2.90 17.32
C LEU H 15 -11.13 -2.27 16.71
N TYR H 16 -11.20 -0.97 16.38
CA TYR H 16 -10.03 -0.24 15.88
C TYR H 16 -8.93 -0.25 16.93
N ASN H 17 -9.30 0.07 18.16
CA ASN H 17 -8.39 0.05 19.29
C ASN H 17 -7.74 -1.31 19.48
N ILE H 18 -8.54 -2.36 19.37
CA ILE H 18 -8.01 -3.72 19.55
C ILE H 18 -7.00 -4.08 18.46
N ARG H 19 -7.34 -3.82 17.20
CA ARG H 19 -6.46 -4.04 16.05
C ARG H 19 -5.19 -3.16 15.99
N GLN H 20 -5.10 -2.13 16.84
CA GLN H 20 -3.89 -1.33 16.94
C GLN H 20 -2.94 -1.80 18.04
N THR H 21 -3.49 -2.15 19.19
CA THR H 21 -2.73 -2.64 20.33
C THR H 21 -2.23 -4.06 20.09
N SER H 22 -2.95 -4.81 19.27
CA SER H 22 -2.73 -6.25 19.21
C SER H 22 -1.51 -6.64 18.38
N ARG H 23 -0.66 -7.46 18.97
CA ARG H 23 0.49 -8.02 18.29
C ARG H 23 0.23 -9.50 18.20
N PRO H 24 -0.36 -9.93 17.08
CA PRO H 24 -0.92 -11.29 16.91
C PRO H 24 0.09 -12.43 16.91
N ASP H 25 1.39 -12.15 17.03
CA ASP H 25 2.40 -13.21 17.01
C ASP H 25 3.36 -13.10 18.18
N VAL H 26 3.01 -12.32 19.17
CA VAL H 26 3.79 -12.28 20.37
C VAL H 26 2.95 -12.60 21.56
N ILE H 27 3.42 -13.44 22.46
CA ILE H 27 2.66 -13.85 23.59
C ILE H 27 2.52 -12.71 24.51
N PRO H 28 1.24 -12.48 25.04
CA PRO H 28 1.17 -11.35 25.96
C PRO H 28 1.45 -11.64 27.41
N THR H 29 2.71 -11.67 27.78
CA THR H 29 3.04 -12.10 29.13
C THR H 29 2.43 -11.14 30.13
N GLN H 30 1.86 -11.68 31.20
CA GLN H 30 1.51 -10.92 32.38
C GLN H 30 2.86 -10.49 32.93
N ARG H 31 2.95 -9.27 33.49
CA ARG H 31 4.26 -8.69 33.66
C ARG H 31 5.12 -9.72 34.37
N ASP H 32 6.31 -9.95 33.81
CA ASP H 32 7.25 -10.88 34.40
C ASP H 32 6.64 -12.24 34.75
N ARG H 33 5.77 -12.82 33.91
CA ARG H 33 5.25 -14.11 34.30
C ARG H 33 4.71 -14.86 33.08
N PRO H 34 4.84 -16.25 33.12
CA PRO H 34 4.29 -16.91 31.90
C PRO H 34 2.79 -16.67 31.79
N VAL H 35 2.30 -16.48 30.58
CA VAL H 35 0.88 -16.24 30.36
C VAL H 35 0.09 -17.47 30.78
N ALA H 36 -1.07 -17.23 31.41
CA ALA H 36 -1.85 -18.31 31.92
C ALA H 36 -3.11 -18.47 31.17
N VAL H 37 -3.24 -19.65 30.63
CA VAL H 37 -4.33 -20.00 29.73
C VAL H 37 -5.22 -21.09 30.34
N SER H 38 -6.52 -20.82 30.44
CA SER H 38 -7.48 -21.82 30.90
C SER H 38 -8.03 -22.60 29.73
N VAL H 39 -7.88 -23.92 29.79
CA VAL H 39 -8.51 -24.81 28.82
C VAL H 39 -9.45 -25.78 29.52
N SER H 40 -10.55 -26.12 28.85
CA SER H 40 -11.40 -27.21 29.31
C SER H 40 -12.21 -27.74 28.14
N LEU H 41 -12.46 -29.04 28.13
CA LEU H 41 -13.29 -29.63 27.07
C LEU H 41 -14.64 -30.01 27.61
N LYS H 42 -15.68 -29.69 26.86
CA LYS H 42 -17.00 -30.22 27.12
C LYS H 42 -17.41 -31.01 25.86
N PHE H 43 -17.55 -32.32 25.99
CA PHE H 43 -17.85 -33.21 24.86
C PHE H 43 -19.22 -33.03 24.22
N ILE H 44 -19.28 -32.93 22.89
CA ILE H 44 -20.56 -32.74 22.21
C ILE H 44 -21.12 -34.05 21.68
N ASN H 45 -20.23 -34.93 21.23
CA ASN H 45 -20.63 -36.16 20.54
C ASN H 45 -19.47 -37.14 20.42
N ILE H 46 -19.81 -38.42 20.23
CA ILE H 46 -18.83 -39.44 19.84
C ILE H 46 -19.44 -40.24 18.68
N LEU H 47 -18.77 -40.20 17.52
CA LEU H 47 -19.38 -40.70 16.28
C LEU H 47 -18.95 -42.10 15.79
N GLU H 48 -17.65 -42.34 15.69
CA GLU H 48 -17.16 -43.68 15.45
C GLU H 48 -16.35 -44.03 16.66
N VAL H 49 -16.22 -45.32 16.90
CA VAL H 49 -15.30 -45.87 17.87
C VAL H 49 -14.83 -47.13 17.21
N ASN H 50 -13.54 -47.38 17.28
CA ASN H 50 -12.97 -48.53 16.62
C ASN H 50 -12.12 -49.35 17.61
N GLU H 51 -12.59 -50.53 17.96
CA GLU H 51 -11.96 -51.23 19.07
C GLU H 51 -10.72 -52.06 18.67
N ILE H 52 -10.60 -52.34 17.37
CA ILE H 52 -9.46 -53.09 16.87
C ILE H 52 -8.22 -52.19 16.79
N THR H 53 -8.40 -51.01 16.19
CA THR H 53 -7.31 -50.07 15.96
C THR H 53 -7.15 -48.96 17.01
N ASN H 54 -8.05 -48.91 18.00
CA ASN H 54 -7.98 -47.97 19.12
C ASN H 54 -8.17 -46.50 18.72
N GLU H 55 -9.20 -46.21 17.94
CA GLU H 55 -9.42 -44.86 17.43
C GLU H 55 -10.84 -44.36 17.63
N VAL H 56 -10.95 -43.11 18.06
CA VAL H 56 -12.24 -42.51 18.36
C VAL H 56 -12.44 -41.26 17.52
N ASP H 57 -13.70 -40.97 17.19
CA ASP H 57 -14.03 -39.75 16.46
CA ASP H 57 -14.04 -39.78 16.43
C ASP H 57 -14.99 -38.93 17.29
N VAL H 58 -14.55 -37.76 17.73
CA VAL H 58 -15.39 -36.97 18.63
C VAL H 58 -15.64 -35.54 18.16
N VAL H 59 -16.73 -34.98 18.66
CA VAL H 59 -16.96 -33.57 18.48
C VAL H 59 -16.92 -33.00 19.87
N PHE H 60 -16.12 -31.97 20.06
CA PHE H 60 -16.04 -31.33 21.37
C PHE H 60 -16.01 -29.81 21.27
N TRP H 61 -16.28 -29.17 22.39
CA TRP H 61 -16.25 -27.72 22.48
C TRP H 61 -15.05 -27.37 23.34
N GLN H 62 -14.04 -26.76 22.73
CA GLN H 62 -12.83 -26.35 23.44
C GLN H 62 -13.10 -25.01 24.07
N GLN H 63 -12.84 -24.85 25.36
CA GLN H 63 -13.05 -23.56 25.98
C GLN H 63 -11.70 -23.00 26.39
N THR H 64 -11.25 -21.97 25.69
CA THR H 64 -9.97 -21.38 26.01
C THR H 64 -10.15 -19.95 26.45
N THR H 65 -9.51 -19.59 27.54
CA THR H 65 -9.54 -18.20 27.96
C THR H 65 -8.16 -17.81 28.48
N TRP H 66 -7.77 -16.56 28.30
CA TRP H 66 -6.52 -16.07 28.87
C TRP H 66 -6.69 -14.60 28.96
N SER H 67 -5.74 -13.92 29.57
CA SER H 67 -5.87 -12.47 29.68
C SER H 67 -4.73 -11.67 29.05
N ASP H 68 -5.08 -10.48 28.56
CA ASP H 68 -4.10 -9.50 28.07
CA ASP H 68 -4.09 -9.51 28.10
C ASP H 68 -4.57 -8.11 28.45
N ARG H 69 -4.13 -7.62 29.61
CA ARG H 69 -4.57 -6.33 30.14
C ARG H 69 -4.29 -5.12 29.23
N THR H 70 -3.35 -5.25 28.30
CA THR H 70 -3.07 -4.15 27.38
C THR H 70 -4.28 -3.86 26.47
N LEU H 71 -5.16 -4.84 26.32
CA LEU H 71 -6.34 -4.71 25.46
C LEU H 71 -7.53 -4.11 26.20
N ALA H 72 -7.41 -3.96 27.51
CA ALA H 72 -8.52 -3.48 28.32
C ALA H 72 -8.88 -2.03 28.04
N TRP H 73 -10.15 -1.71 28.17
CA TRP H 73 -10.60 -0.33 28.01
C TRP H 73 -11.66 -0.05 29.05
N ASN H 74 -12.08 1.21 29.15
CA ASN H 74 -13.05 1.60 30.17
C ASN H 74 -14.47 1.54 29.64
N SER H 75 -15.30 0.69 30.25
CA SER H 75 -16.62 0.42 29.67
C SER H 75 -17.82 0.89 30.49
N SER H 76 -17.65 1.98 31.25
CA SER H 76 -18.74 2.57 32.02
C SER H 76 -19.82 3.11 31.11
N HIS H 77 -19.42 3.57 29.93
CA HIS H 77 -20.37 4.09 28.95
C HIS H 77 -20.02 3.62 27.54
N SER H 78 -19.33 2.47 27.50
CA SER H 78 -18.98 1.79 26.28
C SER H 78 -19.53 0.36 26.37
N PRO H 79 -19.43 -0.40 25.27
CA PRO H 79 -19.77 -1.83 25.28
C PRO H 79 -18.82 -2.68 26.11
N ASP H 80 -19.35 -3.65 26.84
CA ASP H 80 -18.50 -4.45 27.71
C ASP H 80 -17.73 -5.55 26.92
N GLN H 81 -18.28 -5.97 25.79
CA GLN H 81 -17.59 -6.96 24.97
C GLN H 81 -17.85 -6.87 23.48
N VAL H 82 -16.86 -7.25 22.68
CA VAL H 82 -17.01 -7.28 21.24
C VAL H 82 -16.46 -8.61 20.70
N SER H 83 -16.89 -8.95 19.48
CA SER H 83 -16.38 -10.12 18.78
C SER H 83 -15.32 -9.67 17.78
N VAL H 84 -14.15 -10.31 17.84
CA VAL H 84 -13.02 -10.04 16.95
C VAL H 84 -12.60 -11.30 16.21
N PRO H 85 -12.24 -11.19 14.92
CA PRO H 85 -11.66 -12.32 14.16
C PRO H 85 -10.30 -12.74 14.72
N ILE H 86 -10.08 -14.05 14.91
CA ILE H 86 -8.84 -14.51 15.56
C ILE H 86 -7.55 -14.18 14.81
N SER H 87 -7.67 -13.81 13.54
CA SER H 87 -6.51 -13.34 12.76
C SER H 87 -5.95 -12.00 13.29
N SER H 88 -6.75 -11.25 14.04
CA SER H 88 -6.31 -9.97 14.60
C SER H 88 -5.79 -10.11 16.03
N LEU H 89 -5.81 -11.32 16.55
CA LEU H 89 -5.39 -11.56 17.92
C LEU H 89 -4.31 -12.62 18.02
N TRP H 90 -3.51 -12.53 19.08
CA TRP H 90 -2.70 -13.67 19.46
C TRP H 90 -3.61 -14.73 20.03
N VAL H 91 -3.66 -15.91 19.40
CA VAL H 91 -4.25 -17.08 20.05
C VAL H 91 -3.15 -18.07 20.43
N PRO H 92 -3.37 -18.89 21.47
CA PRO H 92 -2.32 -19.85 21.84
C PRO H 92 -2.22 -21.06 20.90
N ASP H 93 -1.02 -21.61 20.79
CA ASP H 93 -0.71 -22.75 19.90
C ASP H 93 -0.95 -24.10 20.57
N LEU H 94 -2.19 -24.37 20.93
CA LEU H 94 -2.52 -25.62 21.60
C LEU H 94 -2.58 -26.77 20.60
N ALA H 95 -2.02 -27.91 21.00
CA ALA H 95 -1.94 -29.08 20.14
C ALA H 95 -2.44 -30.30 20.90
N ALA H 96 -3.18 -31.18 20.25
CA ALA H 96 -3.51 -32.46 20.87
C ALA H 96 -2.44 -33.50 20.58
N TYR H 97 -1.77 -34.00 21.62
CA TYR H 97 -0.64 -34.89 21.43
C TYR H 97 -1.01 -36.19 20.71
N ASN H 98 -2.23 -36.65 20.89
CA ASN H 98 -2.63 -37.96 20.36
C ASN H 98 -3.70 -37.86 19.29
N ALA H 99 -3.77 -36.75 18.57
CA ALA H 99 -4.70 -36.67 17.46
C ALA H 99 -4.02 -37.23 16.22
N ILE H 100 -4.80 -37.86 15.36
CA ILE H 100 -4.25 -38.48 14.16
C ILE H 100 -4.98 -37.93 12.93
N SER H 101 -5.65 -36.81 13.11
CA SER H 101 -6.22 -36.13 11.98
C SER H 101 -6.14 -34.63 12.24
N LYS H 102 -6.22 -33.85 11.17
CA LYS H 102 -6.33 -32.39 11.31
C LYS H 102 -7.57 -32.10 12.13
N PRO H 103 -7.49 -31.11 13.01
CA PRO H 103 -8.72 -30.66 13.65
C PRO H 103 -9.62 -30.07 12.57
N GLU H 104 -10.93 -30.20 12.71
CA GLU H 104 -11.89 -29.63 11.76
C GLU H 104 -12.83 -28.66 12.49
N VAL H 105 -12.59 -27.36 12.31
CA VAL H 105 -13.35 -26.35 13.04
C VAL H 105 -14.73 -26.10 12.45
N LEU H 106 -15.76 -26.27 13.28
CA LEU H 106 -17.16 -26.26 12.84
C LEU H 106 -17.84 -24.88 12.91
N THR H 107 -17.34 -24.01 13.79
CA THR H 107 -18.01 -22.76 14.12
C THR H 107 -17.20 -21.58 13.56
N PRO H 108 -17.84 -20.40 13.44
CA PRO H 108 -17.11 -19.22 12.98
C PRO H 108 -15.88 -18.94 13.87
N GLN H 109 -14.81 -18.43 13.24
CA GLN H 109 -13.57 -18.19 13.96
C GLN H 109 -13.55 -16.76 14.54
N LEU H 110 -14.49 -16.50 15.46
CA LEU H 110 -14.44 -15.26 16.23
C LEU H 110 -14.12 -15.58 17.65
N ALA H 111 -13.54 -14.62 18.34
CA ALA H 111 -13.29 -14.73 19.75
C ALA H 111 -14.01 -13.53 20.39
N ARG H 112 -14.27 -13.57 21.70
CA ARG H 112 -14.80 -12.40 22.40
C ARG H 112 -13.67 -11.71 23.13
N VAL H 113 -13.65 -10.39 23.09
CA VAL H 113 -12.74 -9.66 23.95
C VAL H 113 -13.56 -8.89 24.97
N VAL H 114 -13.25 -9.09 26.26
CA VAL H 114 -13.95 -8.44 27.34
C VAL H 114 -13.13 -7.25 27.83
N SER H 115 -13.82 -6.18 28.25
CA SER H 115 -13.17 -4.92 28.58
C SER H 115 -12.15 -5.00 29.73
N ASP H 116 -12.28 -6.01 30.60
CA ASP H 116 -11.31 -6.21 31.69
C ASP H 116 -9.94 -6.68 31.18
N GLY H 117 -9.90 -7.11 29.92
CA GLY H 117 -8.67 -7.55 29.29
C GLY H 117 -8.62 -9.07 29.13
N GLU H 118 -9.77 -9.68 28.96
CA GLU H 118 -9.81 -11.12 28.85
C GLU H 118 -10.27 -11.52 27.47
N VAL H 119 -9.60 -12.51 26.89
CA VAL H 119 -9.99 -13.02 25.59
C VAL H 119 -10.54 -14.42 25.74
N LEU H 120 -11.74 -14.66 25.19
CA LEU H 120 -12.36 -15.99 25.15
C LEU H 120 -12.44 -16.48 23.71
N TYR H 121 -11.87 -17.64 23.46
CA TYR H 121 -12.00 -18.32 22.18
C TYR H 121 -12.53 -19.72 22.46
N MET H 122 -13.68 -20.04 21.90
CA MET H 122 -14.32 -21.29 22.22
C MET H 122 -14.89 -22.00 20.99
N PRO H 123 -14.02 -22.59 20.19
CA PRO H 123 -14.48 -23.24 18.96
C PRO H 123 -15.04 -24.64 19.19
N SER H 124 -15.98 -25.02 18.33
CA SER H 124 -16.44 -26.40 18.24
C SER H 124 -15.58 -27.17 17.22
N ILE H 125 -15.14 -28.36 17.59
CA ILE H 125 -14.07 -29.04 16.86
C ILE H 125 -14.37 -30.52 16.68
N ARG H 126 -14.24 -31.03 15.46
CA ARG H 126 -14.31 -32.46 15.19
C ARG H 126 -12.91 -33.03 14.93
N GLN H 127 -12.54 -34.11 15.61
CA GLN H 127 -11.19 -34.66 15.45
C GLN H 127 -11.13 -36.15 15.76
N ARG H 128 -10.16 -36.84 15.16
CA ARG H 128 -9.88 -38.26 15.45
C ARG H 128 -8.71 -38.39 16.40
N PHE H 129 -8.79 -39.37 17.30
CA PHE H 129 -7.75 -39.60 18.29
C PHE H 129 -7.38 -41.06 18.40
N SER H 130 -6.18 -41.30 18.92
CA SER H 130 -5.69 -42.62 19.22
C SER H 130 -5.64 -42.78 20.74
N CYS H 131 -6.57 -43.56 21.28
CA CYS H 131 -6.71 -43.74 22.73
C CYS H 131 -7.21 -45.14 23.10
N ASP H 132 -7.01 -45.56 24.34
CA ASP H 132 -7.41 -46.89 24.79
C ASP H 132 -8.93 -47.03 24.75
N VAL H 133 -9.42 -47.96 23.96
CA VAL H 133 -10.86 -48.09 23.72
C VAL H 133 -11.38 -49.43 24.20
N SER H 134 -10.47 -50.30 24.66
CA SER H 134 -10.90 -51.60 25.14
C SER H 134 -11.71 -51.46 26.43
N GLY H 135 -12.79 -52.22 26.52
CA GLY H 135 -13.71 -52.15 27.66
C GLY H 135 -14.90 -51.26 27.37
N VAL H 136 -15.00 -50.81 26.12
CA VAL H 136 -16.06 -49.89 25.72
C VAL H 136 -17.41 -50.57 25.73
N ASP H 137 -17.41 -51.88 25.50
CA ASP H 137 -18.66 -52.62 25.44
C ASP H 137 -19.11 -53.07 26.85
N THR H 138 -18.17 -52.96 27.79
CA THR H 138 -18.31 -53.27 29.22
C THR H 138 -19.03 -52.20 30.09
N GLU H 139 -19.34 -52.57 31.33
CA GLU H 139 -20.26 -51.84 32.20
C GLU H 139 -19.54 -50.65 32.82
N SER H 140 -18.29 -50.87 33.19
CA SER H 140 -17.45 -49.83 33.80
C SER H 140 -16.84 -48.96 32.73
N GLY H 141 -16.79 -49.49 31.51
CA GLY H 141 -16.49 -48.67 30.35
C GLY H 141 -15.02 -48.54 30.00
N ALA H 142 -14.75 -47.64 29.05
CA ALA H 142 -13.40 -47.41 28.54
C ALA H 142 -12.86 -46.10 29.09
N THR H 143 -11.58 -46.07 29.45
CA THR H 143 -11.00 -44.82 29.92
C THR H 143 -10.00 -44.26 28.92
N CYS H 144 -10.51 -43.39 28.05
CA CYS H 144 -9.71 -42.65 27.09
C CYS H 144 -9.00 -41.47 27.74
N ARG H 145 -7.84 -41.12 27.22
CA ARG H 145 -7.11 -39.91 27.62
C ARG H 145 -6.74 -39.06 26.40
N ILE H 146 -6.85 -37.75 26.55
CA ILE H 146 -6.45 -36.82 25.50
C ILE H 146 -5.48 -35.84 26.14
N LYS H 147 -4.35 -35.59 25.49
CA LYS H 147 -3.42 -34.61 26.02
C LYS H 147 -3.38 -33.36 25.16
N ILE H 148 -3.51 -32.21 25.79
CA ILE H 148 -3.55 -30.93 25.10
C ILE H 148 -2.56 -29.98 25.74
N GLY H 149 -1.66 -29.41 24.93
CA GLY H 149 -0.58 -28.59 25.46
C GLY H 149 -0.03 -27.61 24.46
N SER H 150 0.73 -26.64 24.95
CA SER H 150 1.34 -25.67 24.05
C SER H 150 2.41 -26.37 23.26
N TRP H 151 2.38 -26.19 21.95
CA TRP H 151 3.35 -26.85 21.12
C TRP H 151 4.77 -26.29 21.30
N THR H 152 4.96 -25.01 21.02
CA THR H 152 6.32 -24.49 20.92
C THR H 152 6.75 -23.62 22.10
N HIS H 153 5.80 -23.25 22.95
CA HIS H 153 6.09 -22.44 24.15
C HIS H 153 6.19 -23.29 25.41
N HIS H 154 7.31 -23.18 26.13
CA HIS H 154 7.52 -23.95 27.35
C HIS H 154 6.94 -23.28 28.60
N SER H 155 6.94 -23.99 29.72
CA SER H 155 6.24 -23.57 30.94
C SER H 155 6.55 -22.16 31.41
N ARG H 156 7.77 -21.68 31.16
CA ARG H 156 8.13 -20.33 31.58
C ARG H 156 7.47 -19.22 30.72
N GLU H 157 6.99 -19.58 29.53
CA GLU H 157 6.31 -18.65 28.63
C GLU H 157 4.78 -18.78 28.71
N ILE H 158 4.29 -20.02 28.69
CA ILE H 158 2.86 -20.31 28.73
C ILE H 158 2.55 -21.43 29.71
N SER H 159 1.79 -21.17 30.76
CA SER H 159 1.23 -22.26 31.56
C SER H 159 -0.21 -22.60 31.11
N VAL H 160 -0.56 -23.89 31.05
CA VAL H 160 -1.97 -24.28 30.86
C VAL H 160 -2.61 -24.72 32.17
N ASP H 161 -3.94 -24.79 32.20
CA ASP H 161 -4.67 -25.07 33.45
C ASP H 161 -6.09 -25.67 33.29
N PRO H 162 -6.63 -26.28 34.44
CA PRO H 162 -7.99 -26.80 34.25
C PRO H 162 -9.04 -25.87 34.88
N THR H 163 -10.31 -25.97 34.46
CA THR H 163 -11.31 -24.98 34.85
C THR H 163 -12.28 -25.57 35.87
N SER H 167 -18.47 -30.66 36.43
CA SER H 167 -19.93 -30.81 36.41
C SER H 167 -20.59 -29.63 35.69
N ASP H 168 -21.53 -29.93 34.79
CA ASP H 168 -21.98 -31.31 34.55
C ASP H 168 -21.37 -31.89 33.27
N ASP H 169 -20.87 -33.12 33.35
CA ASP H 169 -20.15 -33.76 32.24
C ASP H 169 -20.99 -33.90 30.96
N SER H 170 -22.32 -33.88 31.07
CA SER H 170 -23.18 -34.19 29.92
C SER H 170 -24.18 -33.11 29.54
N GLU H 171 -23.89 -31.86 29.85
CA GLU H 171 -24.84 -30.79 29.55
C GLU H 171 -24.95 -30.51 28.06
N TYR H 172 -23.86 -30.66 27.33
CA TYR H 172 -23.89 -30.32 25.93
C TYR H 172 -23.81 -31.58 25.06
N PHE H 173 -23.82 -32.73 25.72
CA PHE H 173 -23.67 -34.00 25.03
C PHE H 173 -24.97 -34.48 24.38
N SER H 174 -24.87 -34.99 23.17
CA SER H 174 -26.04 -35.33 22.37
C SER H 174 -26.78 -36.50 22.98
N GLN H 175 -28.11 -36.44 23.03
CA GLN H 175 -28.87 -37.61 23.49
C GLN H 175 -28.97 -38.69 22.40
N TYR H 176 -28.81 -38.31 21.14
CA TYR H 176 -28.91 -39.25 20.02
C TYR H 176 -27.58 -39.91 19.62
N SER H 177 -26.63 -39.95 20.55
CA SER H 177 -25.36 -40.64 20.33
C SER H 177 -25.48 -42.11 20.76
N ARG H 178 -24.63 -42.99 20.22
CA ARG H 178 -24.61 -44.40 20.66
C ARG H 178 -23.83 -44.61 21.96
N PHE H 179 -23.39 -43.53 22.60
CA PHE H 179 -22.48 -43.65 23.75
C PHE H 179 -22.93 -42.84 24.95
N GLU H 180 -22.58 -43.29 26.15
CA GLU H 180 -22.85 -42.54 27.35
CA GLU H 180 -22.84 -42.51 27.35
C GLU H 180 -21.54 -42.16 28.06
N ILE H 181 -21.47 -40.93 28.54
CA ILE H 181 -20.35 -40.48 29.37
C ILE H 181 -20.62 -40.92 30.81
N LEU H 182 -19.66 -41.57 31.43
CA LEU H 182 -19.80 -41.95 32.84
C LEU H 182 -19.17 -40.89 33.72
N ASP H 183 -18.08 -40.29 33.21
CA ASP H 183 -17.31 -39.33 33.98
C ASP H 183 -16.17 -38.70 33.15
N VAL H 184 -15.82 -37.47 33.51
CA VAL H 184 -14.80 -36.73 32.80
C VAL H 184 -13.94 -36.06 33.88
N THR H 185 -12.63 -36.16 33.75
CA THR H 185 -11.73 -35.47 34.67
C THR H 185 -10.62 -34.80 33.90
N GLN H 186 -10.06 -33.75 34.47
CA GLN H 186 -8.98 -32.99 33.86
C GLN H 186 -7.90 -32.75 34.91
N LYS H 187 -6.70 -33.22 34.64
CA LYS H 187 -5.58 -32.88 35.50
C LYS H 187 -4.55 -32.07 34.71
N LYS H 188 -3.69 -31.35 35.41
CA LYS H 188 -2.63 -30.57 34.81
C LYS H 188 -1.42 -31.49 34.86
N ASN H 189 -0.50 -31.35 33.91
CA ASN H 189 0.70 -32.18 33.92
C ASN H 189 1.87 -31.53 33.21
N SER H 190 3.06 -31.66 33.80
CA SER H 190 4.25 -30.98 33.28
C SER H 190 5.28 -32.00 32.82
N VAL H 191 5.72 -31.89 31.58
CA VAL H 191 6.51 -32.95 30.96
C VAL H 191 7.77 -32.46 30.27
N THR H 192 8.87 -33.18 30.43
CA THR H 192 10.03 -32.92 29.60
C THR H 192 10.25 -34.09 28.63
N TYR H 193 10.67 -33.79 27.42
CA TYR H 193 11.04 -34.84 26.47
C TYR H 193 12.55 -34.78 26.26
N SER H 194 13.16 -35.88 25.87
CA SER H 194 14.60 -35.94 25.94
C SER H 194 15.18 -34.78 25.15
N CYS H 195 14.46 -34.35 24.11
CA CYS H 195 14.99 -33.38 23.16
C CYS H 195 15.37 -32.05 23.84
N CYS H 196 14.40 -31.43 24.52
CA CYS H 196 14.50 -30.03 24.95
C CYS H 196 14.64 -29.88 26.47
N PRO H 197 15.53 -28.98 26.91
CA PRO H 197 15.81 -28.74 28.33
C PRO H 197 14.63 -28.20 29.15
N GLU H 198 13.62 -27.59 28.52
CA GLU H 198 12.50 -27.03 29.28
C GLU H 198 11.25 -27.94 29.32
N ALA H 199 10.32 -27.60 30.21
CA ALA H 199 9.11 -28.40 30.42
C ALA H 199 7.89 -27.80 29.74
N TYR H 200 7.12 -28.65 29.08
CA TYR H 200 5.88 -28.22 28.47
C TYR H 200 4.70 -28.64 29.32
N GLU H 201 3.77 -27.71 29.53
CA GLU H 201 2.58 -27.96 30.33
C GLU H 201 1.43 -28.43 29.47
N ASP H 202 0.71 -29.43 29.98
CA ASP H 202 -0.48 -29.95 29.31
C ASP H 202 -1.59 -30.27 30.28
N VAL H 203 -2.80 -30.22 29.79
CA VAL H 203 -3.91 -30.72 30.54
C VAL H 203 -4.13 -32.09 29.98
N GLU H 204 -4.39 -33.06 30.85
CA GLU H 204 -4.84 -34.38 30.43
C GLU H 204 -6.30 -34.55 30.80
N VAL H 205 -7.14 -34.67 29.78
CA VAL H 205 -8.55 -34.95 29.96
C VAL H 205 -8.73 -36.45 29.95
N SER H 206 -9.43 -37.00 30.94
CA SER H 206 -9.83 -38.40 30.92
C SER H 206 -11.33 -38.54 30.78
N LEU H 207 -11.76 -39.31 29.81
CA LEU H 207 -13.17 -39.48 29.59
C LEU H 207 -13.55 -40.95 29.71
N ASN H 208 -14.27 -41.28 30.76
CA ASN H 208 -14.77 -42.61 30.98
C ASN H 208 -16.07 -42.72 30.19
N PHE H 209 -16.17 -43.67 29.26
CA PHE H 209 -17.40 -43.82 28.46
C PHE H 209 -17.68 -45.26 28.01
N ARG H 210 -18.96 -45.57 27.76
CA ARG H 210 -19.35 -46.91 27.31
C ARG H 210 -20.49 -46.86 26.30
N LYS H 211 -20.63 -47.93 25.50
CA LYS H 211 -21.74 -48.06 24.56
C LYS H 211 -23.04 -48.37 25.34
N LYS H 212 -24.14 -47.76 24.93
CA LYS H 212 -25.43 -47.98 25.58
C LYS H 212 -25.96 -49.41 25.36
N GLY H 213 -27.00 -49.78 26.10
CA GLY H 213 -27.54 -51.13 26.04
C GLY H 213 -29.06 -51.18 26.10
N ASP I 1 18.48 -13.74 28.65
CA ASP I 1 18.67 -14.84 29.60
C ASP I 1 17.34 -15.31 30.19
N TYR I 2 17.42 -16.20 31.17
CA TYR I 2 16.22 -16.80 31.79
C TYR I 2 15.27 -15.73 32.37
N LYS I 3 15.82 -14.77 33.10
CA LYS I 3 15.04 -13.73 33.76
C LYS I 3 14.16 -12.93 32.80
N ASP I 4 14.72 -12.62 31.64
CA ASP I 4 14.10 -11.66 30.72
C ASP I 4 13.30 -12.30 29.58
N ASP I 5 13.19 -13.64 29.57
CA ASP I 5 12.48 -14.35 28.51
C ASP I 5 11.05 -13.86 28.34
N ASP I 6 10.51 -13.23 29.37
CA ASP I 6 9.10 -12.83 29.38
C ASP I 6 8.90 -11.32 29.28
N ASP I 7 9.87 -10.61 28.71
CA ASP I 7 9.72 -9.16 28.54
C ASP I 7 9.00 -8.92 27.21
N LYS I 8 7.76 -8.43 27.25
CA LYS I 8 6.93 -8.37 26.04
C LYS I 8 7.48 -7.43 24.99
N LEU I 9 8.02 -6.30 25.42
CA LEU I 9 8.61 -5.38 24.47
C LEU I 9 9.87 -5.98 23.84
N ASP I 10 10.64 -6.73 24.63
CA ASP I 10 11.85 -7.39 24.12
C ASP I 10 11.54 -8.51 23.13
N ARG I 11 10.41 -9.20 23.31
CA ARG I 11 10.03 -10.22 22.35
C ARG I 11 9.53 -9.60 21.05
N ALA I 12 8.70 -8.57 21.15
CA ALA I 12 8.15 -7.96 19.94
C ALA I 12 9.27 -7.39 19.09
N ASP I 13 10.27 -6.87 19.77
CA ASP I 13 11.44 -6.31 19.10
C ASP I 13 12.34 -7.34 18.43
N ILE I 14 12.73 -8.38 19.14
CA ILE I 14 13.45 -9.50 18.53
C ILE I 14 12.72 -9.99 17.28
N LEU I 15 11.41 -10.10 17.36
CA LEU I 15 10.63 -10.60 16.24
C LEU I 15 10.66 -9.67 15.02
N TYR I 16 10.59 -8.37 15.26
CA TYR I 16 10.69 -7.36 14.18
C TYR I 16 12.05 -7.41 13.50
N ASN I 17 13.10 -7.53 14.30
CA ASN I 17 14.45 -7.74 13.80
C ASN I 17 14.58 -8.97 12.92
N ILE I 18 13.86 -10.03 13.27
CA ILE I 18 13.92 -11.28 12.50
C ILE I 18 13.22 -11.09 11.17
N ARG I 19 12.06 -10.45 11.19
CA ARG I 19 11.34 -10.12 9.96
C ARG I 19 12.18 -9.28 9.02
N GLN I 20 12.88 -8.28 9.55
CA GLN I 20 13.63 -7.35 8.70
C GLN I 20 14.92 -7.95 8.10
N THR I 21 15.47 -8.96 8.72
CA THR I 21 16.71 -9.56 8.25
C THR I 21 16.45 -10.75 7.35
N SER I 22 15.39 -11.50 7.66
CA SER I 22 15.15 -12.76 6.99
C SER I 22 14.56 -12.52 5.60
N ARG I 23 14.90 -13.40 4.66
CA ARG I 23 14.31 -13.36 3.32
C ARG I 23 13.87 -14.78 3.06
N PRO I 24 12.58 -15.03 3.25
CA PRO I 24 12.01 -16.39 3.26
C PRO I 24 12.25 -17.18 1.98
N ASP I 25 12.65 -16.48 0.92
CA ASP I 25 12.77 -17.09 -0.40
C ASP I 25 14.20 -17.40 -0.82
N VAL I 26 15.16 -17.08 0.04
CA VAL I 26 16.57 -17.23 -0.31
C VAL I 26 17.29 -18.10 0.71
N ILE I 27 18.00 -19.14 0.25
CA ILE I 27 18.71 -20.01 1.19
C ILE I 27 19.78 -19.26 2.00
N PRO I 28 19.80 -19.49 3.33
CA PRO I 28 20.72 -18.76 4.22
C PRO I 28 22.14 -19.34 4.25
N THR I 29 22.89 -19.15 3.17
CA THR I 29 24.27 -19.64 3.08
C THR I 29 25.26 -18.72 3.77
N GLN I 30 26.21 -19.33 4.47
CA GLN I 30 27.27 -18.59 5.16
C GLN I 30 28.66 -19.15 4.86
N ARG I 31 29.61 -18.25 4.63
CA ARG I 31 31.02 -18.62 4.46
C ARG I 31 31.31 -19.60 3.32
N ASP I 32 30.60 -19.45 2.21
CA ASP I 32 30.88 -20.24 1.01
C ASP I 32 30.79 -21.74 1.28
N ARG I 33 29.83 -22.15 2.09
CA ARG I 33 29.59 -23.55 2.40
C ARG I 33 28.08 -23.77 2.24
N PRO I 34 27.65 -25.04 2.08
CA PRO I 34 26.20 -25.26 1.95
C PRO I 34 25.48 -25.10 3.29
N VAL I 35 24.16 -25.04 3.27
CA VAL I 35 23.41 -24.94 4.51
C VAL I 35 23.30 -26.32 5.15
N ALA I 36 23.93 -26.49 6.31
CA ALA I 36 23.83 -27.75 7.01
C ALA I 36 22.44 -27.85 7.65
N VAL I 37 21.69 -28.86 7.26
CA VAL I 37 20.34 -29.07 7.81
C VAL I 37 20.25 -30.43 8.49
N SER I 38 19.97 -30.45 9.78
CA SER I 38 19.80 -31.74 10.46
C SER I 38 18.34 -32.18 10.47
N VAL I 39 18.11 -33.45 10.11
CA VAL I 39 16.78 -34.03 10.19
C VAL I 39 16.80 -35.30 11.05
N SER I 40 15.76 -35.50 11.82
CA SER I 40 15.50 -36.78 12.47
C SER I 40 14.01 -37.05 12.37
N LEU I 41 13.63 -38.32 12.29
CA LEU I 41 12.24 -38.69 12.46
C LEU I 41 12.06 -39.41 13.79
N LYS I 42 10.94 -39.13 14.45
CA LYS I 42 10.46 -39.95 15.53
C LYS I 42 9.01 -40.37 15.21
N PHE I 43 8.74 -41.66 15.18
CA PHE I 43 7.40 -42.15 14.85
C PHE I 43 6.50 -42.05 16.05
N ILE I 44 5.28 -41.56 15.81
CA ILE I 44 4.24 -41.44 16.84
C ILE I 44 3.22 -42.55 16.69
N ASN I 45 2.77 -42.78 15.47
CA ASN I 45 1.79 -43.81 15.22
C ASN I 45 1.95 -44.53 13.89
N ILE I 46 1.24 -45.64 13.75
CA ILE I 46 0.90 -46.20 12.45
C ILE I 46 -0.63 -46.15 12.25
N LEU I 47 -1.06 -45.32 11.31
CA LEU I 47 -2.48 -45.18 11.01
C LEU I 47 -3.02 -46.46 10.40
N GLU I 48 -2.26 -47.01 9.45
CA GLU I 48 -2.67 -48.22 8.77
C GLU I 48 -1.53 -48.95 8.07
N VAL I 49 -1.76 -50.22 7.78
CA VAL I 49 -0.97 -51.02 6.85
C VAL I 49 -1.89 -51.70 5.84
N ASN I 50 -1.35 -52.03 4.68
CA ASN I 50 -2.11 -52.68 3.65
C ASN I 50 -1.13 -53.58 2.92
N GLU I 51 -1.17 -54.88 3.20
CA GLU I 51 -0.18 -55.80 2.65
C GLU I 51 -0.36 -56.06 1.15
N ILE I 52 -1.59 -55.87 0.66
CA ILE I 52 -1.88 -56.09 -0.76
C ILE I 52 -1.24 -55.01 -1.64
N THR I 53 -1.51 -53.75 -1.33
CA THR I 53 -1.09 -52.65 -2.20
C THR I 53 0.16 -51.92 -1.74
N ASN I 54 0.83 -52.47 -0.72
CA ASN I 54 2.09 -51.92 -0.20
C ASN I 54 2.02 -50.45 0.18
N GLU I 55 1.15 -50.13 1.14
CA GLU I 55 0.95 -48.75 1.57
C GLU I 55 0.71 -48.61 3.07
N VAL I 56 1.48 -47.75 3.72
CA VAL I 56 1.29 -47.46 5.13
C VAL I 56 0.82 -46.04 5.27
N ASP I 57 0.12 -45.79 6.37
CA ASP I 57 -0.19 -44.43 6.78
CA ASP I 57 -0.23 -44.43 6.79
C ASP I 57 0.49 -44.20 8.12
N VAL I 58 1.28 -43.15 8.22
CA VAL I 58 1.97 -42.91 9.48
C VAL I 58 1.85 -41.49 10.04
N VAL I 59 2.05 -41.39 11.35
CA VAL I 59 2.18 -40.11 12.03
C VAL I 59 3.59 -40.06 12.61
N PHE I 60 4.40 -39.12 12.15
CA PHE I 60 5.75 -38.97 12.67
C PHE I 60 6.03 -37.54 13.09
N TRP I 61 6.97 -37.40 14.01
CA TRP I 61 7.36 -36.08 14.47
C TRP I 61 8.68 -35.77 13.80
N GLN I 62 8.67 -34.76 12.92
CA GLN I 62 9.81 -34.49 12.07
C GLN I 62 10.68 -33.36 12.59
N GLN I 63 11.79 -33.70 13.22
CA GLN I 63 12.69 -32.72 13.83
C GLN I 63 13.69 -32.12 12.85
N THR I 64 13.42 -30.92 12.34
CA THR I 64 14.34 -30.25 11.40
C THR I 64 15.10 -29.12 12.10
N THR I 65 16.37 -28.92 11.73
CA THR I 65 17.15 -27.86 12.34
C THR I 65 18.34 -27.42 11.52
N TRP I 66 18.54 -26.11 11.44
CA TRP I 66 19.65 -25.55 10.69
C TRP I 66 20.11 -24.24 11.30
N SER I 67 21.14 -23.65 10.73
CA SER I 67 21.62 -22.39 11.26
C SER I 67 21.44 -21.22 10.30
N ASP I 68 21.05 -20.07 10.85
CA ASP I 68 21.00 -18.81 10.10
C ASP I 68 21.56 -17.73 11.00
N ARG I 69 22.89 -17.57 10.98
CA ARG I 69 23.56 -16.70 11.95
C ARG I 69 23.32 -15.20 11.76
N THR I 70 22.81 -14.78 10.62
CA THR I 70 22.34 -13.40 10.49
C THR I 70 21.10 -13.10 11.37
N LEU I 71 20.46 -14.14 11.89
CA LEU I 71 19.31 -13.94 12.75
C LEU I 71 19.74 -13.83 14.21
N ALA I 72 20.99 -14.18 14.46
CA ALA I 72 21.55 -14.20 15.81
C ALA I 72 21.44 -12.84 16.51
N TRP I 73 21.32 -12.85 17.84
CA TRP I 73 21.28 -11.60 18.60
C TRP I 73 21.92 -11.80 19.97
N ASN I 74 22.29 -10.70 20.61
CA ASN I 74 22.89 -10.82 21.93
C ASN I 74 21.74 -11.00 22.90
N SER I 75 21.75 -12.12 23.61
CA SER I 75 20.67 -12.42 24.54
C SER I 75 20.91 -11.90 25.97
N SER I 76 22.08 -11.31 26.18
CA SER I 76 22.59 -11.07 27.54
C SER I 76 21.50 -10.56 28.49
N HIS I 77 20.64 -9.66 28.00
CA HIS I 77 19.53 -9.15 28.80
C HIS I 77 18.25 -9.09 27.97
N SER I 78 17.94 -10.20 27.31
CA SER I 78 16.80 -10.33 26.40
C SER I 78 16.55 -11.83 26.20
N PRO I 79 15.36 -12.21 25.68
CA PRO I 79 15.01 -13.63 25.54
C PRO I 79 16.02 -14.47 24.77
N ASP I 80 16.21 -15.70 25.21
CA ASP I 80 17.09 -16.64 24.54
C ASP I 80 16.48 -17.17 23.26
N GLN I 81 15.16 -17.31 23.24
CA GLN I 81 14.49 -17.77 22.02
C GLN I 81 13.05 -17.35 21.94
N VAL I 82 12.54 -17.30 20.71
CA VAL I 82 11.17 -16.85 20.48
C VAL I 82 10.50 -17.75 19.46
N SER I 83 9.18 -17.70 19.40
CA SER I 83 8.41 -18.40 18.37
C SER I 83 8.13 -17.53 17.15
N VAL I 84 8.17 -18.13 15.96
CA VAL I 84 8.03 -17.34 14.73
C VAL I 84 7.19 -18.10 13.72
N PRO I 85 6.24 -17.40 13.06
CA PRO I 85 5.49 -17.96 11.92
C PRO I 85 6.44 -18.43 10.83
N ILE I 86 6.17 -19.56 10.19
CA ILE I 86 7.10 -20.03 9.17
C ILE I 86 6.98 -19.29 7.83
N SER I 87 6.01 -18.39 7.73
CA SER I 87 5.87 -17.53 6.55
C SER I 87 6.96 -16.44 6.49
N SER I 88 7.58 -16.16 7.62
CA SER I 88 8.60 -15.12 7.70
C SER I 88 10.02 -15.66 7.57
N LEU I 89 10.20 -16.97 7.78
CA LEU I 89 11.52 -17.56 7.70
C LEU I 89 11.68 -18.37 6.45
N TRP I 90 12.93 -18.49 5.98
CA TRP I 90 13.27 -19.54 5.03
C TRP I 90 13.09 -20.88 5.73
N VAL I 91 12.49 -21.81 5.01
CA VAL I 91 12.35 -23.19 5.47
C VAL I 91 12.86 -24.10 4.34
N PRO I 92 13.53 -25.22 4.69
CA PRO I 92 14.02 -26.08 3.61
C PRO I 92 12.88 -26.82 2.87
N ASP I 93 13.06 -26.99 1.56
CA ASP I 93 12.07 -27.63 0.68
C ASP I 93 12.14 -29.15 0.72
N LEU I 94 11.99 -29.76 1.90
CA LEU I 94 12.11 -31.20 2.02
C LEU I 94 10.92 -31.88 1.37
N ALA I 95 11.16 -33.05 0.80
CA ALA I 95 10.12 -33.83 0.14
C ALA I 95 10.39 -35.31 0.40
N ALA I 96 9.32 -36.10 0.50
CA ALA I 96 9.49 -37.54 0.68
C ALA I 96 9.22 -38.24 -0.65
N TYR I 97 10.22 -38.97 -1.14
CA TYR I 97 10.21 -39.50 -2.50
C TYR I 97 9.19 -40.59 -2.71
N ASN I 98 8.88 -41.33 -1.65
CA ASN I 98 7.91 -42.40 -1.75
C ASN I 98 6.57 -42.12 -1.08
N ALA I 99 6.25 -40.85 -0.87
CA ALA I 99 4.93 -40.50 -0.36
C ALA I 99 3.94 -40.51 -1.52
N ILE I 100 2.68 -40.81 -1.23
CA ILE I 100 1.69 -40.90 -2.29
C ILE I 100 0.50 -39.99 -1.97
N SER I 101 0.64 -39.17 -0.94
CA SER I 101 -0.35 -38.18 -0.59
C SER I 101 0.34 -36.89 -0.17
N LYS I 102 -0.39 -35.78 -0.23
CA LYS I 102 0.10 -34.51 0.31
C LYS I 102 0.37 -34.70 1.81
N PRO I 103 1.46 -34.12 2.33
CA PRO I 103 1.61 -34.24 3.79
C PRO I 103 0.58 -33.41 4.54
N GLU I 104 -0.06 -33.97 5.55
CA GLU I 104 -0.95 -33.18 6.41
C GLU I 104 -0.34 -32.81 7.75
N VAL I 105 -0.13 -31.51 7.97
CA VAL I 105 0.46 -31.02 9.21
C VAL I 105 -0.57 -30.93 10.33
N LEU I 106 -0.25 -31.49 11.49
CA LEU I 106 -1.22 -31.58 12.57
C LEU I 106 -0.97 -30.57 13.70
N THR I 107 0.16 -29.89 13.64
CA THR I 107 0.56 -28.96 14.69
C THR I 107 0.61 -27.53 14.13
N PRO I 108 0.68 -26.51 15.01
CA PRO I 108 0.75 -25.14 14.49
C PRO I 108 2.04 -24.91 13.71
N GLN I 109 2.00 -24.01 12.73
CA GLN I 109 3.18 -23.77 11.90
C GLN I 109 4.13 -22.70 12.47
N LEU I 110 4.73 -23.00 13.63
CA LEU I 110 5.69 -22.10 14.23
C LEU I 110 7.06 -22.72 14.25
N ALA I 111 8.08 -21.89 14.41
CA ALA I 111 9.45 -22.35 14.52
C ALA I 111 10.06 -21.58 15.68
N ARG I 112 10.91 -22.21 16.47
CA ARG I 112 11.70 -21.48 17.44
C ARG I 112 12.96 -20.99 16.75
N VAL I 113 13.31 -19.74 16.99
CA VAL I 113 14.59 -19.18 16.56
C VAL I 113 15.36 -18.93 17.86
N VAL I 114 16.58 -19.46 17.96
CA VAL I 114 17.38 -19.29 19.16
C VAL I 114 18.39 -18.17 18.93
N SER I 115 18.83 -17.49 19.98
CA SER I 115 19.64 -16.29 19.82
C SER I 115 21.02 -16.49 19.21
N ASP I 116 21.54 -17.71 19.23
CA ASP I 116 22.83 -17.98 18.60
C ASP I 116 22.69 -18.14 17.09
N GLY I 117 21.48 -18.34 16.61
CA GLY I 117 21.21 -18.39 15.18
C GLY I 117 20.53 -19.67 14.70
N GLU I 118 20.44 -20.64 15.58
CA GLU I 118 19.84 -21.91 15.28
C GLU I 118 18.32 -21.71 15.03
N VAL I 119 17.78 -22.42 14.05
CA VAL I 119 16.33 -22.39 13.82
C VAL I 119 15.79 -23.80 13.95
N LEU I 120 14.79 -23.96 14.81
CA LEU I 120 14.16 -25.24 15.04
C LEU I 120 12.75 -25.23 14.51
N TYR I 121 12.45 -26.13 13.58
CA TYR I 121 11.10 -26.31 13.06
C TYR I 121 10.72 -27.79 13.15
N MET I 122 9.71 -28.10 13.96
CA MET I 122 9.44 -29.48 14.32
C MET I 122 7.96 -29.83 14.27
N PRO I 123 7.40 -29.88 13.05
CA PRO I 123 5.98 -30.21 12.87
C PRO I 123 5.71 -31.68 13.08
N SER I 124 4.45 -31.99 13.34
CA SER I 124 4.00 -33.37 13.36
C SER I 124 3.06 -33.62 12.19
N ILE I 125 3.35 -34.68 11.44
CA ILE I 125 2.78 -34.95 10.12
C ILE I 125 2.10 -36.33 9.96
N ARG I 126 0.95 -36.35 9.30
CA ARG I 126 0.38 -37.60 8.81
C ARG I 126 0.63 -37.71 7.31
N GLN I 127 1.15 -38.86 6.85
CA GLN I 127 1.34 -39.06 5.40
C GLN I 127 1.23 -40.52 4.96
N ARG I 128 0.83 -40.76 3.71
CA ARG I 128 0.82 -42.10 3.11
C ARG I 128 2.07 -42.40 2.28
N PHE I 129 2.70 -43.53 2.55
CA PHE I 129 3.88 -43.93 1.78
C PHE I 129 3.67 -45.27 1.09
N SER I 130 4.22 -45.39 -0.11
CA SER I 130 4.31 -46.69 -0.74
C SER I 130 5.63 -47.27 -0.30
N CYS I 131 5.57 -48.46 0.28
CA CYS I 131 6.73 -49.13 0.88
C CYS I 131 6.52 -50.66 1.00
N ASP I 132 7.59 -51.40 1.24
CA ASP I 132 7.52 -52.85 1.37
C ASP I 132 6.97 -53.27 2.72
N VAL I 133 5.81 -53.92 2.73
CA VAL I 133 5.17 -54.34 3.99
C VAL I 133 4.99 -55.85 4.09
N SER I 134 6.00 -56.57 3.65
CA SER I 134 6.01 -58.02 3.71
C SER I 134 6.45 -58.50 5.10
N GLY I 135 5.72 -59.48 5.63
CA GLY I 135 6.09 -60.17 6.85
C GLY I 135 5.80 -59.35 8.09
N VAL I 136 4.71 -58.61 8.04
CA VAL I 136 4.37 -57.72 9.13
C VAL I 136 3.64 -58.54 10.19
N ASP I 137 3.03 -59.63 9.75
CA ASP I 137 2.34 -60.56 10.66
C ASP I 137 3.29 -61.57 11.29
N THR I 138 4.57 -61.43 10.97
CA THR I 138 5.62 -62.34 11.41
C THR I 138 6.64 -61.58 12.26
N GLU I 139 7.38 -62.31 13.08
CA GLU I 139 8.23 -61.71 14.10
C GLU I 139 9.35 -60.80 13.58
N SER I 140 10.02 -61.20 12.50
CA SER I 140 11.11 -60.39 11.99
C SER I 140 10.53 -59.02 11.62
N GLY I 141 9.25 -59.01 11.28
CA GLY I 141 8.56 -57.78 10.99
C GLY I 141 8.77 -57.30 9.58
N ALA I 142 8.09 -56.21 9.22
CA ALA I 142 8.27 -55.61 7.91
C ALA I 142 9.40 -54.62 8.04
N THR I 143 10.00 -54.22 6.91
CA THR I 143 10.86 -53.04 6.90
C THR I 143 10.42 -52.04 5.85
N CYS I 144 10.11 -50.84 6.33
CA CYS I 144 9.64 -49.76 5.48
C CYS I 144 10.65 -48.63 5.50
N ARG I 145 11.02 -48.17 4.31
CA ARG I 145 12.08 -47.19 4.15
C ARG I 145 11.54 -45.94 3.53
N ILE I 146 11.59 -44.85 4.30
CA ILE I 146 11.26 -43.51 3.81
C ILE I 146 12.54 -42.74 3.41
N LYS I 147 12.57 -42.19 2.20
CA LYS I 147 13.67 -41.33 1.77
C LYS I 147 13.22 -39.87 1.75
N ILE I 148 14.00 -38.98 2.36
CA ILE I 148 13.64 -37.56 2.40
C ILE I 148 14.82 -36.68 2.06
N GLY I 149 14.68 -35.83 1.05
CA GLY I 149 15.80 -34.99 0.65
C GLY I 149 15.32 -33.65 0.17
N SER I 150 16.26 -32.78 -0.19
CA SER I 150 15.88 -31.49 -0.71
C SER I 150 15.41 -31.62 -2.13
N TRP I 151 14.32 -30.94 -2.46
CA TRP I 151 13.74 -31.09 -3.77
C TRP I 151 14.55 -30.31 -4.80
N THR I 152 14.66 -29.00 -4.66
CA THR I 152 15.26 -28.24 -5.75
C THR I 152 16.69 -27.85 -5.47
N HIS I 153 17.13 -28.00 -4.23
CA HIS I 153 18.49 -27.65 -3.89
C HIS I 153 19.39 -28.86 -3.82
N HIS I 154 20.51 -28.79 -4.52
CA HIS I 154 21.46 -29.89 -4.53
C HIS I 154 22.52 -29.71 -3.45
N SER I 155 23.38 -30.71 -3.31
CA SER I 155 24.36 -30.82 -2.23
C SER I 155 25.29 -29.62 -2.05
N ARG I 156 25.51 -28.84 -3.12
CA ARG I 156 26.33 -27.64 -2.99
C ARG I 156 25.56 -26.49 -2.33
N GLU I 157 24.24 -26.55 -2.40
CA GLU I 157 23.39 -25.54 -1.78
C GLU I 157 22.90 -26.01 -0.40
N ILE I 158 22.35 -27.22 -0.33
CA ILE I 158 21.82 -27.79 0.91
C ILE I 158 22.34 -29.21 1.17
N SER I 159 22.82 -29.48 2.38
CA SER I 159 23.17 -30.85 2.71
C SER I 159 22.38 -31.32 3.94
N VAL I 160 21.87 -32.54 3.90
CA VAL I 160 21.01 -33.05 4.97
C VAL I 160 21.75 -34.09 5.83
N ASP I 161 21.43 -34.18 7.11
CA ASP I 161 22.18 -35.03 8.06
C ASP I 161 21.30 -35.56 9.18
N PRO I 162 21.56 -36.81 9.63
CA PRO I 162 20.79 -37.32 10.78
C PRO I 162 21.51 -37.06 12.10
N THR I 163 20.78 -37.10 13.20
CA THR I 163 21.34 -36.83 14.51
C THR I 163 21.40 -38.09 15.36
N ASP I 168 16.19 -43.97 21.64
CA ASP I 168 15.15 -44.96 21.43
C ASP I 168 13.99 -44.37 20.63
N ASP I 169 13.40 -45.14 19.72
CA ASP I 169 12.23 -44.62 19.03
C ASP I 169 10.91 -44.90 19.74
N SER I 170 10.84 -45.94 20.55
CA SER I 170 9.57 -46.31 21.12
C SER I 170 9.01 -45.11 21.88
N GLU I 171 9.89 -44.28 22.42
CA GLU I 171 9.51 -43.26 23.38
C GLU I 171 8.33 -42.35 23.02
N TYR I 172 8.20 -41.89 21.77
CA TYR I 172 7.07 -41.02 21.50
C TYR I 172 5.97 -41.85 20.82
N PHE I 173 6.17 -43.16 20.76
CA PHE I 173 5.29 -44.04 20.01
C PHE I 173 4.13 -44.53 20.85
N SER I 174 2.92 -44.23 20.40
CA SER I 174 1.68 -44.58 21.06
C SER I 174 1.71 -46.01 21.58
N GLN I 175 1.37 -46.21 22.85
CA GLN I 175 1.27 -47.58 23.40
C GLN I 175 0.00 -48.26 22.92
N TYR I 176 -0.92 -47.49 22.34
CA TYR I 176 -2.19 -48.03 21.88
C TYR I 176 -2.20 -48.32 20.39
N SER I 177 -1.02 -48.41 19.82
CA SER I 177 -0.91 -48.76 18.41
C SER I 177 -1.16 -50.25 18.21
N ARG I 178 -1.60 -50.60 17.00
CA ARG I 178 -1.82 -51.99 16.64
C ARG I 178 -0.46 -52.61 16.31
N PHE I 179 0.58 -51.78 16.29
CA PHE I 179 1.90 -52.23 15.90
C PHE I 179 2.96 -51.90 16.95
N GLU I 180 4.13 -52.52 16.81
CA GLU I 180 5.26 -52.24 17.69
CA GLU I 180 5.27 -52.21 17.69
C GLU I 180 6.51 -52.02 16.84
N ILE I 181 7.37 -51.09 17.27
CA ILE I 181 8.59 -50.80 16.55
C ILE I 181 9.74 -51.65 17.07
N LEU I 182 10.40 -52.36 16.16
CA LEU I 182 11.52 -53.22 16.51
C LEU I 182 12.84 -52.43 16.48
N ASP I 183 13.02 -51.62 15.44
CA ASP I 183 14.24 -50.85 15.28
C ASP I 183 14.05 -49.73 14.26
N VAL I 184 14.72 -48.61 14.46
CA VAL I 184 14.72 -47.53 13.47
C VAL I 184 16.15 -47.11 13.19
N THR I 185 16.49 -46.87 11.93
CA THR I 185 17.82 -46.33 11.60
C THR I 185 17.73 -45.17 10.64
N GLN I 186 18.78 -44.35 10.60
CA GLN I 186 18.79 -43.18 9.72
C GLN I 186 20.14 -43.03 9.01
N LYS I 187 20.21 -43.45 7.76
CA LYS I 187 21.41 -43.30 6.94
C LYS I 187 21.39 -42.05 6.06
N LYS I 188 22.58 -41.55 5.73
CA LYS I 188 22.70 -40.45 4.79
C LYS I 188 23.08 -40.97 3.40
N ASN I 189 22.59 -40.30 2.38
CA ASN I 189 22.74 -40.80 1.01
C ASN I 189 22.89 -39.66 0.02
N SER I 190 23.80 -39.79 -0.95
CA SER I 190 23.91 -38.81 -2.01
C SER I 190 23.50 -39.47 -3.32
N VAL I 191 22.68 -38.78 -4.11
CA VAL I 191 22.11 -39.38 -5.30
C VAL I 191 22.25 -38.47 -6.50
N THR I 192 22.74 -39.01 -7.62
CA THR I 192 22.72 -38.28 -8.88
C THR I 192 21.73 -38.95 -9.82
N TYR I 193 20.85 -38.15 -10.39
CA TYR I 193 19.85 -38.65 -11.32
C TYR I 193 20.31 -38.37 -12.74
N SER I 194 19.92 -39.22 -13.67
CA SER I 194 20.33 -39.08 -15.07
C SER I 194 19.87 -37.75 -15.68
N CYS I 195 18.89 -37.14 -15.02
CA CYS I 195 18.33 -35.83 -15.41
C CYS I 195 19.34 -34.68 -15.34
N CYS I 196 19.92 -34.45 -14.15
CA CYS I 196 20.75 -33.28 -13.89
C CYS I 196 22.10 -33.63 -13.25
N PRO I 197 23.16 -32.94 -13.68
CA PRO I 197 24.56 -33.10 -13.24
C PRO I 197 24.76 -33.16 -11.73
N GLU I 198 23.89 -32.50 -10.98
CA GLU I 198 24.12 -32.38 -9.55
C GLU I 198 23.57 -33.51 -8.67
N ALA I 199 24.16 -33.62 -7.48
CA ALA I 199 23.77 -34.61 -6.49
C ALA I 199 22.84 -34.00 -5.44
N TYR I 200 21.70 -34.65 -5.21
CA TYR I 200 20.80 -34.28 -4.14
C TYR I 200 21.05 -35.19 -2.95
N GLU I 201 21.12 -34.63 -1.75
CA GLU I 201 21.35 -35.39 -0.54
C GLU I 201 20.05 -35.73 0.13
N ASP I 202 19.98 -36.94 0.67
CA ASP I 202 18.77 -37.45 1.33
CA ASP I 202 18.77 -37.42 1.31
C ASP I 202 19.08 -38.21 2.59
N VAL I 203 18.16 -38.18 3.56
CA VAL I 203 18.27 -39.06 4.70
C VAL I 203 17.36 -40.23 4.39
N GLU I 204 17.83 -41.45 4.64
CA GLU I 204 17.00 -42.65 4.50
CA GLU I 204 17.01 -42.65 4.50
C GLU I 204 16.63 -43.16 5.89
N VAL I 205 15.34 -43.34 6.15
CA VAL I 205 14.90 -43.86 7.45
C VAL I 205 14.30 -45.25 7.27
N SER I 206 14.80 -46.21 8.05
CA SER I 206 14.31 -47.59 8.01
C SER I 206 13.54 -47.91 9.27
N LEU I 207 12.27 -48.26 9.10
CA LEU I 207 11.46 -48.62 10.24
C LEU I 207 11.19 -50.13 10.21
N ASN I 208 11.63 -50.81 11.26
CA ASN I 208 11.37 -52.23 11.42
C ASN I 208 10.22 -52.45 12.43
N PHE I 209 9.13 -53.07 11.99
CA PHE I 209 7.95 -53.21 12.86
C PHE I 209 7.06 -54.43 12.56
N ARG I 210 6.29 -54.85 13.57
CA ARG I 210 5.37 -55.97 13.40
C ARG I 210 4.06 -55.75 14.14
N LYS I 211 3.01 -56.40 13.66
CA LYS I 211 1.74 -56.40 14.38
C LYS I 211 1.91 -57.20 15.68
N LYS I 212 1.16 -56.84 16.71
CA LYS I 212 1.22 -57.52 17.99
C LYS I 212 0.37 -58.80 17.99
N GLY I 213 0.66 -59.71 18.93
CA GLY I 213 -0.06 -60.98 19.03
C GLY I 213 0.67 -62.16 18.40
N TYR J 2 30.15 -21.98 -10.83
CA TYR J 2 29.74 -22.88 -9.76
C TYR J 2 30.48 -22.66 -8.43
N LYS J 3 31.50 -21.80 -8.43
CA LYS J 3 32.25 -21.56 -7.19
C LYS J 3 31.77 -20.32 -6.45
N ASP J 4 30.69 -19.72 -6.95
CA ASP J 4 30.04 -18.59 -6.28
C ASP J 4 28.53 -18.80 -6.12
N ASP J 5 28.10 -20.07 -6.17
CA ASP J 5 26.69 -20.45 -6.09
C ASP J 5 26.08 -20.18 -4.72
N ASP J 6 26.92 -19.78 -3.77
CA ASP J 6 26.49 -19.61 -2.38
C ASP J 6 26.58 -18.19 -1.83
N ASP J 7 26.83 -17.20 -2.68
CA ASP J 7 26.88 -15.82 -2.19
C ASP J 7 25.47 -15.35 -1.84
N LYS J 8 25.14 -15.32 -0.54
CA LYS J 8 23.78 -15.04 -0.08
C LYS J 8 23.22 -13.72 -0.61
N LEU J 9 24.09 -12.74 -0.82
CA LEU J 9 23.67 -11.47 -1.37
C LEU J 9 23.42 -11.56 -2.88
N ASP J 10 24.19 -12.40 -3.57
CA ASP J 10 24.07 -12.53 -5.02
C ASP J 10 22.80 -13.29 -5.37
N ARG J 11 22.50 -14.33 -4.59
CA ARG J 11 21.27 -15.09 -4.79
C ARG J 11 20.11 -14.13 -4.67
N ALA J 12 20.08 -13.37 -3.58
CA ALA J 12 18.94 -12.49 -3.29
C ALA J 12 18.72 -11.39 -4.34
N ASP J 13 19.81 -10.86 -4.90
CA ASP J 13 19.71 -9.88 -6.00
C ASP J 13 19.21 -10.48 -7.30
N ILE J 14 19.57 -11.74 -7.58
CA ILE J 14 19.08 -12.40 -8.77
C ILE J 14 17.57 -12.58 -8.68
N LEU J 15 17.09 -12.87 -7.48
CA LEU J 15 15.68 -12.99 -7.18
C LEU J 15 14.94 -11.64 -7.35
N TYR J 16 15.55 -10.56 -6.86
CA TYR J 16 15.02 -9.23 -7.09
C TYR J 16 14.88 -8.94 -8.59
N ASN J 17 15.98 -9.08 -9.34
CA ASN J 17 15.96 -8.97 -10.80
C ASN J 17 14.82 -9.77 -11.46
N ILE J 18 14.61 -11.00 -11.04
CA ILE J 18 13.60 -11.85 -11.66
C ILE J 18 12.19 -11.35 -11.34
N ARG J 19 11.85 -11.23 -10.06
CA ARG J 19 10.59 -10.61 -9.63
C ARG J 19 10.21 -9.35 -10.42
N GLN J 20 11.20 -8.55 -10.81
CA GLN J 20 10.95 -7.31 -11.56
C GLN J 20 10.71 -7.45 -13.07
N THR J 21 11.44 -8.35 -13.73
CA THR J 21 11.29 -8.49 -15.17
C THR J 21 10.18 -9.47 -15.50
N SER J 22 9.86 -10.35 -14.57
CA SER J 22 8.88 -11.39 -14.83
C SER J 22 7.47 -10.81 -14.86
N ARG J 23 6.70 -11.20 -15.87
CA ARG J 23 5.30 -10.86 -15.93
C ARG J 23 4.55 -12.16 -15.91
N PRO J 24 4.01 -12.55 -14.74
CA PRO J 24 3.38 -13.87 -14.56
C PRO J 24 2.15 -14.19 -15.43
N ASP J 25 1.46 -13.20 -15.99
CA ASP J 25 0.26 -13.50 -16.78
C ASP J 25 0.44 -13.36 -18.28
N VAL J 26 1.68 -13.15 -18.73
CA VAL J 26 1.90 -12.97 -20.16
C VAL J 26 2.87 -14.01 -20.74
N ILE J 27 2.48 -14.67 -21.83
CA ILE J 27 3.38 -15.63 -22.46
C ILE J 27 4.71 -15.00 -22.90
N PRO J 28 5.82 -15.67 -22.56
CA PRO J 28 7.17 -15.19 -22.86
C PRO J 28 7.61 -15.48 -24.30
N THR J 29 6.92 -14.88 -25.24
CA THR J 29 7.21 -15.07 -26.66
C THR J 29 8.29 -14.11 -27.13
N GLN J 30 9.30 -14.68 -27.79
CA GLN J 30 10.44 -13.91 -28.30
C GLN J 30 10.45 -14.01 -29.81
N ARG J 31 10.89 -12.95 -30.47
CA ARG J 31 11.18 -12.97 -31.90
C ARG J 31 10.02 -13.42 -32.78
N ASP J 32 8.81 -13.05 -32.42
CA ASP J 32 7.64 -13.36 -33.24
C ASP J 32 7.51 -14.86 -33.51
N ARG J 33 7.81 -15.68 -32.50
CA ARG J 33 7.68 -17.12 -32.61
C ARG J 33 6.96 -17.63 -31.36
N PRO J 34 6.29 -18.80 -31.44
CA PRO J 34 5.59 -19.37 -30.29
C PRO J 34 6.53 -19.95 -29.23
N VAL J 35 6.17 -19.81 -27.95
CA VAL J 35 6.97 -20.34 -26.86
C VAL J 35 7.08 -21.84 -26.96
N ALA J 36 8.31 -22.36 -26.85
CA ALA J 36 8.49 -23.79 -26.92
C ALA J 36 8.60 -24.40 -25.52
N VAL J 37 7.71 -25.34 -25.26
CA VAL J 37 7.59 -25.95 -23.96
C VAL J 37 7.87 -27.44 -24.11
N SER J 38 8.94 -27.90 -23.49
CA SER J 38 9.30 -29.32 -23.53
C SER J 38 8.61 -30.03 -22.40
N VAL J 39 8.09 -31.22 -22.67
CA VAL J 39 7.45 -32.06 -21.66
C VAL J 39 7.99 -33.47 -21.70
N SER J 40 7.87 -34.15 -20.58
CA SER J 40 8.16 -35.55 -20.47
C SER J 40 7.39 -36.07 -19.27
N LEU J 41 7.07 -37.36 -19.29
CA LEU J 41 6.48 -37.96 -18.11
C LEU J 41 7.32 -39.14 -17.71
N LYS J 42 7.76 -39.17 -16.45
CA LYS J 42 8.44 -40.36 -15.96
C LYS J 42 7.59 -40.91 -14.85
N PHE J 43 7.05 -42.10 -15.04
CA PHE J 43 6.14 -42.67 -14.06
C PHE J 43 6.82 -43.11 -12.77
N ILE J 44 6.15 -42.86 -11.65
CA ILE J 44 6.71 -43.14 -10.32
C ILE J 44 6.01 -44.32 -9.63
N ASN J 45 4.69 -44.38 -9.77
CA ASN J 45 3.94 -45.47 -9.14
C ASN J 45 2.60 -45.62 -9.85
N ILE J 46 1.94 -46.78 -9.66
CA ILE J 46 0.49 -46.86 -9.92
C ILE J 46 -0.31 -47.33 -8.69
N LEU J 47 -1.14 -46.44 -8.13
CA LEU J 47 -1.98 -46.73 -6.95
C LEU J 47 -3.17 -47.72 -7.05
N GLU J 48 -3.95 -47.59 -8.12
CA GLU J 48 -5.16 -48.36 -8.36
C GLU J 48 -5.35 -48.57 -9.85
N VAL J 49 -6.02 -49.65 -10.20
CA VAL J 49 -6.49 -49.84 -11.55
C VAL J 49 -7.86 -50.46 -11.38
N ASN J 50 -8.82 -50.00 -12.17
CA ASN J 50 -10.14 -50.60 -12.13
C ASN J 50 -10.56 -51.01 -13.54
N GLU J 51 -10.33 -52.29 -13.87
CA GLU J 51 -10.56 -52.84 -15.21
C GLU J 51 -12.01 -52.69 -15.67
N ILE J 52 -12.94 -52.63 -14.72
CA ILE J 52 -14.36 -52.46 -15.07
C ILE J 52 -14.69 -51.01 -15.45
N THR J 53 -14.35 -50.07 -14.57
CA THR J 53 -14.69 -48.67 -14.80
C THR J 53 -13.67 -47.89 -15.65
N ASN J 54 -12.58 -48.54 -16.02
CA ASN J 54 -11.55 -47.92 -16.86
C ASN J 54 -10.93 -46.68 -16.24
N GLU J 55 -10.72 -46.71 -14.93
CA GLU J 55 -9.99 -45.63 -14.28
C GLU J 55 -8.61 -46.10 -13.83
N VAL J 56 -7.60 -45.25 -13.99
CA VAL J 56 -6.27 -45.60 -13.52
C VAL J 56 -5.71 -44.53 -12.57
N ASP J 57 -4.95 -44.94 -11.56
CA ASP J 57 -4.49 -44.01 -10.54
C ASP J 57 -2.96 -43.93 -10.39
N VAL J 58 -2.37 -42.82 -10.80
CA VAL J 58 -0.92 -42.78 -10.91
C VAL J 58 -0.25 -41.59 -10.27
N VAL J 59 0.98 -41.82 -9.80
CA VAL J 59 1.90 -40.76 -9.41
C VAL J 59 2.97 -40.69 -10.49
N PHE J 60 3.16 -39.53 -11.08
CA PHE J 60 4.19 -39.38 -12.08
C PHE J 60 4.97 -38.11 -11.87
N TRP J 61 6.15 -38.03 -12.47
CA TRP J 61 6.98 -36.87 -12.31
C TRP J 61 6.95 -36.09 -13.62
N GLN J 62 6.17 -35.01 -13.66
CA GLN J 62 6.00 -34.23 -14.87
C GLN J 62 7.11 -33.21 -15.03
N GLN J 63 7.77 -33.20 -16.19
CA GLN J 63 8.94 -32.35 -16.40
C GLN J 63 8.79 -31.36 -17.52
N THR J 64 8.42 -30.14 -17.15
CA THR J 64 8.23 -29.05 -18.08
C THR J 64 9.47 -28.17 -18.09
N THR J 65 9.87 -27.74 -19.28
CA THR J 65 10.90 -26.70 -19.42
C THR J 65 10.53 -25.71 -20.52
N TRP J 66 10.96 -24.47 -20.37
CA TRP J 66 10.80 -23.52 -21.45
C TRP J 66 11.80 -22.43 -21.26
N SER J 67 11.83 -21.52 -22.21
CA SER J 67 12.82 -20.46 -22.21
C SER J 67 12.22 -19.05 -22.08
N ASP J 68 12.82 -18.23 -21.22
CA ASP J 68 12.57 -16.78 -21.25
C ASP J 68 13.92 -16.03 -21.18
N ARG J 69 14.44 -15.62 -22.35
CA ARG J 69 15.72 -14.93 -22.39
C ARG J 69 15.66 -13.61 -21.64
N THR J 70 14.48 -13.03 -21.49
CA THR J 70 14.36 -11.78 -20.77
C THR J 70 14.72 -11.95 -19.29
N LEU J 71 14.83 -13.21 -18.84
CA LEU J 71 15.22 -13.50 -17.46
C LEU J 71 16.73 -13.78 -17.27
N ALA J 72 17.50 -13.73 -18.34
CA ALA J 72 18.89 -14.18 -18.25
C ALA J 72 19.79 -13.16 -17.56
N TRP J 73 20.90 -13.63 -17.01
CA TRP J 73 21.91 -12.74 -16.45
C TRP J 73 23.31 -13.31 -16.69
N ASN J 74 24.34 -12.53 -16.34
CA ASN J 74 25.73 -12.99 -16.48
C ASN J 74 26.24 -13.70 -15.23
N SER J 75 26.38 -15.03 -15.36
CA SER J 75 26.82 -15.87 -14.24
C SER J 75 28.33 -16.08 -14.17
N SER J 76 29.09 -15.24 -14.88
CA SER J 76 30.53 -15.44 -14.93
C SER J 76 31.07 -15.32 -13.52
N HIS J 77 30.52 -14.39 -12.75
CA HIS J 77 30.75 -14.34 -11.32
C HIS J 77 29.40 -14.19 -10.61
N SER J 78 28.54 -15.22 -10.71
CA SER J 78 27.24 -15.20 -10.02
C SER J 78 26.72 -16.63 -9.85
N PRO J 79 25.75 -16.89 -8.96
CA PRO J 79 25.28 -18.29 -8.90
C PRO J 79 24.66 -18.70 -10.23
N ASP J 80 24.95 -19.93 -10.68
CA ASP J 80 24.47 -20.40 -11.97
C ASP J 80 22.95 -20.51 -12.04
N GLN J 81 22.32 -21.01 -10.98
CA GLN J 81 20.88 -21.20 -10.95
C GLN J 81 20.28 -20.90 -9.58
N VAL J 82 19.00 -20.55 -9.55
CA VAL J 82 18.31 -20.31 -8.29
C VAL J 82 16.88 -20.88 -8.32
N SER J 83 16.29 -21.02 -7.14
CA SER J 83 14.92 -21.49 -7.03
C SER J 83 13.98 -20.32 -6.79
N VAL J 84 12.85 -20.34 -7.48
CA VAL J 84 11.88 -19.24 -7.42
C VAL J 84 10.50 -19.84 -7.19
N PRO J 85 9.67 -19.23 -6.30
CA PRO J 85 8.30 -19.73 -6.14
C PRO J 85 7.51 -19.48 -7.40
N ILE J 86 6.76 -20.48 -7.88
CA ILE J 86 6.12 -20.35 -9.18
C ILE J 86 5.04 -19.29 -9.21
N SER J 87 4.69 -18.77 -8.04
CA SER J 87 3.80 -17.61 -7.97
C SER J 87 4.45 -16.39 -8.66
N SER J 88 5.77 -16.38 -8.74
CA SER J 88 6.49 -15.23 -9.26
C SER J 88 6.87 -15.37 -10.74
N LEU J 89 6.25 -16.33 -11.43
CA LEU J 89 6.66 -16.64 -12.80
C LEU J 89 5.49 -17.04 -13.69
N TRP J 90 5.60 -16.76 -14.99
CA TRP J 90 4.68 -17.39 -15.91
C TRP J 90 4.99 -18.87 -15.94
N VAL J 91 3.96 -19.68 -15.71
CA VAL J 91 4.02 -21.11 -15.95
C VAL J 91 2.99 -21.50 -17.02
N PRO J 92 3.34 -22.46 -17.90
CA PRO J 92 2.37 -22.87 -18.93
C PRO J 92 1.16 -23.58 -18.35
N ASP J 93 0.01 -23.36 -18.98
CA ASP J 93 -1.25 -23.85 -18.45
CA ASP J 93 -1.29 -23.84 -18.50
C ASP J 93 -1.66 -25.18 -19.13
N LEU J 94 -1.03 -26.25 -18.67
CA LEU J 94 -1.28 -27.56 -19.26
C LEU J 94 -2.44 -28.23 -18.55
N ALA J 95 -3.17 -29.05 -19.29
CA ALA J 95 -4.25 -29.83 -18.70
C ALA J 95 -4.19 -31.22 -19.31
N ALA J 96 -4.67 -32.21 -18.56
CA ALA J 96 -4.85 -33.55 -19.08
C ALA J 96 -6.30 -33.74 -19.49
N TYR J 97 -6.52 -34.26 -20.69
CA TYR J 97 -7.86 -34.30 -21.24
C TYR J 97 -8.66 -35.46 -20.61
N ASN J 98 -7.99 -36.55 -20.28
CA ASN J 98 -8.66 -37.72 -19.74
C ASN J 98 -8.41 -37.78 -18.25
N ALA J 99 -8.03 -36.63 -17.69
CA ALA J 99 -7.97 -36.49 -16.24
C ALA J 99 -9.39 -36.36 -15.73
N ILE J 100 -9.77 -37.24 -14.82
CA ILE J 100 -11.08 -37.14 -14.18
C ILE J 100 -10.96 -36.75 -12.71
N SER J 101 -9.83 -36.16 -12.33
CA SER J 101 -9.65 -35.67 -10.97
C SER J 101 -8.69 -34.50 -11.00
N LYS J 102 -8.65 -33.74 -9.92
CA LYS J 102 -7.74 -32.59 -9.82
C LYS J 102 -6.32 -33.07 -9.52
N PRO J 103 -5.30 -32.47 -10.14
CA PRO J 103 -3.92 -32.95 -9.93
C PRO J 103 -3.34 -32.61 -8.56
N GLU J 104 -3.03 -33.62 -7.76
CA GLU J 104 -2.48 -33.44 -6.40
C GLU J 104 -0.95 -33.32 -6.44
N VAL J 105 -0.46 -32.10 -6.21
CA VAL J 105 0.99 -31.82 -6.24
C VAL J 105 1.62 -32.20 -4.92
N LEU J 106 2.62 -33.09 -4.96
CA LEU J 106 3.15 -33.66 -3.74
C LEU J 106 4.44 -32.98 -3.35
N THR J 107 5.03 -32.26 -4.29
CA THR J 107 6.33 -31.69 -4.05
C THR J 107 6.17 -30.19 -3.83
N PRO J 108 7.18 -29.53 -3.25
CA PRO J 108 7.16 -28.07 -3.10
C PRO J 108 7.07 -27.37 -4.44
N GLN J 109 6.24 -26.33 -4.53
CA GLN J 109 6.07 -25.61 -5.79
C GLN J 109 7.19 -24.59 -6.10
N LEU J 110 8.40 -25.09 -6.34
CA LEU J 110 9.51 -24.24 -6.74
C LEU J 110 9.94 -24.52 -8.17
N ALA J 111 10.41 -23.49 -8.85
CA ALA J 111 11.01 -23.60 -10.16
C ALA J 111 12.51 -23.37 -10.04
N ARG J 112 13.32 -23.91 -10.95
CA ARG J 112 14.71 -23.48 -11.07
C ARG J 112 14.78 -22.52 -12.24
N VAL J 113 15.57 -21.48 -12.12
CA VAL J 113 15.83 -20.61 -13.23
C VAL J 113 17.32 -20.65 -13.47
N VAL J 114 17.72 -20.98 -14.69
CA VAL J 114 19.13 -21.03 -15.06
C VAL J 114 19.50 -19.72 -15.74
N SER J 115 20.76 -19.31 -15.62
CA SER J 115 21.19 -17.99 -16.08
C SER J 115 21.08 -17.73 -17.59
N ASP J 116 21.12 -18.78 -18.42
CA ASP J 116 20.95 -18.61 -19.86
C ASP J 116 19.52 -18.27 -20.27
N GLY J 117 18.59 -18.37 -19.33
CA GLY J 117 17.20 -18.00 -19.55
C GLY J 117 16.20 -19.14 -19.47
N GLU J 118 16.65 -20.33 -19.10
CA GLU J 118 15.76 -21.47 -19.06
C GLU J 118 15.00 -21.57 -17.72
N VAL J 119 13.74 -21.99 -17.78
CA VAL J 119 13.00 -22.32 -16.57
C VAL J 119 12.66 -23.82 -16.52
N LEU J 120 12.88 -24.43 -15.36
CA LEU J 120 12.58 -25.84 -15.16
C LEU J 120 11.58 -25.97 -14.03
N TYR J 121 10.49 -26.67 -14.29
CA TYR J 121 9.50 -26.90 -13.27
C TYR J 121 9.06 -28.36 -13.34
N MET J 122 9.39 -29.11 -12.31
CA MET J 122 9.20 -30.54 -12.36
C MET J 122 8.51 -31.06 -11.11
N PRO J 123 7.22 -30.73 -10.97
CA PRO J 123 6.46 -31.24 -9.84
C PRO J 123 6.21 -32.74 -9.97
N SER J 124 6.09 -33.43 -8.85
CA SER J 124 5.66 -34.81 -8.86
C SER J 124 4.18 -34.75 -8.51
N ILE J 125 3.38 -35.63 -9.10
CA ILE J 125 1.95 -35.41 -9.19
C ILE J 125 1.13 -36.69 -9.09
N ARG J 126 0.06 -36.65 -8.30
CA ARG J 126 -0.84 -37.77 -8.23
C ARG J 126 -2.18 -37.44 -8.88
N GLN J 127 -2.58 -38.22 -9.88
CA GLN J 127 -3.82 -37.93 -10.60
C GLN J 127 -4.56 -39.18 -11.09
N ARG J 128 -5.89 -39.11 -11.07
CA ARG J 128 -6.75 -40.16 -11.63
C ARG J 128 -7.12 -39.89 -13.10
N PHE J 129 -7.05 -40.93 -13.92
CA PHE J 129 -7.32 -40.82 -15.34
C PHE J 129 -8.30 -41.87 -15.83
N SER J 130 -9.07 -41.50 -16.85
CA SER J 130 -9.94 -42.43 -17.57
C SER J 130 -9.22 -42.91 -18.82
N CYS J 131 -9.03 -44.23 -18.92
CA CYS J 131 -8.19 -44.85 -19.95
C CYS J 131 -8.48 -46.34 -20.16
N ASP J 132 -7.96 -46.92 -21.25
CA ASP J 132 -8.18 -48.33 -21.55
C ASP J 132 -7.34 -49.30 -20.70
N VAL J 133 -8.01 -50.16 -19.93
CA VAL J 133 -7.32 -51.07 -19.03
C VAL J 133 -7.45 -52.53 -19.46
N SER J 134 -8.09 -52.76 -20.60
CA SER J 134 -8.31 -54.10 -21.10
C SER J 134 -6.99 -54.81 -21.33
N GLY J 135 -6.92 -56.05 -20.87
CA GLY J 135 -5.74 -56.86 -21.03
C GLY J 135 -4.61 -56.47 -20.08
N VAL J 136 -4.98 -55.95 -18.92
CA VAL J 136 -3.98 -55.57 -17.94
C VAL J 136 -3.49 -56.82 -17.21
N ASP J 137 -4.22 -57.92 -17.40
CA ASP J 137 -3.89 -59.21 -16.79
C ASP J 137 -3.22 -60.16 -17.74
N THR J 138 -3.60 -60.12 -19.01
CA THR J 138 -2.85 -60.85 -20.02
C THR J 138 -1.43 -60.28 -19.99
N GLU J 139 -0.44 -61.09 -20.34
CA GLU J 139 0.94 -60.65 -20.23
C GLU J 139 1.38 -59.78 -21.42
N SER J 140 0.48 -59.61 -22.39
CA SER J 140 0.69 -58.67 -23.48
C SER J 140 0.60 -57.26 -22.91
N GLY J 141 -0.42 -57.04 -22.09
CA GLY J 141 -0.53 -55.81 -21.33
C GLY J 141 -1.57 -54.85 -21.84
N ALA J 142 -1.99 -53.93 -20.97
CA ALA J 142 -2.89 -52.85 -21.33
C ALA J 142 -2.09 -51.66 -21.85
N THR J 143 -2.71 -50.86 -22.72
CA THR J 143 -2.08 -49.63 -23.22
C THR J 143 -2.95 -48.39 -22.98
N CYS J 144 -2.68 -47.69 -21.87
CA CYS J 144 -3.46 -46.50 -21.51
C CYS J 144 -2.76 -45.21 -21.90
N ARG J 145 -3.49 -44.28 -22.54
CA ARG J 145 -2.86 -43.09 -23.10
C ARG J 145 -3.32 -41.84 -22.41
N ILE J 146 -2.43 -40.89 -22.24
CA ILE J 146 -2.73 -39.66 -21.55
C ILE J 146 -2.39 -38.52 -22.48
N LYS J 147 -3.36 -37.66 -22.76
CA LYS J 147 -3.09 -36.48 -23.58
C LYS J 147 -2.95 -35.24 -22.71
N ILE J 148 -1.80 -34.58 -22.79
CA ILE J 148 -1.54 -33.30 -22.13
C ILE J 148 -1.22 -32.20 -23.14
N GLY J 149 -2.01 -31.12 -23.14
CA GLY J 149 -1.77 -30.00 -24.04
C GLY J 149 -2.05 -28.65 -23.40
N SER J 150 -1.81 -27.57 -24.14
CA SER J 150 -2.12 -26.24 -23.59
C SER J 150 -3.61 -26.00 -23.66
N TRP J 151 -4.19 -25.46 -22.59
CA TRP J 151 -5.64 -25.27 -22.56
C TRP J 151 -6.08 -24.05 -23.38
N THR J 152 -5.67 -22.86 -22.97
CA THR J 152 -6.19 -21.66 -23.62
C THR J 152 -5.34 -21.16 -24.78
N HIS J 153 -4.09 -21.59 -24.83
CA HIS J 153 -3.19 -21.10 -25.89
C HIS J 153 -3.10 -22.07 -27.06
N HIS J 154 -3.41 -21.59 -28.26
CA HIS J 154 -3.35 -22.41 -29.46
C HIS J 154 -1.94 -22.50 -30.08
N SER J 155 -1.82 -23.23 -31.19
CA SER J 155 -0.52 -23.62 -31.73
C SER J 155 0.42 -22.50 -32.15
N ARG J 156 -0.10 -21.31 -32.47
CA ARG J 156 0.81 -20.20 -32.75
C ARG J 156 1.26 -19.42 -31.50
N GLU J 157 0.78 -19.81 -30.32
CA GLU J 157 1.20 -19.18 -29.07
C GLU J 157 2.10 -20.09 -28.21
N ILE J 158 1.59 -21.27 -27.85
CA ILE J 158 2.36 -22.27 -27.12
C ILE J 158 2.51 -23.52 -28.00
N SER J 159 3.67 -24.15 -27.97
CA SER J 159 3.88 -25.40 -28.68
C SER J 159 4.56 -26.41 -27.75
N VAL J 160 4.10 -27.65 -27.76
CA VAL J 160 4.70 -28.67 -26.91
C VAL J 160 5.58 -29.62 -27.70
N ASP J 161 6.60 -30.20 -27.04
CA ASP J 161 7.57 -31.08 -27.69
C ASP J 161 8.06 -32.17 -26.74
N PRO J 162 7.76 -33.44 -27.05
CA PRO J 162 8.29 -34.52 -26.22
C PRO J 162 9.82 -34.56 -26.29
N THR J 163 10.45 -35.18 -25.30
CA THR J 163 11.91 -35.19 -25.20
C THR J 163 12.53 -36.37 -25.96
N ASP J 169 11.55 -46.76 -18.44
CA ASP J 169 11.22 -45.92 -17.30
C ASP J 169 11.56 -46.63 -15.99
N SER J 170 12.40 -47.65 -16.08
CA SER J 170 12.72 -48.52 -14.96
C SER J 170 13.32 -47.74 -13.83
N GLU J 171 14.07 -46.69 -14.18
CA GLU J 171 14.86 -45.95 -13.21
C GLU J 171 14.03 -45.30 -12.08
N TYR J 172 12.86 -44.74 -12.39
CA TYR J 172 12.16 -44.04 -11.31
C TYR J 172 10.94 -44.80 -10.78
N PHE J 173 10.51 -45.86 -11.47
CA PHE J 173 9.30 -46.56 -11.05
C PHE J 173 9.54 -47.26 -9.74
N SER J 174 8.52 -47.28 -8.89
CA SER J 174 8.61 -47.94 -7.59
C SER J 174 8.70 -49.46 -7.77
N GLN J 175 9.58 -50.11 -7.02
CA GLN J 175 9.68 -51.57 -7.09
C GLN J 175 8.60 -52.22 -6.23
N TYR J 176 7.95 -51.41 -5.41
CA TYR J 176 6.93 -51.87 -4.48
C TYR J 176 5.53 -51.74 -5.10
N SER J 177 5.48 -51.23 -6.32
CA SER J 177 4.24 -51.22 -7.09
C SER J 177 3.80 -52.66 -7.33
N ARG J 178 2.56 -52.86 -7.76
CA ARG J 178 2.15 -54.21 -8.08
C ARG J 178 1.84 -54.35 -9.56
N PHE J 179 2.10 -53.29 -10.31
CA PHE J 179 2.07 -53.37 -11.76
C PHE J 179 3.49 -53.15 -12.19
N GLU J 180 3.82 -53.51 -13.43
CA GLU J 180 5.14 -53.16 -13.95
C GLU J 180 5.02 -52.54 -15.33
N ILE J 181 6.09 -51.90 -15.77
CA ILE J 181 6.01 -51.16 -17.02
C ILE J 181 6.81 -51.78 -18.14
N LEU J 182 6.12 -52.09 -19.24
CA LEU J 182 6.78 -52.70 -20.38
C LEU J 182 7.41 -51.63 -21.29
N ASP J 183 6.71 -50.52 -21.52
CA ASP J 183 7.17 -49.51 -22.49
C ASP J 183 6.42 -48.17 -22.40
N VAL J 184 7.13 -47.07 -22.70
CA VAL J 184 6.60 -45.71 -22.62
C VAL J 184 6.97 -44.85 -23.84
N THR J 185 6.02 -44.66 -24.75
CA THR J 185 6.26 -43.84 -25.94
C THR J 185 5.60 -42.46 -25.87
N GLN J 186 6.23 -41.44 -26.45
CA GLN J 186 5.71 -40.07 -26.42
C GLN J 186 5.54 -39.43 -27.80
N LYS J 187 4.30 -39.39 -28.29
CA LYS J 187 3.98 -38.75 -29.57
C LYS J 187 3.54 -37.30 -29.37
N LYS J 188 3.84 -36.45 -30.34
CA LYS J 188 3.38 -35.06 -30.36
C LYS J 188 2.14 -35.03 -31.22
N ASN J 189 1.27 -34.05 -31.06
CA ASN J 189 0.02 -34.10 -31.78
C ASN J 189 -0.56 -32.69 -31.97
N SER J 190 -1.44 -32.51 -32.95
CA SER J 190 -1.97 -31.18 -33.25
C SER J 190 -3.41 -31.24 -33.80
N VAL J 191 -4.36 -30.96 -32.93
CA VAL J 191 -5.74 -31.22 -33.21
C VAL J 191 -6.53 -29.93 -33.29
N THR J 192 -7.47 -29.91 -34.23
CA THR J 192 -8.41 -28.79 -34.36
C THR J 192 -9.78 -29.31 -33.94
N TYR J 193 -10.46 -28.50 -33.15
CA TYR J 193 -11.81 -28.76 -32.72
C TYR J 193 -12.64 -27.76 -33.49
N SER J 194 -13.88 -28.13 -33.79
CA SER J 194 -14.70 -27.30 -34.64
C SER J 194 -14.88 -25.94 -34.01
N CYS J 195 -14.99 -25.91 -32.68
CA CYS J 195 -15.43 -24.69 -32.00
C CYS J 195 -14.60 -23.52 -32.48
N CYS J 196 -13.29 -23.69 -32.36
CA CYS J 196 -12.31 -22.63 -32.59
C CYS J 196 -11.60 -22.88 -33.90
N PRO J 197 -11.34 -21.82 -34.67
CA PRO J 197 -10.68 -22.05 -35.96
C PRO J 197 -9.26 -22.62 -35.83
N GLU J 198 -8.63 -22.47 -34.67
CA GLU J 198 -7.20 -22.74 -34.51
C GLU J 198 -6.86 -24.12 -33.95
N ALA J 199 -5.57 -24.44 -33.93
CA ALA J 199 -5.10 -25.77 -33.51
C ALA J 199 -4.48 -25.80 -32.12
N TYR J 200 -4.80 -26.83 -31.33
CA TYR J 200 -4.16 -27.02 -30.04
C TYR J 200 -3.18 -28.20 -30.05
N GLU J 201 -1.93 -27.92 -29.72
CA GLU J 201 -0.90 -28.93 -29.68
CA GLU J 201 -0.88 -28.93 -29.71
C GLU J 201 -0.90 -29.67 -28.37
N ASP J 202 -0.44 -30.91 -28.38
CA ASP J 202 -0.50 -31.75 -27.21
CA ASP J 202 -0.56 -31.78 -27.24
C ASP J 202 0.45 -32.91 -27.37
N VAL J 203 1.07 -33.31 -26.26
CA VAL J 203 1.89 -34.52 -26.27
C VAL J 203 1.05 -35.65 -25.72
N GLU J 204 0.84 -36.67 -26.54
CA GLU J 204 0.12 -37.88 -26.15
C GLU J 204 1.09 -38.98 -25.67
N VAL J 205 1.04 -39.28 -24.37
CA VAL J 205 1.96 -40.25 -23.76
C VAL J 205 1.31 -41.62 -23.59
N SER J 206 1.93 -42.64 -24.20
CA SER J 206 1.36 -43.99 -24.26
C SER J 206 2.11 -44.95 -23.35
N LEU J 207 1.38 -45.54 -22.41
CA LEU J 207 1.99 -46.38 -21.38
C LEU J 207 1.51 -47.83 -21.47
N ASN J 208 2.44 -48.73 -21.77
CA ASN J 208 2.14 -50.15 -21.81
C ASN J 208 2.55 -50.87 -20.51
N PHE J 209 1.58 -51.24 -19.68
CA PHE J 209 1.87 -51.85 -18.38
C PHE J 209 1.07 -53.12 -18.13
N ARG J 210 1.50 -53.92 -17.16
CA ARG J 210 0.73 -55.11 -16.80
C ARG J 210 0.87 -55.45 -15.33
N LYS J 211 -0.13 -56.13 -14.78
CA LYS J 211 -0.09 -56.64 -13.41
C LYS J 211 1.00 -57.72 -13.26
N LYS J 212 1.74 -57.67 -12.16
CA LYS J 212 2.84 -58.62 -11.92
C LYS J 212 2.36 -60.06 -11.67
N GLY J 213 3.08 -61.02 -12.22
CA GLY J 213 2.72 -62.42 -12.09
C GLY J 213 1.69 -62.87 -13.11
C1 KK2 K . 23.15 26.15 22.20
C2 KK2 K . 22.44 27.29 21.50
O1 KK2 K . 23.39 28.20 21.04
C3 KK2 K . 24.24 27.65 20.08
C4 KK2 K . 24.95 26.37 20.63
N2 KK2 K . 24.03 25.46 21.30
C6 KK2 K . 23.70 24.09 20.99
C5 KK2 K . 22.49 23.45 21.40
N1 KK2 K . 24.64 23.41 20.25
C7 KK2 K . 24.31 22.10 19.95
N4 KK2 K . 25.21 21.41 19.20
N3 KK2 K . 23.21 21.44 20.30
C8 KK2 K . 22.31 22.11 21.04
C9 KK2 K . 21.15 21.30 21.35
C10 KK2 K . 20.07 21.16 20.47
C11 KK2 K . 18.97 20.34 20.74
C12 KK2 K . 18.93 19.60 21.91
C13 KK2 K . 17.74 18.72 22.19
F1 KK2 K . 17.29 18.07 21.10
F2 KK2 K . 16.66 19.36 22.67
F3 KK2 K . 17.97 17.76 23.15
C14 KK2 K . 20.00 19.68 22.80
C15 KK2 K . 21.09 20.51 22.52
C1 NAG L . 34.61 -11.40 -2.55
C2 NAG L . 35.29 -12.41 -1.62
C3 NAG L . 36.47 -13.13 -2.28
C4 NAG L . 36.16 -13.57 -3.71
C5 NAG L . 35.42 -12.47 -4.48
C6 NAG L . 35.02 -12.92 -5.89
C7 NAG L . 36.23 -10.61 -0.12
C8 NAG L . 37.64 -10.31 -0.59
N2 NAG L . 35.75 -11.84 -0.34
O3 NAG L . 36.87 -14.23 -1.50
O4 NAG L . 37.38 -13.87 -4.36
O5 NAG L . 34.29 -12.05 -3.76
O6 NAG L . 33.89 -13.76 -5.80
O7 NAG L . 35.61 -9.75 0.49
P PO4 M . 19.12 8.24 16.43
O1 PO4 M . 19.54 9.03 17.64
O2 PO4 M . 19.96 6.98 16.33
O3 PO4 M . 17.69 7.81 16.55
O4 PO4 M . 19.28 9.08 15.18
C1 KK2 N . -4.61 35.66 20.11
C2 KK2 N . -4.54 37.14 19.94
O1 KK2 N . -4.87 37.47 18.64
C3 KK2 N . -6.20 37.17 18.36
C4 KK2 N . -6.46 35.68 18.44
N2 KK2 N . -5.88 35.02 19.65
C6 KK2 N . -5.88 33.62 19.86
C5 KK2 N . -6.76 32.78 19.17
N1 KK2 N . -4.95 33.13 20.74
C7 KK2 N . -4.97 31.76 20.88
N4 KK2 N . -4.03 31.27 21.77
N3 KK2 N . -5.79 30.87 20.26
C8 KK2 N . -6.70 31.42 19.39
C9 KK2 N . -7.61 30.47 18.70
C10 KK2 N . -8.80 30.00 19.24
C11 KK2 N . -9.62 29.11 18.54
C12 KK2 N . -9.27 28.69 17.27
C13 KK2 N . -10.12 27.75 16.50
F1 KK2 N . -9.43 27.00 15.61
F2 KK2 N . -11.15 28.30 15.82
F3 KK2 N . -10.79 26.88 17.29
C14 KK2 N . -8.09 29.16 16.73
C15 KK2 N . -7.28 30.03 17.44
C1 NAG O . 14.56 -2.97 33.70
C2 NAG O . 13.85 -3.65 34.87
C3 NAG O . 14.77 -4.68 35.52
C4 NAG O . 15.39 -5.66 34.52
C5 NAG O . 15.33 -5.21 33.06
C6 NAG O . 14.12 -5.81 32.30
C7 NAG O . 12.06 -2.23 35.80
C8 NAG O . 11.68 -1.21 36.84
N2 NAG O . 13.33 -2.67 35.82
O3 NAG O . 14.05 -5.40 36.50
O4 NAG O . 16.76 -5.85 34.84
O5 NAG O . 15.46 -3.80 32.95
O6 NAG O . 13.62 -4.94 31.29
O7 NAG O . 11.23 -2.63 34.99
C1 KK2 P . -13.64 38.13 -9.37
C2 KK2 P . -13.04 39.45 -9.75
O1 KK2 P . -11.84 39.23 -10.38
C3 KK2 P . -12.04 38.67 -11.62
C4 KK2 P . -12.73 37.29 -11.52
N2 KK2 P . -13.77 37.12 -10.47
C6 KK2 P . -14.17 35.87 -9.97
C5 KK2 P . -14.01 34.70 -10.72
N1 KK2 P . -14.64 35.84 -8.70
C7 KK2 P . -14.98 34.59 -8.23
N4 KK2 P . -15.48 34.54 -6.95
N3 KK2 P . -14.86 33.42 -8.89
C8 KK2 P . -14.38 33.49 -10.14
C9 KK2 P . -14.29 32.18 -10.84
C10 KK2 P . -15.33 31.65 -11.60
C11 KK2 P . -15.23 30.42 -12.24
C12 KK2 P . -14.07 29.66 -12.13
C13 KK2 P . -13.98 28.30 -12.83
F1 KK2 P . -13.17 27.39 -12.24
F2 KK2 P . -13.62 28.32 -14.13
F3 KK2 P . -15.20 27.70 -12.94
C14 KK2 P . -13.02 30.17 -11.37
C15 KK2 P . -13.14 31.41 -10.74
C1 NAG Q . -25.45 9.93 24.15
C2 NAG Q . -26.94 9.65 24.07
C3 NAG Q . -27.38 9.34 25.49
C4 NAG Q . -26.65 8.11 26.02
C5 NAG Q . -25.16 8.05 25.71
C6 NAG Q . -24.69 6.60 25.53
C7 NAG Q . -28.26 10.77 22.36
C8 NAG Q . -28.59 12.10 21.73
N2 NAG Q . -27.64 10.80 23.54
O3 NAG Q . -28.78 9.15 25.52
O4 NAG Q . -26.84 8.08 27.42
O5 NAG Q . -24.71 8.81 24.59
O6 NAG Q . -25.01 6.07 24.24
O7 NAG Q . -28.55 9.73 21.79
P PO4 R . -6.20 16.64 19.44
O1 PO4 R . -5.96 15.67 20.58
O2 PO4 R . -4.85 17.08 18.92
O3 PO4 R . -7.03 17.80 19.90
O4 PO4 R . -6.96 15.97 18.33
C1 KK2 S . 10.32 29.46 -27.24
C2 KK2 S . 11.13 30.61 -27.68
O1 KK2 S . 12.31 30.66 -26.92
C3 KK2 S . 13.12 29.55 -27.10
C4 KK2 S . 12.39 28.33 -26.69
N2 KK2 S . 11.05 28.21 -27.29
C6 KK2 S . 10.23 27.08 -27.18
C5 KK2 S . 10.79 25.82 -26.88
N1 KK2 S . 8.88 27.26 -27.32
C7 KK2 S . 8.13 26.10 -27.16
N4 KK2 S . 6.77 26.25 -27.29
N3 KK2 S . 8.60 24.84 -26.88
C8 KK2 S . 9.94 24.72 -26.74
C9 KK2 S . 10.45 23.37 -26.44
C10 KK2 S . 10.83 22.45 -27.40
C11 KK2 S . 11.31 21.21 -27.04
C12 KK2 S . 11.41 20.86 -25.72
C13 KK2 S . 11.91 19.51 -25.34
F1 KK2 S . 11.57 19.10 -24.09
F2 KK2 S . 13.25 19.37 -25.40
F3 KK2 S . 11.48 18.55 -26.21
C14 KK2 S . 11.04 21.76 -24.75
C15 KK2 S . 10.58 23.00 -25.11
C1 NAG T . -29.53 9.79 -19.10
C2 NAG T . -29.19 8.85 -20.26
C3 NAG T . -29.75 7.44 -19.99
C4 NAG T . -30.55 7.39 -18.68
C5 NAG T . -31.57 8.55 -18.65
C6 NAG T . -32.33 8.67 -17.33
C7 NAG T . -30.22 10.57 -21.73
C8 NAG T . -31.71 10.63 -21.93
N2 NAG T . -29.69 9.36 -21.53
O3 NAG T . -28.70 6.48 -20.01
O4 NAG T . -31.19 6.13 -18.53
O5 NAG T . -30.94 9.80 -18.90
O6 NAG T . -31.47 9.12 -16.30
O7 NAG T . -29.54 11.60 -21.78
P PO4 U . -17.10 19.70 -5.19
O1 PO4 U . -16.04 20.34 -4.32
O2 PO4 U . -16.49 18.64 -6.07
O3 PO4 U . -18.16 19.07 -4.31
O4 PO4 U . -17.75 20.75 -6.05
C1 KK2 V . 34.22 21.92 -8.90
C2 KK2 V . 33.97 23.33 -8.37
O1 KK2 V . 33.66 23.27 -7.03
C3 KK2 V . 34.68 22.76 -6.26
C4 KK2 V . 34.91 21.30 -6.61
N2 KK2 V . 34.26 20.91 -7.84
C6 KK2 V . 33.53 19.75 -8.11
C5 KK2 V . 33.28 18.79 -7.09
N1 KK2 V . 33.07 19.61 -9.38
C7 KK2 V . 32.33 18.44 -9.59
N4 KK2 V . 31.86 18.28 -10.87
N3 KK2 V . 32.05 17.45 -8.66
C8 KK2 V . 32.55 17.64 -7.42
C9 KK2 V . 32.24 16.59 -6.46
C10 KK2 V . 33.12 15.59 -6.10
C11 KK2 V . 32.76 14.61 -5.18
C12 KK2 V . 31.50 14.62 -4.60
C13 KK2 V . 31.11 13.57 -3.64
F1 KK2 V . 29.78 13.57 -3.34
F2 KK2 V . 31.75 13.65 -2.45
F3 KK2 V . 31.43 12.31 -4.08
C14 KK2 V . 30.60 15.61 -4.95
C15 KK2 V . 30.98 16.56 -5.87
C1 NAG W . 7.23 -2.87 -35.90
C2 NAG W . 8.17 -2.74 -37.10
C3 NAG W . 9.43 -3.58 -36.87
C4 NAG W . 9.28 -4.42 -35.59
C5 NAG W . 7.91 -5.12 -35.55
C6 NAG W . 7.64 -5.77 -34.19
C7 NAG W . 7.25 -2.33 -39.33
C8 NAG W . 5.88 -2.37 -39.95
N2 NAG W . 7.48 -3.16 -38.31
O3 NAG W . 10.54 -2.70 -36.75
O4 NAG W . 10.34 -5.36 -35.49
O5 NAG W . 6.84 -4.24 -35.90
O6 NAG W . 7.66 -4.82 -33.14
O7 NAG W . 8.12 -1.56 -39.77
P PO4 X . 23.94 5.78 -9.81
O1 PO4 X . 25.37 6.07 -9.41
O2 PO4 X . 23.33 4.93 -8.73
O3 PO4 X . 23.21 7.11 -9.97
O4 PO4 X . 23.87 5.01 -11.11
P PO4 Y . 1.76 12.92 -23.20
O1 PO4 Y . 2.59 11.71 -22.85
O2 PO4 Y . 2.54 13.74 -24.21
O3 PO4 Y . 1.52 13.74 -21.96
O4 PO4 Y . 0.43 12.51 -23.81
C1 KK2 Z . -33.71 -22.69 -7.33
C2 KK2 Z . -34.61 -23.83 -7.00
O1 KK2 Z . -34.33 -24.29 -5.71
C3 KK2 Z . -34.67 -23.35 -4.76
C4 KK2 Z . -33.84 -22.10 -4.96
N2 KK2 Z . -33.81 -21.59 -6.36
C6 KK2 Z . -33.17 -20.38 -6.79
C5 KK2 Z . -32.94 -19.32 -5.89
N1 KK2 Z . -32.79 -20.31 -8.09
C7 KK2 Z . -32.16 -19.13 -8.44
N4 KK2 Z . -31.77 -19.02 -9.76
N3 KK2 Z . -31.92 -18.05 -7.63
C8 KK2 Z . -32.32 -18.17 -6.34
C9 KK2 Z . -32.03 -16.96 -5.44
C10 KK2 Z . -32.96 -15.94 -5.11
C11 KK2 Z . -32.60 -14.86 -4.29
C12 KK2 Z . -31.30 -14.78 -3.79
C13 KK2 Z . -30.85 -13.64 -2.89
F1 KK2 Z . -29.74 -12.98 -3.30
F2 KK2 Z . -30.56 -14.03 -1.62
F3 KK2 Z . -31.82 -12.69 -2.70
C14 KK2 Z . -30.39 -15.77 -4.09
C15 KK2 Z . -30.75 -16.82 -4.90
P PO4 AA . -1.45 -14.11 -22.40
O1 PO4 AA . -1.29 -15.12 -21.29
O2 PO4 AA . -0.12 -13.51 -22.72
O3 PO4 AA . -2.42 -13.05 -22.00
O4 PO4 AA . -1.95 -14.74 -23.68
C1 KK2 BA . -24.45 -24.51 22.10
C2 KK2 BA . -24.72 -25.82 22.79
O1 KK2 BA . -23.61 -26.66 22.64
C3 KK2 BA . -22.49 -26.17 23.29
C4 KK2 BA . -22.13 -24.80 22.76
N2 KK2 BA . -23.26 -23.85 22.67
C6 KK2 BA . -23.12 -22.52 22.30
C5 KK2 BA . -21.97 -21.79 22.65
N1 KK2 BA . -24.14 -21.98 21.56
C7 KK2 BA . -23.94 -20.67 21.20
N4 KK2 BA . -24.95 -20.11 20.45
N3 KK2 BA . -22.89 -19.88 21.51
C8 KK2 BA . -21.91 -20.45 22.26
C9 KK2 BA . -20.75 -19.58 22.56
C10 KK2 BA . -20.58 -18.76 23.70
C11 KK2 BA . -19.42 -17.98 23.85
C12 KK2 BA . -18.42 -18.01 22.87
C13 KK2 BA . -17.14 -17.19 22.97
F1 KK2 BA . -16.78 -16.58 21.82
F2 KK2 BA . -16.03 -17.88 23.31
F3 KK2 BA . -17.21 -16.21 23.90
C14 KK2 BA . -18.59 -18.81 21.77
C15 KK2 BA . -19.72 -19.58 21.63
C1 NAG CA . -34.84 11.32 -4.24
C2 NAG CA . -34.99 12.40 -3.18
C3 NAG CA . -35.05 13.82 -3.74
C4 NAG CA . -35.80 13.88 -5.08
C5 NAG CA . -35.42 12.74 -6.03
C6 NAG CA . -34.92 13.30 -7.36
C7 NAG CA . -36.42 12.79 -1.25
C8 NAG CA . -37.65 12.37 -0.50
N2 NAG CA . -36.19 12.15 -2.39
O3 NAG CA . -33.71 14.31 -3.93
O4 NAG CA . -37.20 13.83 -4.82
O5 NAG CA . -34.44 11.86 -5.50
O6 NAG CA . -33.58 13.78 -7.20
O7 NAG CA . -35.67 13.66 -0.83
P PO4 DA . -23.78 -6.19 -9.57
O1 PO4 DA . -23.08 -5.28 -8.59
O2 PO4 DA . -22.97 -7.45 -9.78
O3 PO4 DA . -25.13 -6.57 -9.00
O4 PO4 DA . -23.98 -5.46 -10.88
C1 KK2 EA . 4.76 -34.46 22.51
C2 KK2 EA . 4.73 -35.93 22.09
O1 KK2 EA . 5.00 -36.02 20.73
C3 KK2 EA . 6.28 -35.55 20.35
C4 KK2 EA . 6.98 -34.69 21.44
N2 KK2 EA . 6.06 -33.81 22.20
C6 KK2 EA . 6.06 -32.39 22.24
C5 KK2 EA . 6.98 -31.62 21.49
N1 KK2 EA . 5.12 -31.81 23.04
C7 KK2 EA . 5.14 -30.43 23.04
N4 KK2 EA . 4.20 -29.80 23.82
N3 KK2 EA . 6.00 -29.63 22.34
C8 KK2 EA . 6.93 -30.24 21.58
C9 KK2 EA . 7.81 -29.30 20.84
C10 KK2 EA . 8.97 -28.70 21.36
C11 KK2 EA . 9.71 -27.79 20.58
C12 KK2 EA . 9.31 -27.47 19.28
C13 KK2 EA . 10.07 -26.46 18.42
F1 KK2 EA . 9.68 -26.36 17.12
F2 KK2 EA . 11.43 -26.57 18.45
F3 KK2 EA . 9.91 -25.22 18.92
C14 KK2 EA . 8.16 -28.04 18.80
C15 KK2 EA . 7.43 -28.93 19.56
C1 NAG FA . -13.93 5.43 33.43
C2 NAG FA . -13.18 5.96 34.63
C3 NAG FA . -14.07 6.86 35.48
C4 NAG FA . -14.77 7.90 34.62
C5 NAG FA . -15.44 7.25 33.41
C6 NAG FA . -16.08 8.30 32.51
C7 NAG FA . -12.20 5.05 36.66
C8 NAG FA . -12.20 3.85 37.56
N2 NAG FA . -12.69 4.87 35.44
O3 NAG FA . -13.27 7.53 36.47
O4 NAG FA . -15.76 8.58 35.39
O5 NAG FA . -14.46 6.52 32.67
O6 NAG FA . -17.22 8.86 33.16
O7 NAG FA . -11.79 6.14 37.03
P PO4 GA . -18.75 -7.00 16.76
O1 PO4 GA . -19.25 -7.55 18.07
O2 PO4 GA . -17.30 -6.64 16.94
O3 PO4 GA . -19.51 -5.78 16.31
O4 PO4 GA . -18.89 -8.08 15.70
C1 KK2 HA . 13.29 -38.05 -6.73
C2 KK2 HA . 13.06 -39.46 -7.19
O1 KK2 HA . 12.16 -39.46 -8.26
C3 KK2 HA . 12.70 -38.84 -9.36
C4 KK2 HA . 13.02 -37.40 -9.06
N2 KK2 HA . 13.73 -37.18 -7.81
C6 KK2 HA . 14.20 -35.97 -7.37
C5 KK2 HA . 14.11 -34.84 -8.20
N1 KK2 HA . 14.72 -35.91 -6.11
C7 KK2 HA . 15.16 -34.65 -5.76
N4 KK2 HA . 15.70 -34.54 -4.50
N3 KK2 HA . 15.13 -33.51 -6.51
C8 KK2 HA . 14.61 -33.64 -7.76
C9 KK2 HA . 14.51 -32.39 -8.58
C10 KK2 HA . 15.53 -31.77 -9.32
C11 KK2 HA . 15.29 -30.57 -10.02
C12 KK2 HA . 14.00 -29.99 -10.00
C13 KK2 HA . 13.67 -28.71 -10.71
F1 KK2 HA . 12.37 -28.56 -11.06
F2 KK2 HA . 14.38 -28.50 -11.84
F3 KK2 HA . 13.88 -27.61 -9.95
C14 KK2 HA . 13.02 -30.60 -9.27
C15 KK2 HA . 13.28 -31.75 -8.58
C1 NAG IA . 26.41 -8.41 24.75
C2 NAG IA . 27.73 -7.73 24.38
C3 NAG IA . 28.16 -6.65 25.38
C4 NAG IA . 26.96 -5.89 25.93
C5 NAG IA . 25.77 -6.77 26.32
C6 NAG IA . 24.53 -6.36 25.54
C7 NAG IA . 29.15 -9.21 23.09
C8 NAG IA . 30.54 -9.79 23.03
N2 NAG IA . 28.77 -8.73 24.27
O3 NAG IA . 29.06 -5.75 24.73
O4 NAG IA . 27.38 -5.13 27.08
O5 NAG IA . 26.03 -8.16 26.10
O6 NAG IA . 23.62 -5.68 26.41
O7 NAG IA . 28.41 -9.18 22.11
P PO4 JA . 6.66 -15.30 20.63
O1 PO4 JA . 7.43 -16.50 21.11
O2 PO4 JA . 7.36 -14.70 19.45
O3 PO4 JA . 6.63 -14.28 21.75
O4 PO4 JA . 5.28 -15.70 20.20
C1 KK2 KA . -9.92 -30.99 -25.57
C2 KK2 KA . -10.86 -32.16 -25.61
O1 KK2 KA . -11.89 -31.96 -24.67
C3 KK2 KA . -12.68 -30.80 -24.90
C4 KK2 KA . -12.06 -29.83 -25.98
N2 KK2 KA . -10.59 -29.72 -25.92
C6 KK2 KA . -9.83 -28.58 -25.74
C5 KK2 KA . -10.41 -27.32 -25.54
N1 KK2 KA . -8.50 -28.76 -25.76
C7 KK2 KA . -7.77 -27.65 -25.57
N4 KK2 KA . -6.41 -27.84 -25.57
N3 KK2 KA . -8.22 -26.39 -25.38
C8 KK2 KA . -9.56 -26.25 -25.38
C9 KK2 KA . -10.04 -24.87 -25.16
C10 KK2 KA . -10.24 -23.93 -26.18
C11 KK2 KA . -10.68 -22.62 -25.91
C12 KK2 KA . -10.96 -22.24 -24.59
C13 KK2 KA . -11.42 -20.85 -24.30
F1 KK2 KA . -11.71 -20.16 -25.40
F2 KK2 KA . -10.51 -20.12 -23.61
F3 KK2 KA . -12.52 -20.75 -23.52
C14 KK2 KA . -10.76 -23.16 -23.55
C15 KK2 KA . -10.32 -24.43 -23.84
C1 NAG LA . 30.10 -11.38 -18.01
C2 NAG LA . 29.93 -10.71 -19.37
C3 NAG LA . 31.07 -11.08 -20.30
C4 NAG LA . 32.42 -10.88 -19.62
C5 NAG LA . 32.44 -11.54 -18.25
C6 NAG LA . 33.76 -11.27 -17.54
C7 NAG LA . 27.76 -10.19 -20.33
C8 NAG LA . 27.61 -9.00 -19.42
N2 NAG LA . 28.66 -11.10 -19.95
O3 NAG LA . 31.00 -10.26 -21.48
O4 NAG LA . 33.45 -11.43 -20.44
O5 NAG LA . 31.37 -11.03 -17.46
O6 NAG LA . 34.85 -11.48 -18.46
O7 NAG LA . 27.11 -10.31 -21.35
P PO4 MA . 17.15 -19.76 -3.60
O1 PO4 MA . 18.30 -19.02 -2.94
O2 PO4 MA . 17.69 -20.94 -4.38
O3 PO4 MA . 16.21 -20.27 -2.54
O4 PO4 MA . 16.41 -18.83 -4.52
#